data_7CG4
#
_entry.id   7CG4
#
_cell.length_a   1.00
_cell.length_b   1.00
_cell.length_c   1.00
_cell.angle_alpha   90.00
_cell.angle_beta   90.00
_cell.angle_gamma   90.00
#
_symmetry.space_group_name_H-M   'P 1'
#
loop_
_entity.id
_entity.type
_entity.pdbx_description
1 polymer 'Flagellar hook-basal body complex protein FliE'
2 polymer 'Flagellar biosynthetic protein FliP'
#
loop_
_entity_poly.entity_id
_entity_poly.type
_entity_poly.pdbx_seq_one_letter_code
_entity_poly.pdbx_strand_id
1 'polypeptide(L)'
;MAAIQGIEGVISQLQATAMAARGQDTHSQSTVSFAGQLHAALDRISDRQAAARVQAEKFTLGEPGIALNDVMADMQKASV
SMQMGIQVRNKLVAAYQEVMSMQV
;
a,b,c,d,e,f
2 'polypeptide(L)'
;MRRLLFLSLAGLWLFSPAAAAQLPGLISQPLAGGGQSWSLSVQTLVFITSLTFLPAILLMMTSFTRIIIVFGLLRNALGT
PSAPPNQVLLGLALFLTFFIMSPVIDKIYVDAYQPFSEQKISMQEALDKGAQPLRAFMLRQTREADLALFARLANSGPLQ
GPEAVPMRILLPAYVTSELKTAFQIGFTIFIPFLIIDLVIASVLMALGMMMVPPATIALPFKLMLFVLVDGWQLLMGSLA
QSFYS
;
r,s,t,u,v
#
# COMPACT_ATOMS: atom_id res chain seq x y z
N SER A 33 11.81 -7.37 30.44
CA SER A 33 11.35 -7.63 29.08
C SER A 33 11.25 -6.33 28.29
N PHE A 34 10.18 -6.21 27.50
CA PHE A 34 9.92 -5.00 26.73
C PHE A 34 8.67 -4.26 27.16
N ALA A 35 7.68 -4.97 27.72
CA ALA A 35 6.50 -4.28 28.24
C ALA A 35 6.87 -3.36 29.41
N GLY A 36 7.92 -3.71 30.15
CA GLY A 36 8.39 -2.84 31.21
C GLY A 36 8.72 -1.44 30.71
N GLN A 37 9.34 -1.36 29.53
CA GLN A 37 9.65 -0.05 28.96
C GLN A 37 8.39 0.71 28.57
N LEU A 38 7.38 -0.01 28.07
CA LEU A 38 6.09 0.63 27.78
C LEU A 38 5.49 1.23 29.04
N HIS A 39 5.43 0.44 30.11
CA HIS A 39 4.91 0.96 31.38
C HIS A 39 5.73 2.14 31.87
N ALA A 40 7.06 2.05 31.77
CA ALA A 40 7.91 3.14 32.22
C ALA A 40 7.59 4.43 31.47
N ALA A 41 7.56 4.37 30.14
CA ALA A 41 7.29 5.57 29.35
C ALA A 41 5.90 6.13 29.66
N LEU A 42 4.90 5.26 29.74
CA LEU A 42 3.53 5.75 29.92
C LEU A 42 3.35 6.36 31.30
N ASP A 43 3.87 5.72 32.35
CA ASP A 43 3.76 6.24 33.70
C ASP A 43 4.80 7.31 34.02
N ARG A 44 5.69 7.63 33.08
CA ARG A 44 6.54 8.80 33.22
C ARG A 44 6.01 9.99 32.45
N ILE A 45 5.12 9.75 31.48
CA ILE A 45 4.42 10.85 30.83
C ILE A 45 3.18 11.25 31.64
N SER A 46 2.41 10.26 32.10
CA SER A 46 1.17 10.54 32.82
C SER A 46 1.43 11.30 34.10
N ASP A 47 2.47 10.92 34.85
CA ASP A 47 2.75 11.61 36.10
C ASP A 47 3.21 13.03 35.87
N ARG A 48 4.00 13.28 34.82
CA ARG A 48 4.38 14.65 34.50
C ARG A 48 3.16 15.48 34.16
N GLN A 49 2.25 14.94 33.36
CA GLN A 49 1.05 15.69 33.00
C GLN A 49 0.18 15.97 34.22
N ALA A 50 0.04 14.98 35.11
CA ALA A 50 -0.75 15.17 36.31
C ALA A 50 -0.12 16.19 37.25
N ALA A 51 1.22 16.21 37.33
CA ALA A 51 1.89 17.20 38.16
C ALA A 51 1.65 18.60 37.61
N ALA A 52 1.81 18.77 36.29
CA ALA A 52 1.53 20.07 35.68
C ALA A 52 0.08 20.50 35.95
N ARG A 53 -0.86 19.55 35.85
CA ARG A 53 -2.26 19.89 36.03
C ARG A 53 -2.56 20.30 37.47
N VAL A 54 -2.07 19.52 38.44
CA VAL A 54 -2.35 19.86 39.83
C VAL A 54 -1.63 21.15 40.22
N GLN A 55 -0.50 21.45 39.60
CA GLN A 55 0.16 22.73 39.84
C GLN A 55 -0.68 23.88 39.33
N ALA A 56 -1.20 23.76 38.10
CA ALA A 56 -2.08 24.80 37.57
C ALA A 56 -3.31 24.98 38.45
N GLU A 57 -3.88 23.88 38.94
CA GLU A 57 -5.06 23.97 39.79
C GLU A 57 -4.76 24.67 41.10
N LYS A 58 -3.68 24.26 41.78
CA LYS A 58 -3.29 24.93 43.00
C LYS A 58 -2.90 26.38 42.75
N PHE A 59 -2.59 26.74 41.50
CA PHE A 59 -2.31 28.14 41.19
C PHE A 59 -3.60 28.94 41.06
N THR A 60 -4.57 28.44 40.31
CA THR A 60 -5.79 29.22 40.06
C THR A 60 -6.60 29.47 41.32
N LEU A 61 -6.28 28.81 42.43
CA LEU A 61 -6.90 29.10 43.72
C LEU A 61 -6.17 30.17 44.51
N GLY A 62 -5.12 30.76 43.94
CA GLY A 62 -4.37 31.79 44.63
C GLY A 62 -3.46 31.30 45.74
N GLU A 63 -3.20 30.01 45.81
CA GLU A 63 -2.33 29.48 46.85
C GLU A 63 -0.92 30.02 46.67
N PRO A 64 -0.29 30.55 47.71
CA PRO A 64 1.03 31.18 47.55
C PRO A 64 2.10 30.15 47.23
N GLY A 65 2.81 30.38 46.13
CA GLY A 65 3.89 29.49 45.74
C GLY A 65 4.06 29.31 44.25
N ILE A 66 3.11 29.80 43.47
CA ILE A 66 3.18 29.72 42.02
C ILE A 66 3.30 31.13 41.44
N ALA A 67 3.97 31.24 40.29
CA ALA A 67 4.31 32.55 39.76
C ALA A 67 4.04 32.70 38.27
N LEU A 68 3.28 31.80 37.64
CA LEU A 68 2.82 31.94 36.26
C LEU A 68 3.99 31.82 35.28
N ASN A 69 5.21 31.69 35.79
CA ASN A 69 6.38 31.43 34.97
C ASN A 69 6.93 30.04 35.21
N ASP A 70 6.31 29.26 36.09
CA ASP A 70 6.65 27.87 36.31
C ASP A 70 5.61 26.91 35.75
N VAL A 71 4.36 27.35 35.63
CA VAL A 71 3.33 26.48 35.07
C VAL A 71 3.42 26.43 33.56
N MET A 72 3.78 27.55 32.91
CA MET A 72 3.89 27.56 31.46
C MET A 72 5.02 26.66 30.99
N ALA A 73 6.16 26.71 31.67
CA ALA A 73 7.29 25.85 31.30
C ALA A 73 6.92 24.38 31.45
N ASP A 74 6.32 24.02 32.58
CA ASP A 74 5.95 22.63 32.80
C ASP A 74 4.90 22.18 31.79
N MET A 75 3.97 23.07 31.43
CA MET A 75 2.95 22.69 30.45
C MET A 75 3.57 22.45 29.08
N GLN A 76 4.48 23.32 28.66
CA GLN A 76 5.12 23.13 27.36
C GLN A 76 5.99 21.88 27.36
N LYS A 77 6.66 21.59 28.48
CA LYS A 77 7.49 20.39 28.54
C LYS A 77 6.64 19.13 28.51
N ALA A 78 5.50 19.13 29.22
CA ALA A 78 4.59 18.00 29.13
C ALA A 78 4.07 17.83 27.71
N SER A 79 3.82 18.96 27.02
CA SER A 79 3.34 18.89 25.64
C SER A 79 4.38 18.24 24.73
N VAL A 80 5.64 18.68 24.84
CA VAL A 80 6.66 18.10 23.96
C VAL A 80 6.92 16.64 24.33
N SER A 81 6.78 16.28 25.61
CA SER A 81 6.95 14.89 26.00
C SER A 81 5.85 14.02 25.38
N MET A 82 4.60 14.48 25.46
CA MET A 82 3.50 13.75 24.84
C MET A 82 3.70 13.66 23.33
N GLN A 83 4.22 14.72 22.72
CA GLN A 83 4.47 14.69 21.28
C GLN A 83 5.51 13.62 20.93
N MET A 84 6.60 13.57 21.69
CA MET A 84 7.61 12.54 21.47
C MET A 84 7.01 11.15 21.64
N GLY A 85 6.16 10.99 22.66
CA GLY A 85 5.52 9.69 22.87
C GLY A 85 4.67 9.26 21.69
N ILE A 86 3.82 10.15 21.20
CA ILE A 86 2.97 9.77 20.08
C ILE A 86 3.77 9.59 18.80
N GLN A 87 4.90 10.28 18.67
CA GLN A 87 5.75 10.06 17.49
C GLN A 87 6.37 8.68 17.53
N VAL A 88 6.90 8.28 18.69
CA VAL A 88 7.44 6.93 18.84
C VAL A 88 6.35 5.90 18.57
N ARG A 89 5.14 6.15 19.06
CA ARG A 89 4.05 5.20 18.83
C ARG A 89 3.72 5.09 17.34
N ASN A 90 3.65 6.22 16.64
CA ASN A 90 3.39 6.20 15.21
C ASN A 90 4.46 5.40 14.48
N LYS A 91 5.73 5.65 14.79
CA LYS A 91 6.81 4.94 14.12
C LYS A 91 6.71 3.44 14.37
N LEU A 92 6.52 3.03 15.62
CA LEU A 92 6.47 1.61 15.95
C LEU A 92 5.27 0.94 15.31
N VAL A 93 4.12 1.62 15.30
CA VAL A 93 2.91 1.03 14.73
C VAL A 93 3.07 0.87 13.22
N ALA A 94 3.56 1.90 12.54
CA ALA A 94 3.77 1.80 11.10
C ALA A 94 4.76 0.69 10.77
N ALA A 95 5.81 0.54 11.59
CA ALA A 95 6.79 -0.51 11.34
C ALA A 95 6.15 -1.89 11.51
N TYR A 96 5.40 -2.09 12.60
CA TYR A 96 4.76 -3.38 12.82
C TYR A 96 3.73 -3.67 11.72
N GLN A 97 3.13 -2.63 11.15
CA GLN A 97 2.19 -2.83 10.05
C GLN A 97 2.93 -3.27 8.79
N GLU A 98 4.02 -2.59 8.45
CA GLU A 98 4.78 -2.97 7.27
C GLU A 98 5.40 -4.36 7.42
N VAL A 99 5.67 -4.78 8.65
CA VAL A 99 6.25 -6.11 8.86
C VAL A 99 5.22 -7.20 8.58
N MET A 100 4.02 -7.05 9.14
CA MET A 100 2.96 -8.06 9.03
C MET A 100 2.32 -8.12 7.66
N SER A 101 2.81 -7.41 6.64
CA SER A 101 2.25 -7.48 5.30
C SER A 101 3.19 -8.17 4.32
N MET A 102 4.16 -8.92 4.82
CA MET A 102 5.13 -9.59 3.97
C MET A 102 4.54 -10.89 3.43
N GLN A 103 5.40 -11.71 2.81
CA GLN A 103 4.97 -13.00 2.28
C GLN A 103 5.86 -14.12 2.77
N ALA B 35 -15.57 27.29 -16.28
CA ALA B 35 -16.01 27.13 -17.65
C ALA B 35 -15.83 28.41 -18.45
N GLY B 36 -16.94 28.95 -18.94
CA GLY B 36 -16.93 30.16 -19.75
C GLY B 36 -17.46 31.40 -19.06
N GLN B 37 -17.65 31.38 -17.75
CA GLN B 37 -18.13 32.54 -17.01
C GLN B 37 -17.11 33.09 -16.02
N LEU B 38 -16.36 32.21 -15.34
CA LEU B 38 -15.35 32.68 -14.40
C LEU B 38 -14.34 33.59 -15.07
N HIS B 39 -14.14 33.44 -16.38
CA HIS B 39 -13.37 34.41 -17.14
C HIS B 39 -13.90 35.81 -16.90
N ALA B 40 -15.22 35.99 -17.00
CA ALA B 40 -15.80 37.31 -16.77
C ALA B 40 -15.59 37.77 -15.34
N ALA B 41 -15.59 36.84 -14.39
CA ALA B 41 -15.37 37.23 -13.00
C ALA B 41 -13.94 37.73 -12.78
N LEU B 42 -12.95 37.00 -13.32
CA LEU B 42 -11.58 37.46 -13.24
C LEU B 42 -11.42 38.81 -13.92
N ASP B 43 -12.11 39.02 -15.05
CA ASP B 43 -12.02 40.31 -15.72
C ASP B 43 -12.65 41.41 -14.89
N ARG B 44 -13.74 41.10 -14.18
CA ARG B 44 -14.35 42.10 -13.30
C ARG B 44 -13.43 42.45 -12.14
N ILE B 45 -12.71 41.47 -11.60
CA ILE B 45 -11.74 41.76 -10.56
C ILE B 45 -10.61 42.63 -11.09
N SER B 46 -10.11 42.30 -12.28
CA SER B 46 -9.08 43.13 -12.91
C SER B 46 -9.57 44.56 -13.08
N ASP B 47 -10.83 44.73 -13.47
CA ASP B 47 -11.37 46.07 -13.66
C ASP B 47 -11.50 46.81 -12.32
N ARG B 48 -12.01 46.14 -11.30
CA ARG B 48 -12.14 46.76 -9.99
C ARG B 48 -10.78 47.16 -9.43
N GLN B 49 -9.72 46.45 -9.82
CA GLN B 49 -8.38 46.85 -9.39
C GLN B 49 -7.85 48.01 -10.23
N ALA B 50 -7.96 47.90 -11.54
CA ALA B 50 -7.39 48.90 -12.43
C ALA B 50 -8.05 50.25 -12.27
N ALA B 51 -9.34 50.29 -11.96
CA ALA B 51 -10.01 51.58 -11.77
C ALA B 51 -9.39 52.34 -10.60
N ALA B 52 -9.30 51.70 -9.43
CA ALA B 52 -8.72 52.36 -8.27
C ALA B 52 -7.23 52.66 -8.49
N ARG B 53 -6.52 51.77 -9.19
CA ARG B 53 -5.11 52.01 -9.45
C ARG B 53 -4.91 53.26 -10.31
N VAL B 54 -5.68 53.38 -11.39
CA VAL B 54 -5.59 54.55 -12.25
C VAL B 54 -6.01 55.80 -11.50
N GLN B 55 -7.01 55.70 -10.63
CA GLN B 55 -7.42 56.87 -9.84
C GLN B 55 -6.29 57.32 -8.92
N ALA B 56 -5.66 56.37 -8.24
CA ALA B 56 -4.53 56.72 -7.38
C ALA B 56 -3.40 57.35 -8.18
N GLU B 57 -3.00 56.72 -9.28
CA GLU B 57 -1.94 57.27 -10.11
C GLU B 57 -2.31 58.61 -10.73
N LYS B 58 -3.60 58.94 -10.78
CA LYS B 58 -4.01 60.26 -11.24
C LYS B 58 -4.00 61.28 -10.13
N PHE B 59 -4.24 60.85 -8.89
CA PHE B 59 -4.26 61.81 -7.78
C PHE B 59 -2.86 62.30 -7.44
N THR B 60 -1.91 61.39 -7.25
CA THR B 60 -0.58 61.76 -6.82
C THR B 60 0.05 62.77 -7.77
N LEU B 61 -0.09 62.56 -9.07
CA LEU B 61 0.59 63.37 -10.07
C LEU B 61 -0.13 64.71 -10.25
N GLY B 62 -0.28 65.43 -9.15
CA GLY B 62 -0.79 66.79 -9.14
C GLY B 62 -2.05 67.02 -9.95
N GLU B 63 -3.16 66.41 -9.54
CA GLU B 63 -4.43 66.58 -10.24
C GLU B 63 -5.50 67.02 -9.25
N PRO B 64 -6.20 68.12 -9.52
CA PRO B 64 -7.30 68.57 -8.64
C PRO B 64 -8.64 67.94 -8.99
N GLY B 65 -8.66 66.62 -9.13
CA GLY B 65 -9.88 65.92 -9.49
C GLY B 65 -10.37 64.98 -8.41
N ILE B 66 -9.45 64.41 -7.65
CA ILE B 66 -9.77 63.46 -6.60
C ILE B 66 -9.73 64.19 -5.26
N ALA B 67 -10.29 63.55 -4.23
CA ALA B 67 -10.44 64.20 -2.93
C ALA B 67 -9.81 63.40 -1.80
N LEU B 68 -8.92 62.46 -2.11
CA LEU B 68 -8.13 61.70 -1.14
C LEU B 68 -8.98 60.73 -0.34
N ASN B 69 -10.30 60.76 -0.50
CA ASN B 69 -11.17 59.84 0.22
C ASN B 69 -11.81 58.79 -0.66
N ASP B 70 -12.16 59.14 -1.90
CA ASP B 70 -12.64 58.13 -2.83
C ASP B 70 -11.57 57.09 -3.12
N VAL B 71 -10.32 57.54 -3.29
CA VAL B 71 -9.26 56.63 -3.69
C VAL B 71 -9.02 55.56 -2.62
N MET B 72 -9.03 55.96 -1.35
CA MET B 72 -8.73 55.01 -0.29
C MET B 72 -9.83 53.97 -0.15
N ALA B 73 -11.09 54.41 -0.09
CA ALA B 73 -12.20 53.47 0.01
C ALA B 73 -12.24 52.55 -1.20
N ASP B 74 -12.02 53.09 -2.40
CA ASP B 74 -12.08 52.26 -3.59
C ASP B 74 -10.93 51.26 -3.65
N MET B 75 -9.74 51.65 -3.19
CA MET B 75 -8.63 50.70 -3.14
C MET B 75 -8.91 49.59 -2.14
N GLN B 76 -9.49 49.94 -0.99
CA GLN B 76 -9.82 48.91 -0.01
C GLN B 76 -10.87 47.95 -0.56
N LYS B 77 -11.88 48.49 -1.26
CA LYS B 77 -12.90 47.63 -1.85
C LYS B 77 -12.30 46.72 -2.91
N ALA B 78 -11.39 47.24 -3.72
CA ALA B 78 -10.73 46.41 -4.73
C ALA B 78 -9.94 45.30 -4.07
N SER B 79 -9.25 45.60 -2.97
CA SER B 79 -8.49 44.57 -2.27
C SER B 79 -9.43 43.49 -1.72
N VAL B 80 -10.56 43.90 -1.15
CA VAL B 80 -11.52 42.92 -0.64
C VAL B 80 -12.04 42.04 -1.77
N SER B 81 -12.31 42.64 -2.92
CA SER B 81 -12.79 41.86 -4.07
C SER B 81 -11.75 40.85 -4.52
N MET B 82 -10.50 41.28 -4.61
CA MET B 82 -9.44 40.35 -5.01
C MET B 82 -9.29 39.21 -3.99
N GLN B 83 -9.44 39.54 -2.71
CA GLN B 83 -9.36 38.50 -1.68
C GLN B 83 -10.47 37.48 -1.85
N MET B 84 -11.70 37.95 -2.09
CA MET B 84 -12.81 37.03 -2.34
C MET B 84 -12.53 36.17 -3.56
N GLY B 85 -11.94 36.75 -4.60
CA GLY B 85 -11.62 35.98 -5.79
C GLY B 85 -10.62 34.87 -5.52
N ILE B 86 -9.54 35.20 -4.81
CA ILE B 86 -8.54 34.17 -4.55
C ILE B 86 -9.10 33.11 -3.61
N GLN B 87 -10.02 33.48 -2.71
CA GLN B 87 -10.64 32.48 -1.86
C GLN B 87 -11.50 31.52 -2.67
N VAL B 88 -12.28 32.05 -3.62
CA VAL B 88 -13.09 31.19 -4.48
C VAL B 88 -12.18 30.26 -5.29
N ARG B 89 -11.05 30.78 -5.77
CA ARG B 89 -10.12 29.94 -6.50
C ARG B 89 -9.59 28.82 -5.63
N ASN B 90 -9.18 29.14 -4.40
CA ASN B 90 -8.70 28.11 -3.49
C ASN B 90 -9.73 27.04 -3.26
N LYS B 91 -11.00 27.44 -3.06
CA LYS B 91 -12.06 26.46 -2.81
C LYS B 91 -12.26 25.56 -4.03
N LEU B 92 -12.31 26.16 -5.22
CA LEU B 92 -12.53 25.36 -6.42
C LEU B 92 -11.37 24.39 -6.66
N VAL B 93 -10.14 24.85 -6.45
CA VAL B 93 -8.98 23.97 -6.64
C VAL B 93 -9.02 22.82 -5.65
N ALA B 94 -9.37 23.12 -4.39
CA ALA B 94 -9.49 22.05 -3.40
C ALA B 94 -10.53 21.02 -3.82
N ALA B 95 -11.68 21.50 -4.30
CA ALA B 95 -12.73 20.58 -4.72
C ALA B 95 -12.28 19.72 -5.89
N TYR B 96 -11.61 20.33 -6.87
CA TYR B 96 -11.16 19.56 -8.03
C TYR B 96 -10.11 18.54 -7.65
N GLN B 97 -9.16 18.93 -6.78
CA GLN B 97 -8.16 17.98 -6.34
C GLN B 97 -8.79 16.83 -5.56
N GLU B 98 -9.81 17.11 -4.75
CA GLU B 98 -10.50 16.04 -4.05
C GLU B 98 -11.20 15.11 -5.02
N VAL B 99 -11.82 15.66 -6.06
CA VAL B 99 -12.54 14.84 -7.02
C VAL B 99 -11.58 13.94 -7.78
N MET B 100 -10.51 14.52 -8.32
CA MET B 100 -9.60 13.74 -9.16
C MET B 100 -8.83 12.70 -8.36
N SER B 101 -8.55 12.97 -7.10
CA SER B 101 -7.77 12.06 -6.27
C SER B 101 -8.58 10.88 -5.74
N MET B 102 -9.78 10.66 -6.25
CA MET B 102 -10.57 9.53 -5.81
C MET B 102 -10.09 8.24 -6.46
N GLN B 103 -10.24 7.13 -5.74
CA GLN B 103 -9.90 5.81 -6.27
C GLN B 103 -11.14 5.21 -6.90
N VAL B 104 -11.38 5.60 -8.16
CA VAL B 104 -12.55 5.13 -8.89
C VAL B 104 -12.46 3.64 -9.16
N SER C 33 15.34 22.37 -25.84
CA SER C 33 16.10 23.02 -24.78
C SER C 33 15.21 23.41 -23.61
N PHE C 34 15.43 22.78 -22.47
CA PHE C 34 14.65 23.08 -21.27
C PHE C 34 15.50 23.51 -20.09
N ALA C 35 16.68 22.89 -19.90
CA ALA C 35 17.57 23.34 -18.84
C ALA C 35 18.06 24.77 -19.08
N GLY C 36 18.16 25.18 -20.35
CA GLY C 36 18.56 26.54 -20.66
C GLY C 36 17.60 27.57 -20.08
N GLN C 37 16.30 27.35 -20.26
CA GLN C 37 15.33 28.30 -19.75
C GLN C 37 15.26 28.28 -18.23
N LEU C 38 15.46 27.11 -17.62
CA LEU C 38 15.51 27.05 -16.17
C LEU C 38 16.69 27.83 -15.62
N HIS C 39 17.86 27.68 -16.25
CA HIS C 39 19.02 28.47 -15.85
C HIS C 39 18.76 29.96 -16.08
N ALA C 40 18.07 30.29 -17.17
CA ALA C 40 17.75 31.70 -17.43
C ALA C 40 16.87 32.28 -16.34
N ALA C 41 15.87 31.52 -15.88
CA ALA C 41 15.02 32.02 -14.81
C ALA C 41 15.78 32.13 -13.50
N LEU C 42 16.61 31.13 -13.18
CA LEU C 42 17.40 31.19 -11.96
C LEU C 42 18.35 32.39 -11.99
N ASP C 43 18.89 32.71 -13.16
CA ASP C 43 19.74 33.88 -13.29
C ASP C 43 18.94 35.17 -13.15
N ARG C 44 17.75 35.22 -13.75
CA ARG C 44 16.89 36.38 -13.59
C ARG C 44 16.59 36.65 -12.13
N ILE C 45 16.49 35.60 -11.31
CA ILE C 45 16.25 35.79 -9.88
C ILE C 45 17.54 36.21 -9.17
N SER C 46 18.61 35.47 -9.40
CA SER C 46 19.85 35.70 -8.65
C SER C 46 20.46 37.06 -8.95
N ASP C 47 20.33 37.54 -10.18
CA ASP C 47 20.90 38.84 -10.51
C ASP C 47 20.15 39.96 -9.80
N ARG C 48 18.83 39.86 -9.71
CA ARG C 48 18.08 40.85 -8.95
C ARG C 48 18.43 40.79 -7.47
N GLN C 49 18.59 39.57 -6.92
CA GLN C 49 18.97 39.46 -5.52
C GLN C 49 20.35 40.08 -5.27
N ALA C 50 21.30 39.81 -6.17
CA ALA C 50 22.64 40.36 -6.01
C ALA C 50 22.64 41.87 -6.16
N ALA C 51 21.82 42.41 -7.07
CA ALA C 51 21.73 43.85 -7.20
C ALA C 51 21.18 44.49 -5.94
N ALA C 52 20.13 43.90 -5.36
CA ALA C 52 19.58 44.43 -4.12
C ALA C 52 20.61 44.38 -3.00
N ARG C 53 21.35 43.27 -2.90
CA ARG C 53 22.35 43.14 -1.84
C ARG C 53 23.48 44.15 -2.02
N VAL C 54 23.98 44.29 -3.24
CA VAL C 54 25.06 45.24 -3.50
C VAL C 54 24.59 46.66 -3.23
N GLN C 55 23.34 46.96 -3.53
CA GLN C 55 22.82 48.30 -3.26
C GLN C 55 22.73 48.56 -1.76
N ALA C 56 22.21 47.59 -1.00
CA ALA C 56 22.15 47.75 0.45
C ALA C 56 23.54 47.93 1.02
N GLU C 57 24.52 47.17 0.52
CA GLU C 57 25.89 47.29 1.01
C GLU C 57 26.46 48.67 0.71
N LYS C 58 26.44 49.08 -0.56
CA LYS C 58 26.97 50.39 -0.93
C LYS C 58 26.15 51.53 -0.37
N PHE C 59 24.99 51.26 0.24
CA PHE C 59 24.29 52.32 0.94
C PHE C 59 24.65 52.39 2.42
N THR C 60 24.86 51.24 3.07
CA THR C 60 25.15 51.25 4.50
C THR C 60 26.52 51.83 4.80
N LEU C 61 27.41 51.91 3.82
CA LEU C 61 28.70 52.58 4.01
C LEU C 61 28.58 54.09 4.02
N GLY C 62 27.42 54.64 3.69
CA GLY C 62 27.23 56.08 3.63
C GLY C 62 27.52 56.69 2.27
N GLU C 63 27.80 55.88 1.26
CA GLU C 63 28.17 56.42 -0.05
C GLU C 63 27.03 57.28 -0.59
N PRO C 64 27.34 58.43 -1.20
CA PRO C 64 26.28 59.28 -1.73
C PRO C 64 25.74 58.76 -3.05
N GLY C 65 24.43 58.87 -3.20
CA GLY C 65 23.75 58.46 -4.43
C GLY C 65 22.66 57.43 -4.25
N ILE C 66 22.55 56.79 -3.10
CA ILE C 66 21.55 55.76 -2.87
C ILE C 66 20.58 56.26 -1.80
N ALA C 67 19.30 55.95 -1.98
CA ALA C 67 18.25 56.41 -1.09
C ALA C 67 17.56 55.23 -0.42
N LEU C 68 16.97 55.49 0.75
CA LEU C 68 16.28 54.44 1.50
C LEU C 68 15.05 53.95 0.74
N ASN C 69 14.25 54.88 0.22
CA ASN C 69 13.04 54.54 -0.52
C ASN C 69 13.33 53.83 -1.84
N ASP C 70 14.61 53.61 -2.15
CA ASP C 70 15.01 52.77 -3.28
C ASP C 70 15.43 51.38 -2.82
N VAL C 71 16.28 51.31 -1.80
CA VAL C 71 16.76 50.01 -1.34
C VAL C 71 15.61 49.21 -0.74
N MET C 72 14.68 49.87 -0.05
CA MET C 72 13.56 49.14 0.53
C MET C 72 12.69 48.51 -0.55
N ALA C 73 12.37 49.29 -1.58
CA ALA C 73 11.56 48.77 -2.68
C ALA C 73 12.28 47.65 -3.40
N ASP C 74 13.60 47.80 -3.60
CA ASP C 74 14.34 46.75 -4.30
C ASP C 74 14.35 45.46 -3.49
N MET C 75 14.38 45.65 -2.21
CA MET C 75 14.42 44.49 -1.33
C MET C 75 13.11 43.78 -1.51
N GLN C 76 12.04 44.50 -1.33
CA GLN C 76 10.71 43.91 -1.41
C GLN C 76 10.47 43.22 -2.75
N LYS C 77 10.92 43.83 -3.84
CA LYS C 77 10.75 43.22 -5.15
C LYS C 77 11.53 41.91 -5.25
N ALA C 78 12.76 41.89 -4.74
CA ALA C 78 13.53 40.65 -4.77
C ALA C 78 12.84 39.56 -3.96
N SER C 79 12.30 39.91 -2.79
CA SER C 79 11.61 38.92 -1.98
C SER C 79 10.37 38.39 -2.70
N VAL C 80 9.63 39.27 -3.38
CA VAL C 80 8.45 38.83 -4.12
C VAL C 80 8.83 37.89 -5.24
N SER C 81 9.92 38.21 -5.95
CA SER C 81 10.36 37.34 -7.04
C SER C 81 10.79 35.98 -6.53
N MET C 82 11.50 35.95 -5.39
CA MET C 82 11.88 34.66 -4.80
C MET C 82 10.67 33.86 -4.38
N GLN C 83 9.64 34.54 -3.84
CA GLN C 83 8.42 33.84 -3.47
C GLN C 83 7.75 33.23 -4.69
N MET C 84 7.68 33.98 -5.79
CA MET C 84 7.12 33.44 -7.03
C MET C 84 7.91 32.22 -7.48
N GLY C 85 9.23 32.30 -7.42
CA GLY C 85 10.05 31.17 -7.83
C GLY C 85 9.80 29.92 -7.00
N ILE C 86 9.75 30.08 -5.68
CA ILE C 86 9.55 28.91 -4.83
C ILE C 86 8.15 28.35 -5.01
N GLN C 87 7.15 29.20 -5.26
CA GLN C 87 5.81 28.68 -5.51
C GLN C 87 5.76 27.87 -6.80
N VAL C 88 6.41 28.37 -7.86
CA VAL C 88 6.48 27.62 -9.11
C VAL C 88 7.16 26.28 -8.89
N ARG C 89 8.28 26.29 -8.16
CA ARG C 89 8.99 25.03 -7.89
C ARG C 89 8.09 24.05 -7.15
N ASN C 90 7.35 24.54 -6.14
CA ASN C 90 6.52 23.65 -5.35
C ASN C 90 5.43 23.03 -6.21
N LYS C 91 4.74 23.85 -7.00
CA LYS C 91 3.69 23.32 -7.87
C LYS C 91 4.26 22.30 -8.85
N LEU C 92 5.44 22.58 -9.42
CA LEU C 92 6.00 21.69 -10.41
C LEU C 92 6.42 20.36 -9.80
N VAL C 93 7.03 20.40 -8.61
CA VAL C 93 7.45 19.15 -7.99
C VAL C 93 6.24 18.35 -7.52
N ALA C 94 5.18 19.03 -7.08
CA ALA C 94 3.96 18.30 -6.72
C ALA C 94 3.37 17.61 -7.95
N ALA C 95 3.34 18.31 -9.09
CA ALA C 95 2.83 17.71 -10.31
C ALA C 95 3.68 16.51 -10.73
N TYR C 96 5.01 16.64 -10.63
CA TYR C 96 5.87 15.54 -11.03
C TYR C 96 5.68 14.33 -10.12
N GLN C 97 5.55 14.56 -8.81
CA GLN C 97 5.32 13.46 -7.88
C GLN C 97 3.99 12.78 -8.18
N GLU C 98 2.95 13.56 -8.46
CA GLU C 98 1.65 12.98 -8.79
C GLU C 98 1.74 12.15 -10.07
N VAL C 99 2.52 12.62 -11.04
CA VAL C 99 2.66 11.89 -12.29
C VAL C 99 3.38 10.56 -12.06
N MET C 100 4.54 10.62 -11.39
CA MET C 100 5.31 9.40 -11.19
C MET C 100 4.68 8.45 -10.19
N SER C 101 3.72 8.92 -9.39
CA SER C 101 3.08 8.05 -8.41
C SER C 101 2.03 7.13 -9.03
N MET C 102 1.57 7.43 -10.24
CA MET C 102 0.52 6.63 -10.85
C MET C 102 1.03 5.23 -11.18
N GLN C 103 0.10 4.36 -11.54
CA GLN C 103 0.39 2.99 -11.91
C GLN C 103 0.09 2.79 -13.40
N VAL C 104 1.08 2.32 -14.14
CA VAL C 104 0.93 2.12 -15.57
C VAL C 104 0.05 0.90 -15.86
N SER D 33 32.50 5.91 2.02
CA SER D 33 32.46 6.43 3.38
C SER D 33 31.44 7.55 3.51
N PHE D 34 30.16 7.18 3.57
CA PHE D 34 29.10 8.17 3.67
C PHE D 34 28.65 8.40 5.10
N ALA D 35 28.68 7.36 5.94
CA ALA D 35 28.34 7.54 7.34
C ALA D 35 29.27 8.54 8.00
N GLY D 36 30.54 8.56 7.61
CA GLY D 36 31.45 9.58 8.12
C GLY D 36 31.03 10.97 7.71
N GLN D 37 30.55 11.13 6.47
CA GLN D 37 30.08 12.43 6.03
C GLN D 37 28.86 12.88 6.83
N LEU D 38 27.94 11.96 7.10
CA LEU D 38 26.77 12.30 7.90
C LEU D 38 27.16 12.66 9.33
N HIS D 39 28.12 11.92 9.90
CA HIS D 39 28.60 12.24 11.23
C HIS D 39 29.23 13.64 11.25
N ALA D 40 30.01 13.98 10.22
CA ALA D 40 30.62 15.29 10.17
C ALA D 40 29.58 16.40 10.05
N ALA D 41 28.55 16.18 9.22
CA ALA D 41 27.50 17.17 9.08
C ALA D 41 26.77 17.39 10.40
N LEU D 42 26.38 16.30 11.06
CA LEU D 42 25.70 16.42 12.34
C LEU D 42 26.59 17.05 13.39
N ASP D 43 27.90 16.78 13.35
CA ASP D 43 28.82 17.41 14.28
C ASP D 43 28.87 18.90 14.06
N ARG D 44 28.95 19.34 12.80
CA ARG D 44 28.96 20.77 12.51
C ARG D 44 27.68 21.45 13.00
N ILE D 45 26.53 20.81 12.74
CA ILE D 45 25.26 21.40 13.16
C ILE D 45 25.21 21.53 14.68
N SER D 46 25.49 20.44 15.39
CA SER D 46 25.41 20.46 16.85
C SER D 46 26.45 21.39 17.45
N ASP D 47 27.60 21.53 16.80
CA ASP D 47 28.61 22.46 17.29
C ASP D 47 28.14 23.90 17.18
N ARG D 48 27.57 24.26 16.03
CA ARG D 48 27.01 25.60 15.89
C ARG D 48 25.95 25.85 16.95
N GLN D 49 25.05 24.89 17.15
CA GLN D 49 23.97 25.08 18.10
C GLN D 49 24.49 25.23 19.53
N ALA D 50 25.40 24.35 19.94
CA ALA D 50 25.94 24.43 21.30
C ALA D 50 26.74 25.70 21.50
N ALA D 51 27.46 26.17 20.47
CA ALA D 51 28.20 27.41 20.62
C ALA D 51 27.26 28.59 20.78
N ALA D 52 26.16 28.63 20.02
CA ALA D 52 25.17 29.69 20.20
C ALA D 52 24.59 29.66 21.60
N ARG D 53 24.29 28.46 22.11
CA ARG D 53 23.71 28.37 23.45
C ARG D 53 24.70 28.80 24.52
N VAL D 54 25.98 28.44 24.36
CA VAL D 54 26.99 28.86 25.33
C VAL D 54 27.15 30.38 25.31
N GLN D 55 27.09 30.98 24.12
CA GLN D 55 27.15 32.45 24.05
C GLN D 55 25.94 33.06 24.75
N ALA D 56 24.76 32.48 24.55
CA ALA D 56 23.57 32.97 25.24
C ALA D 56 23.73 32.93 26.75
N GLU D 57 24.21 31.80 27.27
CA GLU D 57 24.47 31.68 28.69
C GLU D 57 25.45 32.74 29.17
N LYS D 58 26.62 32.82 28.52
CA LYS D 58 27.62 33.80 28.91
C LYS D 58 27.11 35.22 28.80
N PHE D 59 26.07 35.46 28.02
CA PHE D 59 25.46 36.79 27.98
C PHE D 59 24.55 37.01 29.18
N THR D 60 23.54 36.15 29.34
CA THR D 60 22.51 36.39 30.36
C THR D 60 23.07 36.31 31.77
N LEU D 61 24.20 35.64 31.98
CA LEU D 61 24.76 35.53 33.31
C LEU D 61 25.33 36.84 33.82
N GLY D 62 25.59 37.81 32.93
CA GLY D 62 26.12 39.10 33.32
C GLY D 62 27.57 39.33 32.97
N GLU D 63 28.24 38.38 32.33
CA GLU D 63 29.63 38.55 31.96
C GLU D 63 29.76 39.54 30.81
N PRO D 64 30.89 40.21 30.69
CA PRO D 64 31.10 41.15 29.59
C PRO D 64 31.65 40.47 28.35
N GLY D 65 31.40 41.12 27.21
CA GLY D 65 31.87 40.63 25.93
C GLY D 65 30.78 40.26 24.94
N ILE D 66 29.51 40.30 25.32
CA ILE D 66 28.40 40.04 24.40
C ILE D 66 27.56 41.30 24.31
N ALA D 67 26.91 41.50 23.15
CA ALA D 67 26.24 42.76 22.89
C ALA D 67 24.86 42.60 22.29
N LEU D 68 24.21 41.44 22.47
CA LEU D 68 22.82 41.24 22.06
C LEU D 68 22.66 41.23 20.54
N ASN D 69 23.74 41.48 19.82
CA ASN D 69 23.75 41.37 18.37
C ASN D 69 24.59 40.20 17.90
N ASP D 70 25.05 39.36 18.82
CA ASP D 70 25.71 38.09 18.52
C ASP D 70 24.88 36.90 18.96
N VAL D 71 24.26 36.99 20.14
CA VAL D 71 23.38 35.91 20.59
C VAL D 71 22.09 35.90 19.78
N MET D 72 21.47 37.07 19.61
CA MET D 72 20.23 37.13 18.86
C MET D 72 20.44 37.01 17.36
N ALA D 73 21.68 37.12 16.90
CA ALA D 73 21.99 36.90 15.49
C ALA D 73 22.36 35.46 15.19
N ASP D 74 22.70 34.67 16.21
CA ASP D 74 22.98 33.26 16.02
C ASP D 74 21.82 32.35 16.43
N MET D 75 20.92 32.84 17.29
CA MET D 75 19.70 32.10 17.56
C MET D 75 18.83 31.92 16.34
N GLN D 76 19.16 32.59 15.23
CA GLN D 76 18.48 32.37 13.96
C GLN D 76 19.30 31.52 13.00
N LYS D 77 20.61 31.72 12.96
CA LYS D 77 21.45 30.90 12.07
C LYS D 77 21.46 29.45 12.51
N ALA D 78 21.50 29.20 13.83
CA ALA D 78 21.44 27.83 14.31
C ALA D 78 20.11 27.18 13.93
N SER D 79 19.02 27.93 14.07
CA SER D 79 17.71 27.38 13.72
C SER D 79 17.61 27.11 12.23
N VAL D 80 18.19 27.98 11.40
CA VAL D 80 18.17 27.76 9.96
C VAL D 80 18.98 26.52 9.61
N SER D 81 20.11 26.31 10.28
CA SER D 81 20.91 25.12 10.04
C SER D 81 20.14 23.86 10.43
N MET D 82 19.49 23.89 11.59
CA MET D 82 18.68 22.74 12.01
C MET D 82 17.55 22.49 11.02
N GLN D 83 16.97 23.55 10.46
CA GLN D 83 15.90 23.39 9.48
C GLN D 83 16.42 22.75 8.21
N MET D 84 17.60 23.18 7.74
CA MET D 84 18.21 22.53 6.58
C MET D 84 18.44 21.05 6.86
N GLY D 85 18.94 20.73 8.06
CA GLY D 85 19.16 19.35 8.42
C GLY D 85 17.88 18.52 8.37
N ILE D 86 16.81 19.04 8.97
CA ILE D 86 15.57 18.27 9.01
C ILE D 86 14.94 18.15 7.63
N GLN D 87 15.12 19.16 6.78
CA GLN D 87 14.61 19.07 5.42
C GLN D 87 15.34 17.99 4.63
N VAL D 88 16.67 17.96 4.72
CA VAL D 88 17.43 16.92 4.05
C VAL D 88 17.03 15.55 4.61
N ARG D 89 16.81 15.47 5.92
CA ARG D 89 16.36 14.21 6.53
C ARG D 89 15.05 13.75 5.91
N ASN D 90 14.07 14.64 5.85
CA ASN D 90 12.76 14.28 5.30
C ASN D 90 12.90 13.81 3.85
N LYS D 91 13.66 14.55 3.05
CA LYS D 91 13.81 14.19 1.64
C LYS D 91 14.46 12.82 1.50
N LEU D 92 15.55 12.58 2.23
CA LEU D 92 16.25 11.31 2.12
C LEU D 92 15.39 10.15 2.60
N VAL D 93 14.63 10.35 3.68
CA VAL D 93 13.79 9.28 4.21
C VAL D 93 12.67 8.95 3.23
N ALA D 94 12.04 9.98 2.65
CA ALA D 94 10.99 9.74 1.67
C ALA D 94 11.54 9.00 0.46
N ALA D 95 12.72 9.40 -0.03
CA ALA D 95 13.32 8.73 -1.17
C ALA D 95 13.65 7.28 -0.85
N TYR D 96 14.19 7.04 0.35
CA TYR D 96 14.52 5.67 0.75
C TYR D 96 13.27 4.80 0.81
N GLN D 97 12.19 5.33 1.39
CA GLN D 97 10.96 4.56 1.47
C GLN D 97 10.40 4.27 0.08
N GLU D 98 10.43 5.28 -0.80
CA GLU D 98 10.00 5.06 -2.18
C GLU D 98 10.81 3.96 -2.85
N VAL D 99 12.13 3.96 -2.63
CA VAL D 99 12.98 2.95 -3.25
C VAL D 99 12.64 1.57 -2.70
N MET D 100 12.62 1.42 -1.38
CA MET D 100 12.36 0.12 -0.78
C MET D 100 10.91 -0.32 -0.92
N SER D 101 10.04 0.52 -1.47
CA SER D 101 8.66 0.12 -1.74
C SER D 101 8.43 -0.20 -3.21
N MET D 102 9.51 -0.48 -3.95
CA MET D 102 9.39 -0.73 -5.37
C MET D 102 8.65 -2.03 -5.65
N GLN D 103 7.92 -2.06 -6.76
CA GLN D 103 7.11 -3.22 -7.14
C GLN D 103 7.97 -4.27 -7.86
N VAL D 104 9.02 -4.70 -7.19
CA VAL D 104 9.90 -5.73 -7.72
C VAL D 104 9.25 -7.09 -7.51
N SER E 33 -24.95 -7.75 25.58
CA SER E 33 -24.45 -8.02 24.24
C SER E 33 -23.61 -6.86 23.73
N PHE E 34 -23.14 -6.98 22.48
CA PHE E 34 -22.34 -5.93 21.86
C PHE E 34 -23.10 -5.15 20.79
N ALA E 35 -24.13 -5.72 20.18
CA ALA E 35 -24.87 -5.01 19.16
C ALA E 35 -25.57 -3.77 19.74
N GLY E 36 -26.01 -3.85 20.99
CA GLY E 36 -26.60 -2.68 21.64
C GLY E 36 -25.60 -1.56 21.84
N GLN E 37 -24.32 -1.92 22.02
CA GLN E 37 -23.30 -0.90 22.27
C GLN E 37 -23.12 0.03 21.09
N LEU E 38 -23.37 -0.43 19.88
CA LEU E 38 -23.23 0.41 18.70
C LEU E 38 -24.12 1.64 18.82
N HIS E 39 -25.44 1.45 18.83
CA HIS E 39 -26.31 2.61 18.91
C HIS E 39 -26.36 3.20 20.32
N ALA E 40 -25.85 2.49 21.33
CA ALA E 40 -25.65 3.13 22.64
C ALA E 40 -24.61 4.24 22.54
N ALA E 41 -23.42 3.92 22.00
CA ALA E 41 -22.42 4.95 21.81
C ALA E 41 -22.92 6.01 20.82
N LEU E 42 -23.71 5.61 19.83
CA LEU E 42 -24.23 6.57 18.86
C LEU E 42 -25.12 7.61 19.53
N ASP E 43 -26.10 7.18 20.31
CA ASP E 43 -26.98 8.17 20.94
C ASP E 43 -26.27 8.90 22.07
N ARG E 44 -25.28 8.26 22.70
CA ARG E 44 -24.49 8.95 23.72
C ARG E 44 -23.65 10.07 23.12
N ILE E 45 -23.19 9.91 21.88
CA ILE E 45 -22.45 10.97 21.21
C ILE E 45 -23.36 11.96 20.49
N SER E 46 -24.62 11.59 20.27
CA SER E 46 -25.56 12.52 19.64
C SER E 46 -26.28 13.42 20.65
N ASP E 47 -26.55 12.92 21.86
CA ASP E 47 -27.26 13.73 22.84
C ASP E 47 -26.43 14.93 23.30
N ARG E 48 -25.12 14.74 23.43
CA ARG E 48 -24.25 15.86 23.79
C ARG E 48 -24.33 16.97 22.73
N GLN E 49 -24.33 16.58 21.45
CA GLN E 49 -24.44 17.56 20.39
C GLN E 49 -25.81 18.24 20.39
N ALA E 50 -26.86 17.48 20.71
CA ALA E 50 -28.20 18.07 20.81
C ALA E 50 -28.23 19.12 21.92
N ALA E 51 -27.65 18.80 23.07
CA ALA E 51 -27.59 19.77 24.16
C ALA E 51 -26.77 21.00 23.76
N ALA E 52 -25.66 20.79 23.06
CA ALA E 52 -24.85 21.91 22.58
C ALA E 52 -25.66 22.80 21.64
N ARG E 53 -26.44 22.20 20.75
CA ARG E 53 -27.25 22.98 19.82
C ARG E 53 -28.33 23.77 20.55
N VAL E 54 -28.98 23.15 21.53
CA VAL E 54 -30.01 23.88 22.28
C VAL E 54 -29.39 25.02 23.07
N GLN E 55 -28.18 24.82 23.60
CA GLN E 55 -27.50 25.89 24.31
C GLN E 55 -27.14 27.04 23.37
N ALA E 56 -26.59 26.72 22.20
CA ALA E 56 -26.25 27.76 21.23
C ALA E 56 -27.49 28.51 20.78
N GLU E 57 -28.62 27.81 20.63
CA GLU E 57 -29.86 28.46 20.26
C GLU E 57 -30.33 29.41 21.35
N LYS E 58 -30.48 28.91 22.58
CA LYS E 58 -30.95 29.77 23.67
C LYS E 58 -29.93 30.81 24.09
N PHE E 59 -28.72 30.79 23.53
CA PHE E 59 -27.80 31.91 23.75
C PHE E 59 -27.87 32.94 22.62
N THR E 60 -27.85 32.49 21.36
CA THR E 60 -27.81 33.43 20.24
C THR E 60 -29.05 34.30 20.17
N LEU E 61 -30.10 33.99 20.93
CA LEU E 61 -31.26 34.87 21.07
C LEU E 61 -30.97 36.08 21.94
N GLY E 62 -29.78 36.17 22.53
CA GLY E 62 -29.52 37.19 23.53
C GLY E 62 -30.18 36.94 24.86
N GLU E 63 -30.77 35.76 25.06
CA GLU E 63 -31.51 35.49 26.28
C GLU E 63 -30.55 35.48 27.48
N PRO E 64 -30.96 36.08 28.61
CA PRO E 64 -30.16 35.96 29.83
C PRO E 64 -30.46 34.65 30.55
N GLY E 65 -29.41 33.87 30.81
CA GLY E 65 -29.60 32.57 31.41
C GLY E 65 -28.65 31.52 30.86
N ILE E 66 -27.79 31.92 29.92
CA ILE E 66 -26.79 31.04 29.34
C ILE E 66 -25.49 31.82 29.16
N ALA E 67 -24.37 31.19 29.49
CA ALA E 67 -23.06 31.83 29.44
C ALA E 67 -22.36 31.53 28.11
N LEU E 68 -21.55 32.47 27.66
CA LEU E 68 -20.87 32.34 26.37
C LEU E 68 -19.78 31.28 26.45
N ASN E 69 -18.84 31.43 27.38
CA ASN E 69 -17.76 30.45 27.51
C ASN E 69 -18.29 29.06 27.78
N ASP E 70 -19.45 28.97 28.45
CA ASP E 70 -20.10 27.68 28.68
C ASP E 70 -20.29 26.92 27.37
N VAL E 71 -21.05 27.50 26.44
CA VAL E 71 -21.33 26.82 25.18
C VAL E 71 -20.07 26.73 24.34
N MET E 72 -19.18 27.73 24.43
CA MET E 72 -17.96 27.67 23.64
C MET E 72 -17.07 26.49 24.04
N ALA E 73 -17.11 26.11 25.31
CA ALA E 73 -16.36 24.94 25.75
C ALA E 73 -17.13 23.65 25.45
N ASP E 74 -18.45 23.68 25.62
CA ASP E 74 -19.24 22.48 25.39
C ASP E 74 -19.17 22.04 23.93
N MET E 75 -19.13 23.01 23.00
CA MET E 75 -19.01 22.66 21.60
C MET E 75 -17.67 22.01 21.29
N GLN E 76 -16.59 22.51 21.91
CA GLN E 76 -15.29 21.88 21.71
C GLN E 76 -15.26 20.47 22.28
N LYS E 77 -15.92 20.27 23.43
CA LYS E 77 -15.98 18.92 23.99
C LYS E 77 -16.76 17.98 23.08
N ALA E 78 -17.87 18.46 22.51
CA ALA E 78 -18.61 17.64 21.55
C ALA E 78 -17.75 17.32 20.34
N SER E 79 -16.95 18.29 19.88
CA SER E 79 -16.11 18.06 18.71
C SER E 79 -15.05 17.01 19.00
N VAL E 80 -14.43 17.05 20.19
CA VAL E 80 -13.40 16.07 20.48
C VAL E 80 -14.02 14.69 20.69
N SER E 81 -15.24 14.63 21.24
CA SER E 81 -15.92 13.34 21.35
C SER E 81 -16.22 12.77 19.97
N MET E 82 -16.65 13.63 19.04
CA MET E 82 -16.87 13.17 17.66
C MET E 82 -15.58 12.68 17.03
N GLN E 83 -14.50 13.32 17.37
CA GLN E 83 -13.24 12.87 16.77
C GLN E 83 -12.97 11.48 17.30
N MET E 84 -13.05 11.29 18.62
CA MET E 84 -12.81 9.97 19.24
C MET E 84 -13.69 8.92 18.55
N GLY E 85 -14.97 9.25 18.29
CA GLY E 85 -15.88 8.31 17.67
C GLY E 85 -15.45 7.92 16.26
N ILE E 86 -15.08 8.90 15.44
CA ILE E 86 -14.69 8.58 14.07
C ILE E 86 -13.35 7.87 14.05
N GLN E 87 -12.47 8.13 15.02
CA GLN E 87 -11.22 7.38 15.07
C GLN E 87 -11.46 5.91 15.39
N VAL E 88 -12.32 5.64 16.38
CA VAL E 88 -12.68 4.26 16.68
C VAL E 88 -13.33 3.60 15.47
N ARG E 89 -14.20 4.34 14.77
CA ARG E 89 -14.81 3.81 13.55
C ARG E 89 -13.75 3.40 12.54
N ASN E 90 -12.80 4.29 12.28
CA ASN E 90 -11.77 4.01 11.28
C ASN E 90 -10.96 2.78 11.67
N LYS E 91 -10.53 2.71 12.93
CA LYS E 91 -9.75 1.57 13.38
C LYS E 91 -10.53 0.27 13.22
N LEU E 92 -11.80 0.26 13.63
CA LEU E 92 -12.57 -0.98 13.58
C LEU E 92 -12.85 -1.40 12.15
N VAL E 93 -13.19 -0.45 11.28
CA VAL E 93 -13.44 -0.78 9.88
C VAL E 93 -12.17 -1.32 9.23
N ALA E 94 -11.03 -0.68 9.50
CA ALA E 94 -9.77 -1.15 8.93
C ALA E 94 -9.46 -2.57 9.40
N ALA E 95 -9.66 -2.85 10.69
CA ALA E 95 -9.38 -4.18 11.20
C ALA E 95 -10.30 -5.22 10.55
N TYR E 96 -11.61 -4.93 10.52
CA TYR E 96 -12.55 -5.88 9.95
C TYR E 96 -12.26 -6.12 8.47
N GLN E 97 -11.89 -5.07 7.73
CA GLN E 97 -11.58 -5.26 6.32
C GLN E 97 -10.28 -6.02 6.12
N GLU E 98 -9.31 -5.84 7.02
CA GLU E 98 -8.04 -6.55 6.88
C GLU E 98 -8.19 -8.03 7.19
N VAL E 99 -9.00 -8.38 8.20
CA VAL E 99 -9.15 -9.79 8.53
C VAL E 99 -9.98 -10.50 7.47
N MET E 100 -10.93 -9.81 6.86
CA MET E 100 -11.78 -10.40 5.81
C MET E 100 -11.16 -10.27 4.43
N SER E 101 -9.84 -10.11 4.34
CA SER E 101 -9.13 -9.98 3.07
C SER E 101 -7.94 -10.94 3.03
N MET E 102 -8.19 -12.19 3.40
CA MET E 102 -7.15 -13.22 3.44
C MET E 102 -7.63 -14.46 2.72
N GLN E 103 -6.82 -15.51 2.78
CA GLN E 103 -7.12 -16.79 2.15
C GLN E 103 -7.29 -17.82 3.26
N VAL E 104 -8.51 -18.30 3.45
CA VAL E 104 -8.80 -19.28 4.49
C VAL E 104 -8.29 -20.65 4.09
N GLY F 65 -28.19 43.02 -4.74
CA GLY F 65 -27.04 42.29 -4.30
C GLY F 65 -27.39 40.98 -3.65
N ILE F 66 -26.41 40.44 -2.92
CA ILE F 66 -26.56 39.18 -2.20
C ILE F 66 -26.16 39.41 -0.75
N ALA F 67 -26.68 38.57 0.15
CA ALA F 67 -26.28 38.64 1.54
C ALA F 67 -24.80 38.32 1.67
N LEU F 68 -24.28 38.48 2.89
CA LEU F 68 -22.83 38.45 3.07
C LEU F 68 -22.28 37.03 2.97
N ASN F 69 -22.71 36.15 3.87
CA ASN F 69 -22.06 34.85 3.97
C ASN F 69 -22.75 33.76 3.16
N ASP F 70 -23.96 34.00 2.67
CA ASP F 70 -24.69 32.94 1.98
C ASP F 70 -24.00 32.50 0.69
N VAL F 71 -23.13 33.34 0.13
CA VAL F 71 -22.30 32.89 -0.98
C VAL F 71 -21.31 31.84 -0.50
N MET F 72 -20.52 32.19 0.52
CA MET F 72 -19.61 31.21 1.10
C MET F 72 -20.37 30.05 1.72
N ALA F 73 -21.57 30.31 2.25
CA ALA F 73 -22.38 29.23 2.79
C ALA F 73 -22.78 28.26 1.68
N ASP F 74 -23.22 28.77 0.54
CA ASP F 74 -23.56 27.92 -0.59
C ASP F 74 -22.34 27.17 -1.11
N MET F 75 -21.18 27.82 -1.08
CA MET F 75 -19.95 27.14 -1.49
C MET F 75 -19.64 25.98 -0.56
N GLN F 76 -19.79 26.19 0.76
CA GLN F 76 -19.57 25.10 1.70
C GLN F 76 -20.59 23.99 1.51
N LYS F 77 -21.84 24.34 1.23
CA LYS F 77 -22.87 23.32 1.02
C LYS F 77 -22.60 22.50 -0.23
N ALA F 78 -22.19 23.16 -1.31
CA ALA F 78 -21.82 22.43 -2.52
C ALA F 78 -20.59 21.56 -2.27
N SER F 79 -19.65 22.06 -1.47
CA SER F 79 -18.46 21.28 -1.16
C SER F 79 -18.82 20.02 -0.38
N VAL F 80 -19.70 20.14 0.61
CA VAL F 80 -20.04 18.96 1.39
C VAL F 80 -20.92 18.01 0.60
N SER F 81 -21.72 18.54 -0.34
CA SER F 81 -22.46 17.66 -1.24
C SER F 81 -21.51 16.87 -2.14
N MET F 82 -20.53 17.55 -2.72
CA MET F 82 -19.48 16.87 -3.46
C MET F 82 -18.81 15.80 -2.61
N GLN F 83 -18.49 16.14 -1.37
CA GLN F 83 -17.82 15.19 -0.49
C GLN F 83 -18.67 13.95 -0.24
N MET F 84 -19.93 14.14 0.15
CA MET F 84 -20.80 13.02 0.44
C MET F 84 -21.00 12.15 -0.78
N GLY F 85 -21.26 12.78 -1.94
CA GLY F 85 -21.45 12.02 -3.15
C GLY F 85 -20.22 11.24 -3.57
N ILE F 86 -19.04 11.87 -3.47
CA ILE F 86 -17.80 11.21 -3.84
C ILE F 86 -17.51 10.03 -2.91
N GLN F 87 -17.74 10.20 -1.61
CA GLN F 87 -17.52 9.09 -0.69
C GLN F 87 -18.48 7.94 -0.98
N VAL F 88 -19.76 8.24 -1.21
CA VAL F 88 -20.72 7.19 -1.51
C VAL F 88 -20.33 6.45 -2.78
N ARG F 89 -20.02 7.22 -3.83
CA ARG F 89 -19.64 6.65 -5.15
C ARG F 89 -18.41 5.76 -5.01
N ASN F 90 -17.37 6.25 -4.32
CA ASN F 90 -16.12 5.51 -4.16
C ASN F 90 -16.36 4.22 -3.39
N LYS F 91 -17.04 4.30 -2.25
CA LYS F 91 -17.31 3.10 -1.46
C LYS F 91 -18.13 2.09 -2.25
N LEU F 92 -19.13 2.57 -3.00
CA LEU F 92 -20.00 1.65 -3.72
C LEU F 92 -19.25 0.96 -4.86
N VAL F 93 -18.44 1.72 -5.61
CA VAL F 93 -17.71 1.10 -6.70
C VAL F 93 -16.62 0.18 -6.17
N ALA F 94 -16.04 0.50 -5.01
CA ALA F 94 -15.06 -0.39 -4.42
C ALA F 94 -15.70 -1.70 -3.99
N ALA F 95 -16.89 -1.63 -3.38
CA ALA F 95 -17.59 -2.85 -3.02
C ALA F 95 -17.96 -3.66 -4.25
N TYR F 96 -18.45 -2.99 -5.29
CA TYR F 96 -18.81 -3.70 -6.52
C TYR F 96 -17.60 -4.37 -7.15
N GLN F 97 -16.43 -3.72 -7.10
CA GLN F 97 -15.23 -4.32 -7.66
C GLN F 97 -14.72 -5.48 -6.81
N GLU F 98 -14.83 -5.37 -5.48
CA GLU F 98 -14.36 -6.43 -4.60
C GLU F 98 -15.35 -7.55 -4.43
N VAL F 99 -16.55 -7.43 -5.01
CA VAL F 99 -17.52 -8.52 -5.04
C VAL F 99 -17.39 -9.24 -6.37
N MET F 100 -17.08 -8.48 -7.43
CA MET F 100 -16.99 -9.01 -8.81
C MET F 100 -15.62 -9.66 -9.08
N SER F 101 -14.89 -10.08 -8.04
CA SER F 101 -13.59 -10.70 -8.24
C SER F 101 -13.47 -11.89 -7.29
N MET F 102 -13.62 -13.10 -7.83
CA MET F 102 -13.44 -14.34 -7.08
C MET F 102 -13.23 -15.46 -8.10
N GLN F 103 -13.27 -16.71 -7.61
CA GLN F 103 -13.13 -17.85 -8.50
C GLN F 103 -14.49 -18.33 -8.99
N GLY G 35 32.81 33.89 -14.47
CA GLY G 35 31.67 33.10 -14.06
C GLY G 35 31.03 33.61 -12.78
N GLN G 36 29.74 33.90 -12.85
CA GLN G 36 29.00 34.38 -11.68
C GLN G 36 28.70 33.23 -10.73
N SER G 37 27.93 33.53 -9.69
CA SER G 37 27.58 32.52 -8.69
C SER G 37 26.24 32.89 -8.08
N TRP G 38 25.34 31.90 -8.00
CA TRP G 38 24.04 32.13 -7.41
C TRP G 38 24.16 32.44 -5.93
N SER G 39 23.20 33.20 -5.41
CA SER G 39 23.20 33.58 -4.01
C SER G 39 22.91 32.37 -3.13
N LEU G 40 22.95 32.58 -1.82
CA LEU G 40 22.69 31.52 -0.86
C LEU G 40 21.20 31.35 -0.58
N SER G 41 20.33 32.06 -1.30
CA SER G 41 18.90 31.88 -1.17
C SER G 41 18.30 31.07 -2.31
N VAL G 42 19.07 30.81 -3.36
CA VAL G 42 18.62 29.95 -4.45
C VAL G 42 19.49 28.71 -4.62
N GLN G 43 20.77 28.76 -4.22
CA GLN G 43 21.58 27.54 -4.19
C GLN G 43 20.94 26.49 -3.31
N THR G 44 20.55 26.87 -2.09
CA THR G 44 19.89 25.93 -1.21
C THR G 44 18.56 25.45 -1.79
N LEU G 45 17.86 26.33 -2.51
CA LEU G 45 16.59 25.95 -3.10
C LEU G 45 16.78 24.87 -4.16
N VAL G 46 17.67 25.10 -5.11
CA VAL G 46 17.89 24.11 -6.17
C VAL G 46 18.48 22.84 -5.59
N PHE G 47 19.30 22.95 -4.53
CA PHE G 47 19.87 21.74 -3.93
C PHE G 47 18.78 20.90 -3.27
N ILE G 48 17.92 21.52 -2.46
CA ILE G 48 16.84 20.80 -1.81
C ILE G 48 15.90 20.21 -2.87
N THR G 49 15.66 20.95 -3.95
CA THR G 49 14.78 20.44 -5.01
C THR G 49 15.39 19.22 -5.68
N SER G 50 16.68 19.28 -6.02
CA SER G 50 17.34 18.15 -6.63
C SER G 50 17.41 16.96 -5.69
N LEU G 51 17.39 17.20 -4.37
CA LEU G 51 17.34 16.10 -3.43
C LEU G 51 16.05 15.30 -3.56
N THR G 52 15.01 15.87 -4.17
CA THR G 52 13.77 15.11 -4.38
C THR G 52 13.95 14.12 -5.52
N PHE G 53 14.36 14.61 -6.69
CA PHE G 53 14.52 13.73 -7.85
C PHE G 53 15.67 12.75 -7.65
N LEU G 54 16.87 13.27 -7.38
CA LEU G 54 18.14 12.56 -7.49
C LEU G 54 18.08 11.11 -7.07
N PRO G 55 17.69 10.77 -5.83
CA PRO G 55 17.73 9.36 -5.43
C PRO G 55 16.85 8.49 -6.31
N ALA G 56 15.55 8.78 -6.34
CA ALA G 56 14.61 7.91 -7.04
C ALA G 56 14.94 7.81 -8.52
N ILE G 57 14.93 8.93 -9.23
CA ILE G 57 15.09 8.89 -10.68
C ILE G 57 16.53 8.55 -11.06
N LEU G 58 17.51 9.21 -10.45
CA LEU G 58 18.89 8.92 -10.81
C LEU G 58 19.40 7.61 -10.24
N LEU G 59 18.56 6.82 -9.57
CA LEU G 59 18.85 5.42 -9.39
C LEU G 59 18.08 4.54 -10.37
N MET G 60 16.82 4.87 -10.63
CA MET G 60 15.99 4.01 -11.46
C MET G 60 16.44 3.99 -12.91
N MET G 61 17.13 5.04 -13.37
CA MET G 61 17.49 5.10 -14.78
C MET G 61 18.90 5.64 -15.00
N THR G 62 19.78 5.48 -14.02
CA THR G 62 21.15 5.95 -14.21
C THR G 62 22.24 4.98 -13.74
N SER G 63 21.98 4.09 -12.79
CA SER G 63 23.13 3.32 -12.32
C SER G 63 22.91 1.81 -12.28
N PHE G 64 21.72 1.34 -11.90
CA PHE G 64 21.58 -0.05 -11.52
C PHE G 64 20.32 -0.74 -12.01
N THR G 65 19.54 -0.11 -12.89
CA THR G 65 18.28 -0.73 -13.31
C THR G 65 18.46 -2.07 -14.01
N ARG G 66 19.69 -2.47 -14.35
CA ARG G 66 19.91 -3.81 -14.87
C ARG G 66 20.06 -4.86 -13.77
N ILE G 67 20.05 -4.46 -12.51
CA ILE G 67 20.28 -5.40 -11.42
C ILE G 67 18.98 -5.94 -10.87
N ILE G 68 18.00 -5.07 -10.59
CA ILE G 68 16.74 -5.55 -10.04
C ILE G 68 15.97 -6.34 -11.08
N ILE G 69 16.12 -6.02 -12.36
CA ILE G 69 15.44 -6.81 -13.38
C ILE G 69 16.00 -8.22 -13.41
N VAL G 70 17.32 -8.36 -13.34
CA VAL G 70 17.93 -9.69 -13.32
C VAL G 70 17.55 -10.45 -12.06
N PHE G 71 17.53 -9.76 -10.92
CA PHE G 71 17.11 -10.41 -9.68
C PHE G 71 15.67 -10.90 -9.77
N GLY G 72 14.78 -10.06 -10.29
CA GLY G 72 13.38 -10.47 -10.41
C GLY G 72 13.22 -11.64 -11.36
N LEU G 73 13.91 -11.61 -12.50
CA LEU G 73 13.82 -12.71 -13.45
C LEU G 73 14.36 -14.00 -12.85
N LEU G 74 15.47 -13.92 -12.11
CA LEU G 74 16.03 -15.10 -11.48
C LEU G 74 15.08 -15.65 -10.43
N ARG G 75 14.49 -14.77 -9.61
CA ARG G 75 13.55 -15.22 -8.60
C ARG G 75 12.34 -15.88 -9.22
N ASN G 76 11.85 -15.33 -10.33
CA ASN G 76 10.76 -15.96 -11.07
C ASN G 76 11.21 -17.21 -11.82
N ALA G 77 12.52 -17.44 -11.92
CA ALA G 77 13.05 -18.64 -12.55
C ALA G 77 13.17 -19.81 -11.58
N LEU G 78 13.34 -19.53 -10.29
CA LEU G 78 13.49 -20.58 -9.29
C LEU G 78 12.20 -21.37 -9.11
N GLY G 79 11.12 -20.93 -9.76
CA GLY G 79 9.84 -21.58 -9.60
C GLY G 79 9.16 -21.30 -8.27
N THR G 80 9.69 -20.40 -7.47
CA THR G 80 9.16 -20.06 -6.15
C THR G 80 9.09 -18.55 -6.01
N PRO G 81 8.05 -17.92 -6.56
CA PRO G 81 7.93 -16.46 -6.48
C PRO G 81 7.87 -16.00 -5.03
N SER G 82 8.47 -14.83 -4.79
CA SER G 82 8.53 -14.22 -3.47
C SER G 82 9.09 -15.19 -2.42
N ALA G 83 10.08 -15.98 -2.83
CA ALA G 83 10.78 -16.81 -1.85
C ALA G 83 11.69 -15.95 -0.97
N PRO G 84 12.57 -15.12 -1.51
CA PRO G 84 13.17 -14.07 -0.69
C PRO G 84 12.29 -12.84 -0.69
N PRO G 85 12.10 -12.19 0.46
CA PRO G 85 11.19 -11.06 0.52
C PRO G 85 11.62 -9.94 -0.42
N ASN G 86 10.64 -9.20 -0.93
CA ASN G 86 10.91 -8.13 -1.87
C ASN G 86 11.62 -6.95 -1.24
N GLN G 87 11.83 -6.96 0.07
CA GLN G 87 12.57 -5.91 0.74
C GLN G 87 14.01 -6.30 1.05
N VAL G 88 14.38 -7.57 0.83
CA VAL G 88 15.76 -7.99 0.94
C VAL G 88 16.53 -7.72 -0.34
N LEU G 89 15.99 -8.20 -1.47
CA LEU G 89 16.63 -7.97 -2.76
C LEU G 89 16.84 -6.49 -3.04
N LEU G 90 15.93 -5.64 -2.60
CA LEU G 90 16.04 -4.21 -2.85
C LEU G 90 17.09 -3.54 -1.98
N GLY G 91 17.74 -4.29 -1.08
CA GLY G 91 18.85 -3.77 -0.32
C GLY G 91 20.17 -4.27 -0.88
N LEU G 92 20.20 -5.56 -1.25
CA LEU G 92 21.39 -6.11 -1.88
C LEU G 92 21.64 -5.46 -3.23
N ALA G 93 20.59 -5.24 -4.01
CA ALA G 93 20.70 -4.59 -5.32
C ALA G 93 21.03 -3.11 -5.22
N LEU G 94 21.12 -2.56 -4.01
CA LEU G 94 21.58 -1.20 -3.79
C LEU G 94 22.97 -1.14 -3.20
N PHE G 95 23.31 -2.09 -2.33
CA PHE G 95 24.68 -2.20 -1.86
C PHE G 95 25.62 -2.57 -3.01
N LEU G 96 25.17 -3.45 -3.90
CA LEU G 96 25.94 -3.69 -5.12
C LEU G 96 26.16 -2.41 -5.91
N THR G 97 25.16 -1.52 -5.91
CA THR G 97 25.28 -0.27 -6.66
C THR G 97 26.31 0.64 -6.01
N PHE G 98 26.23 0.80 -4.68
CA PHE G 98 27.15 1.67 -3.98
C PHE G 98 28.53 1.05 -3.86
N PHE G 99 28.67 -0.20 -4.29
CA PHE G 99 29.98 -0.81 -4.44
C PHE G 99 30.55 -0.68 -5.85
N ILE G 100 29.69 -0.75 -6.88
CA ILE G 100 30.15 -0.62 -8.26
C ILE G 100 30.34 0.84 -8.65
N MET G 101 29.74 1.78 -7.93
CA MET G 101 29.90 3.20 -8.25
C MET G 101 31.03 3.83 -7.46
N SER G 102 32.10 3.07 -7.18
CA SER G 102 33.27 3.69 -6.57
C SER G 102 34.01 4.62 -7.54
N PRO G 103 34.33 4.23 -8.78
CA PRO G 103 35.19 5.11 -9.60
C PRO G 103 34.50 6.41 -10.00
N VAL G 104 33.27 6.34 -10.49
CA VAL G 104 32.64 7.55 -11.00
C VAL G 104 32.24 8.47 -9.87
N ILE G 105 31.80 7.93 -8.73
CA ILE G 105 31.52 8.80 -7.60
C ILE G 105 32.81 9.37 -7.03
N ASP G 106 33.92 8.64 -7.15
CA ASP G 106 35.20 9.19 -6.72
C ASP G 106 35.60 10.38 -7.59
N LYS G 107 35.48 10.23 -8.91
CA LYS G 107 35.80 11.33 -9.81
C LYS G 107 34.90 12.53 -9.55
N ILE G 108 33.60 12.29 -9.43
CA ILE G 108 32.66 13.37 -9.11
C ILE G 108 33.06 14.04 -7.81
N TYR G 109 33.32 13.25 -6.77
CA TYR G 109 33.66 13.80 -5.47
C TYR G 109 34.86 14.71 -5.56
N VAL G 110 35.99 14.20 -6.06
CA VAL G 110 37.19 15.05 -6.14
C VAL G 110 36.89 16.29 -6.97
N ASP G 111 36.58 16.12 -8.25
CA ASP G 111 36.55 17.25 -9.17
C ASP G 111 35.46 18.26 -8.84
N ALA G 112 34.40 17.87 -8.15
CA ALA G 112 33.35 18.81 -7.78
C ALA G 112 33.56 19.37 -6.38
N TYR G 113 33.55 18.50 -5.36
CA TYR G 113 33.61 18.99 -3.98
C TYR G 113 34.95 19.61 -3.67
N GLN G 114 36.06 18.94 -4.01
CA GLN G 114 37.36 19.41 -3.55
C GLN G 114 37.67 20.85 -3.95
N PRO G 115 37.29 21.34 -5.13
CA PRO G 115 37.45 22.78 -5.39
C PRO G 115 36.27 23.61 -4.89
N PHE G 116 35.11 22.98 -4.72
CA PHE G 116 33.92 23.73 -4.30
C PHE G 116 34.02 24.13 -2.84
N SER G 117 34.20 23.16 -1.94
CA SER G 117 34.19 23.43 -0.51
C SER G 117 35.24 24.46 -0.10
N GLU G 118 36.26 24.68 -0.92
CA GLU G 118 37.26 25.71 -0.67
C GLU G 118 37.12 26.90 -1.62
N GLN G 119 35.99 26.99 -2.32
CA GLN G 119 35.60 28.18 -3.09
C GLN G 119 36.67 28.60 -4.09
N LYS G 120 36.90 27.72 -5.07
CA LYS G 120 37.67 28.07 -6.25
C LYS G 120 36.88 27.92 -7.53
N ILE G 121 35.66 27.40 -7.45
CA ILE G 121 34.77 27.27 -8.59
C ILE G 121 33.37 27.72 -8.17
N SER G 122 32.41 27.60 -9.09
CA SER G 122 31.05 28.06 -8.88
C SER G 122 30.08 26.90 -9.03
N MET G 123 29.01 26.94 -8.24
CA MET G 123 27.98 25.90 -8.31
C MET G 123 27.48 25.73 -9.73
N GLN G 124 27.21 26.85 -10.41
CA GLN G 124 26.74 26.81 -11.79
C GLN G 124 27.74 26.12 -12.71
N GLU G 125 29.03 26.15 -12.36
CA GLU G 125 30.06 25.42 -13.08
C GLU G 125 30.37 24.07 -12.46
N ALA G 126 30.26 23.97 -11.13
CA ALA G 126 30.49 22.70 -10.46
C ALA G 126 29.52 21.63 -10.95
N LEU G 127 28.28 22.02 -11.23
CA LEU G 127 27.30 21.05 -11.72
C LEU G 127 27.78 20.38 -13.00
N ASP G 128 28.25 21.18 -13.96
CA ASP G 128 28.71 20.62 -15.23
C ASP G 128 30.00 19.83 -15.04
N LYS G 129 30.95 20.39 -14.29
CA LYS G 129 32.22 19.69 -14.11
C LYS G 129 32.09 18.43 -13.28
N GLY G 130 30.98 18.26 -12.57
CA GLY G 130 30.71 17.04 -11.85
C GLY G 130 29.87 16.07 -12.65
N ALA G 131 29.08 16.58 -13.58
CA ALA G 131 28.31 15.70 -14.45
C ALA G 131 29.15 15.15 -15.60
N GLN G 132 30.28 15.78 -15.92
CA GLN G 132 31.16 15.32 -16.99
C GLN G 132 31.55 13.84 -16.88
N PRO G 133 32.17 13.39 -15.77
CA PRO G 133 32.65 12.00 -15.74
C PRO G 133 31.52 10.99 -15.73
N LEU G 134 30.43 11.27 -15.02
CA LEU G 134 29.27 10.39 -15.08
C LEU G 134 28.72 10.33 -16.50
N ARG G 135 28.73 11.47 -17.21
CA ARG G 135 28.33 11.47 -18.60
C ARG G 135 29.20 10.54 -19.43
N ALA G 136 30.51 10.58 -19.23
CA ALA G 136 31.40 9.70 -19.99
C ALA G 136 31.15 8.23 -19.65
N PHE G 137 30.97 7.93 -18.37
CA PHE G 137 30.68 6.56 -17.96
C PHE G 137 29.40 6.05 -18.62
N MET G 138 28.35 6.87 -18.60
CA MET G 138 27.11 6.50 -19.27
C MET G 138 27.32 6.33 -20.76
N LEU G 139 28.17 7.16 -21.37
CA LEU G 139 28.46 7.05 -22.79
C LEU G 139 29.12 5.72 -23.12
N ARG G 140 29.95 5.21 -22.19
CA ARG G 140 30.62 3.95 -22.47
C ARG G 140 29.64 2.79 -22.64
N GLN G 141 28.50 2.83 -21.94
CA GLN G 141 27.63 1.66 -21.84
C GLN G 141 26.53 1.60 -22.90
N THR G 142 26.19 2.71 -23.53
CA THR G 142 25.07 2.69 -24.47
C THR G 142 25.43 1.88 -25.72
N ARG G 143 24.40 1.58 -26.51
CA ARG G 143 24.57 0.82 -27.73
C ARG G 143 25.08 1.74 -28.83
N GLU G 144 25.12 1.24 -30.07
CA GLU G 144 25.52 2.05 -31.21
C GLU G 144 24.31 2.66 -31.94
N ALA G 145 23.40 1.79 -32.40
CA ALA G 145 22.30 2.25 -33.23
C ALA G 145 21.30 3.10 -32.46
N ASP G 146 21.12 2.81 -31.17
CA ASP G 146 20.11 3.53 -30.39
C ASP G 146 20.45 5.01 -30.29
N LEU G 147 21.73 5.35 -30.21
CA LEU G 147 22.12 6.75 -30.12
C LEU G 147 21.73 7.51 -31.38
N ALA G 148 22.05 6.97 -32.55
CA ALA G 148 21.69 7.64 -33.80
C ALA G 148 20.18 7.64 -34.04
N LEU G 149 19.49 6.59 -33.59
CA LEU G 149 18.04 6.57 -33.70
C LEU G 149 17.43 7.69 -32.88
N PHE G 150 17.90 7.86 -31.65
CA PHE G 150 17.42 8.97 -30.85
C PHE G 150 17.85 10.31 -31.42
N ALA G 151 18.98 10.34 -32.12
CA ALA G 151 19.40 11.57 -32.80
C ALA G 151 18.38 11.97 -33.85
N ARG G 152 18.01 11.04 -34.73
CA ARG G 152 16.95 11.32 -35.70
C ARG G 152 15.66 11.72 -35.00
N LEU G 153 15.23 10.93 -34.02
CA LEU G 153 14.02 11.22 -33.29
C LEU G 153 14.07 12.58 -32.59
N ALA G 154 15.26 13.17 -32.43
CA ALA G 154 15.40 14.54 -31.99
C ALA G 154 15.79 15.48 -33.11
N ASN G 155 16.24 14.96 -34.25
CA ASN G 155 16.56 15.73 -35.45
C ASN G 155 17.62 16.80 -35.15
N SER G 156 18.80 16.31 -34.78
CA SER G 156 19.97 17.14 -34.57
C SER G 156 21.10 16.68 -35.47
N GLY G 157 21.83 17.64 -36.02
CA GLY G 157 22.95 17.34 -36.89
C GLY G 157 24.12 16.78 -36.13
N PRO G 158 25.17 16.35 -36.86
CA PRO G 158 26.38 15.77 -36.27
C PRO G 158 27.13 16.74 -35.37
N GLU G 163 33.21 14.10 -27.15
CA GLU G 163 32.24 13.59 -28.12
C GLU G 163 31.10 14.60 -28.27
N ALA G 164 30.79 15.30 -27.18
CA ALA G 164 29.88 16.44 -27.18
C ALA G 164 28.45 16.05 -27.55
N VAL G 165 27.96 14.94 -27.01
CA VAL G 165 26.54 14.60 -27.13
C VAL G 165 25.80 15.29 -26.00
N PRO G 166 24.55 15.72 -26.19
CA PRO G 166 23.83 16.43 -25.14
C PRO G 166 23.18 15.47 -24.15
N MET G 167 22.80 16.02 -22.99
CA MET G 167 22.16 15.23 -21.96
C MET G 167 20.71 14.92 -22.29
N ARG G 168 20.06 15.75 -23.11
CA ARG G 168 18.65 15.54 -23.41
C ARG G 168 18.42 14.27 -24.20
N ILE G 169 19.36 13.88 -25.05
CA ILE G 169 19.18 12.73 -25.93
C ILE G 169 20.01 11.53 -25.53
N LEU G 170 21.02 11.69 -24.68
CA LEU G 170 21.84 10.56 -24.28
C LEU G 170 21.10 9.67 -23.28
N LEU G 171 20.42 10.28 -22.31
CA LEU G 171 19.84 9.52 -21.22
C LEU G 171 18.85 8.45 -21.67
N PRO G 172 17.89 8.73 -22.56
CA PRO G 172 17.03 7.63 -23.02
C PRO G 172 17.77 6.59 -23.84
N ALA G 173 18.76 7.01 -24.64
CA ALA G 173 19.59 6.07 -25.36
C ALA G 173 20.43 5.21 -24.44
N TYR G 174 20.50 5.56 -23.16
CA TYR G 174 21.16 4.72 -22.16
C TYR G 174 20.15 3.84 -21.42
N VAL G 175 19.00 4.39 -21.08
CA VAL G 175 17.95 3.60 -20.45
C VAL G 175 17.60 2.40 -21.33
N THR G 176 17.44 2.63 -22.63
CA THR G 176 17.11 1.54 -23.54
C THR G 176 18.27 0.55 -23.65
N SER G 177 19.50 1.05 -23.74
CA SER G 177 20.65 0.17 -23.82
C SER G 177 20.81 -0.68 -22.57
N GLU G 178 20.34 -0.19 -21.44
CA GLU G 178 20.40 -0.95 -20.20
C GLU G 178 19.31 -2.01 -20.17
N LEU G 179 18.07 -1.60 -20.43
CA LEU G 179 16.95 -2.51 -20.32
C LEU G 179 16.89 -3.50 -21.46
N LYS G 180 17.68 -3.30 -22.52
CA LYS G 180 17.76 -4.30 -23.57
C LYS G 180 18.80 -5.37 -23.28
N THR G 181 19.89 -5.04 -22.58
CA THR G 181 20.89 -6.04 -22.24
C THR G 181 20.57 -6.77 -20.95
N ALA G 182 19.79 -6.14 -20.06
CA ALA G 182 19.33 -6.85 -18.87
C ALA G 182 18.54 -8.10 -19.25
N PHE G 183 17.77 -8.02 -20.33
CA PHE G 183 16.98 -9.17 -20.77
C PHE G 183 17.87 -10.29 -21.30
N GLN G 184 18.94 -9.93 -22.02
CA GLN G 184 19.88 -10.95 -22.48
C GLN G 184 20.53 -11.66 -21.31
N ILE G 185 21.04 -10.88 -20.34
CA ILE G 185 21.62 -11.49 -19.15
C ILE G 185 20.60 -12.38 -18.45
N GLY G 186 19.35 -11.91 -18.35
CA GLY G 186 18.34 -12.69 -17.68
C GLY G 186 18.09 -14.02 -18.35
N PHE G 187 17.95 -14.02 -19.67
CA PHE G 187 17.68 -15.28 -20.38
C PHE G 187 18.86 -16.23 -20.27
N THR G 188 20.08 -15.70 -20.36
CA THR G 188 21.26 -16.54 -20.13
C THR G 188 21.19 -17.19 -18.75
N ILE G 189 20.71 -16.44 -17.75
CA ILE G 189 20.51 -17.02 -16.43
C ILE G 189 19.42 -18.09 -16.46
N PHE G 190 18.35 -17.85 -17.23
CA PHE G 190 17.22 -18.78 -17.26
C PHE G 190 17.63 -20.16 -17.78
N ILE G 191 18.48 -20.20 -18.80
CA ILE G 191 18.76 -21.43 -19.55
C ILE G 191 18.90 -22.69 -18.68
N PRO G 192 19.77 -22.71 -17.65
CA PRO G 192 19.96 -23.98 -16.92
C PRO G 192 18.73 -24.44 -16.16
N PHE G 193 17.93 -23.53 -15.61
CA PHE G 193 16.74 -23.94 -14.89
C PHE G 193 15.72 -24.57 -15.84
N LEU G 194 15.58 -24.01 -17.03
CA LEU G 194 14.75 -24.64 -18.05
C LEU G 194 15.26 -26.03 -18.38
N ILE G 195 16.59 -26.18 -18.50
CA ILE G 195 17.17 -27.49 -18.78
C ILE G 195 16.78 -28.48 -17.68
N ILE G 196 16.92 -28.06 -16.41
CA ILE G 196 16.62 -28.95 -15.30
C ILE G 196 15.15 -29.35 -15.31
N ASP G 197 14.26 -28.38 -15.53
CA ASP G 197 12.84 -28.67 -15.55
C ASP G 197 12.51 -29.67 -16.64
N LEU G 198 13.04 -29.44 -17.85
CA LEU G 198 12.73 -30.33 -18.96
C LEU G 198 13.26 -31.73 -18.71
N VAL G 199 14.48 -31.85 -18.16
CA VAL G 199 15.05 -33.19 -18.00
C VAL G 199 14.33 -33.94 -16.89
N ILE G 200 13.93 -33.25 -15.82
CA ILE G 200 13.22 -33.96 -14.76
C ILE G 200 11.82 -34.35 -15.23
N ALA G 201 11.18 -33.52 -16.05
CA ALA G 201 9.88 -33.89 -16.60
C ALA G 201 10.01 -35.12 -17.50
N SER G 202 11.02 -35.13 -18.37
CA SER G 202 11.22 -36.28 -19.25
C SER G 202 11.52 -37.54 -18.45
N VAL G 203 12.32 -37.41 -17.39
CA VAL G 203 12.65 -38.57 -16.58
C VAL G 203 11.42 -39.12 -15.88
N LEU G 204 10.60 -38.24 -15.30
CA LEU G 204 9.38 -38.70 -14.65
C LEU G 204 8.42 -39.35 -15.65
N MET G 205 8.35 -38.81 -16.87
CA MET G 205 7.41 -39.35 -17.84
C MET G 205 7.88 -40.70 -18.37
N ALA G 206 9.18 -40.84 -18.64
CA ALA G 206 9.71 -42.09 -19.15
C ALA G 206 9.61 -43.23 -18.15
N LEU G 207 9.34 -42.93 -16.88
CA LEU G 207 9.16 -43.95 -15.87
C LEU G 207 7.72 -44.46 -15.81
N GLY G 208 6.85 -43.95 -16.67
CA GLY G 208 5.47 -44.40 -16.71
C GLY G 208 4.60 -43.86 -15.59
N MET G 209 4.79 -42.60 -15.23
CA MET G 209 4.00 -41.93 -14.19
C MET G 209 3.52 -40.60 -14.76
N MET G 210 2.37 -40.61 -15.44
CA MET G 210 1.89 -39.40 -16.09
C MET G 210 1.20 -38.45 -15.13
N MET G 211 0.58 -38.96 -14.07
CA MET G 211 -0.18 -38.13 -13.14
C MET G 211 0.70 -37.78 -11.93
N VAL G 212 1.77 -37.05 -12.22
CA VAL G 212 2.66 -36.53 -11.18
C VAL G 212 3.00 -35.09 -11.52
N PRO G 213 2.79 -34.13 -10.61
CA PRO G 213 3.17 -32.75 -10.88
C PRO G 213 4.69 -32.60 -10.91
N PRO G 214 5.24 -32.10 -12.00
CA PRO G 214 6.71 -32.02 -12.12
C PRO G 214 7.32 -30.97 -11.20
N ALA G 215 6.74 -29.77 -11.16
CA ALA G 215 7.33 -28.66 -10.42
C ALA G 215 7.52 -29.01 -8.95
N THR G 216 6.54 -29.69 -8.35
CA THR G 216 6.64 -30.09 -6.95
C THR G 216 7.80 -31.02 -6.69
N ILE G 217 8.37 -31.62 -7.73
CA ILE G 217 9.52 -32.50 -7.58
C ILE G 217 10.75 -31.75 -8.08
N ALA G 218 10.53 -30.77 -8.96
CA ALA G 218 11.65 -30.05 -9.56
C ALA G 218 12.26 -29.06 -8.58
N LEU G 219 11.43 -28.29 -7.88
CA LEU G 219 11.89 -27.22 -7.00
C LEU G 219 13.02 -27.60 -6.05
N PRO G 220 12.96 -28.72 -5.31
CA PRO G 220 14.09 -29.05 -4.42
C PRO G 220 15.39 -29.26 -5.18
N PHE G 221 15.35 -29.94 -6.32
CA PHE G 221 16.55 -30.13 -7.11
C PHE G 221 17.07 -28.81 -7.66
N LYS G 222 16.17 -27.90 -8.03
CA LYS G 222 16.61 -26.57 -8.46
C LYS G 222 17.38 -25.87 -7.36
N LEU G 223 16.82 -25.85 -6.14
CA LEU G 223 17.49 -25.17 -5.04
C LEU G 223 18.82 -25.85 -4.69
N MET G 224 18.84 -27.18 -4.74
CA MET G 224 20.06 -27.91 -4.39
C MET G 224 21.16 -27.67 -5.42
N LEU G 225 20.81 -27.63 -6.71
CA LEU G 225 21.80 -27.31 -7.72
C LEU G 225 22.26 -25.87 -7.61
N PHE G 226 21.37 -24.96 -7.24
CA PHE G 226 21.75 -23.57 -7.05
C PHE G 226 22.79 -23.44 -5.95
N VAL G 227 22.50 -23.97 -4.77
CA VAL G 227 23.39 -23.81 -3.63
C VAL G 227 24.63 -24.70 -3.79
N LEU G 228 24.53 -25.69 -4.68
CA LEU G 228 25.67 -26.59 -4.90
C LEU G 228 26.80 -25.92 -5.66
N VAL G 229 26.51 -24.86 -6.42
CA VAL G 229 27.52 -24.17 -7.19
C VAL G 229 27.69 -22.72 -6.72
N ASP G 230 27.15 -22.38 -5.56
CA ASP G 230 27.20 -21.04 -5.00
C ASP G 230 26.69 -20.01 -6.00
N GLY G 231 25.39 -20.13 -6.30
CA GLY G 231 24.80 -19.32 -7.35
C GLY G 231 24.83 -17.83 -7.06
N TRP G 232 24.57 -17.45 -5.80
CA TRP G 232 24.53 -16.03 -5.44
C TRP G 232 25.89 -15.38 -5.66
N GLN G 233 26.95 -15.99 -5.12
CA GLN G 233 28.29 -15.43 -5.22
C GLN G 233 28.69 -15.21 -6.67
N LEU G 234 28.74 -16.30 -7.44
CA LEU G 234 29.17 -16.20 -8.83
C LEU G 234 28.24 -15.30 -9.64
N LEU G 235 26.94 -15.33 -9.35
CA LEU G 235 26.00 -14.49 -10.07
C LEU G 235 26.33 -13.01 -9.88
N MET G 236 26.31 -12.58 -8.62
CA MET G 236 26.60 -11.16 -8.27
C MET G 236 27.97 -10.76 -8.79
N GLY G 237 28.95 -11.66 -8.72
CA GLY G 237 30.30 -11.35 -9.15
C GLY G 237 30.40 -11.16 -10.65
N SER G 238 29.85 -12.11 -11.41
CA SER G 238 29.91 -12.00 -12.86
C SER G 238 29.11 -10.81 -13.36
N LEU G 239 27.99 -10.50 -12.70
CA LEU G 239 27.21 -9.34 -13.11
C LEU G 239 27.99 -8.05 -12.89
N ALA G 240 28.59 -7.91 -11.70
CA ALA G 240 29.37 -6.71 -11.40
C ALA G 240 30.58 -6.59 -12.32
N GLN G 241 31.21 -7.72 -12.64
CA GLN G 241 32.38 -7.69 -13.53
C GLN G 241 31.98 -7.34 -14.94
N SER G 242 30.83 -7.83 -15.41
CA SER G 242 30.33 -7.45 -16.72
C SER G 242 30.04 -5.96 -16.77
N PHE G 243 29.38 -5.43 -15.74
CA PHE G 243 29.17 -3.99 -15.64
C PHE G 243 30.49 -3.25 -15.67
N TYR G 244 31.52 -3.81 -15.00
CA TYR G 244 32.84 -3.18 -14.97
C TYR G 244 33.43 -3.08 -16.36
N SER G 245 33.36 -4.15 -17.13
CA SER G 245 33.87 -4.15 -18.50
C SER G 245 33.00 -3.27 -19.39
N GLY H 35 -6.58 45.63 -27.42
CA GLY H 35 -7.55 46.06 -26.43
C GLY H 35 -6.95 46.26 -25.04
N GLN H 36 -7.69 45.85 -24.02
CA GLN H 36 -7.24 45.96 -22.64
C GLN H 36 -6.78 44.60 -22.15
N SER H 37 -6.15 44.60 -20.98
CA SER H 37 -5.55 43.40 -20.41
C SER H 37 -5.87 43.33 -18.92
N TRP H 38 -5.22 42.41 -18.23
CA TRP H 38 -5.43 42.19 -16.81
C TRP H 38 -4.42 42.99 -16.00
N SER H 39 -4.36 42.71 -14.70
CA SER H 39 -3.32 43.22 -13.82
C SER H 39 -2.32 42.12 -13.51
N LEU H 40 -1.20 42.50 -12.90
CA LEU H 40 -0.14 41.54 -12.61
C LEU H 40 -0.61 40.48 -11.62
N SER H 41 -1.39 40.89 -10.61
CA SER H 41 -1.81 39.96 -9.57
C SER H 41 -2.65 38.83 -10.16
N VAL H 42 -3.69 39.18 -10.91
CA VAL H 42 -4.56 38.15 -11.48
C VAL H 42 -3.83 37.34 -12.53
N GLN H 43 -2.86 37.94 -13.23
CA GLN H 43 -2.03 37.18 -14.16
C GLN H 43 -1.27 36.08 -13.43
N THR H 44 -0.57 36.43 -12.36
CA THR H 44 0.13 35.42 -11.57
C THR H 44 -0.84 34.39 -11.03
N LEU H 45 -2.02 34.84 -10.61
CA LEU H 45 -3.02 33.93 -10.04
C LEU H 45 -3.42 32.87 -11.06
N VAL H 46 -3.84 33.29 -12.24
CA VAL H 46 -4.29 32.33 -13.25
C VAL H 46 -3.13 31.48 -13.74
N PHE H 47 -1.91 32.04 -13.77
CA PHE H 47 -0.76 31.25 -14.19
C PHE H 47 -0.49 30.12 -13.21
N ILE H 48 -0.52 30.43 -11.91
CA ILE H 48 -0.31 29.40 -10.90
C ILE H 48 -1.43 28.37 -10.93
N THR H 49 -2.67 28.81 -11.16
CA THR H 49 -3.78 27.87 -11.25
C THR H 49 -3.60 26.94 -12.46
N SER H 50 -3.16 27.48 -13.59
CA SER H 50 -2.88 26.64 -14.75
C SER H 50 -1.78 25.64 -14.45
N LEU H 51 -0.73 26.07 -13.76
CA LEU H 51 0.32 25.15 -13.37
C LEU H 51 -0.23 24.04 -12.47
N THR H 52 -1.19 24.38 -11.61
CA THR H 52 -1.83 23.36 -10.78
C THR H 52 -2.57 22.35 -11.64
N PHE H 53 -3.38 22.85 -12.59
CA PHE H 53 -4.14 21.94 -13.45
C PHE H 53 -3.25 21.07 -14.32
N LEU H 54 -2.06 21.57 -14.68
CA LEU H 54 -1.18 21.01 -15.71
C LEU H 54 -1.16 19.48 -15.80
N PRO H 55 -0.82 18.74 -14.73
CA PRO H 55 -0.57 17.30 -14.91
C PRO H 55 -1.77 16.54 -15.48
N ALA H 56 -2.90 16.59 -14.79
CA ALA H 56 -4.06 15.84 -15.24
C ALA H 56 -4.61 16.40 -16.55
N ILE H 57 -4.61 17.72 -16.70
CA ILE H 57 -5.29 18.33 -17.85
C ILE H 57 -4.43 18.37 -19.10
N LEU H 58 -3.16 17.96 -19.02
CA LEU H 58 -2.32 18.03 -20.21
C LEU H 58 -1.61 16.71 -20.47
N LEU H 59 -1.38 15.92 -19.43
CA LEU H 59 -0.60 14.71 -19.61
C LEU H 59 -1.49 13.49 -19.81
N MET H 60 -2.60 13.41 -19.06
CA MET H 60 -3.47 12.24 -19.12
C MET H 60 -4.48 12.30 -20.25
N MET H 61 -4.81 13.49 -20.76
CA MET H 61 -5.91 13.58 -21.72
C MET H 61 -5.58 14.47 -22.92
N THR H 62 -4.32 14.86 -23.10
CA THR H 62 -3.98 15.67 -24.26
C THR H 62 -2.74 15.21 -25.04
N SER H 63 -1.78 14.54 -24.41
CA SER H 63 -0.47 14.36 -25.05
C SER H 63 -0.14 12.90 -25.36
N PHE H 64 -0.10 12.02 -24.37
CA PHE H 64 0.52 10.72 -24.60
C PHE H 64 -0.18 9.55 -23.93
N THR H 65 -1.44 9.70 -23.51
CA THR H 65 -2.11 8.61 -22.80
C THR H 65 -2.14 7.30 -23.58
N ARG H 66 -1.75 7.32 -24.85
CA ARG H 66 -1.65 6.10 -25.63
C ARG H 66 -0.37 5.34 -25.30
N ILE H 67 0.72 6.06 -25.02
CA ILE H 67 2.01 5.41 -24.85
C ILE H 67 2.03 4.56 -23.59
N ILE H 68 1.46 5.07 -22.49
CA ILE H 68 1.48 4.28 -21.25
C ILE H 68 0.54 3.08 -21.37
N ILE H 69 -0.56 3.22 -22.10
CA ILE H 69 -1.43 2.07 -22.33
C ILE H 69 -0.71 1.02 -23.15
N VAL H 70 0.02 1.44 -24.19
CA VAL H 70 0.80 0.51 -24.98
C VAL H 70 1.82 -0.21 -24.11
N PHE H 71 2.52 0.55 -23.25
CA PHE H 71 3.51 -0.06 -22.38
C PHE H 71 2.88 -1.05 -21.41
N GLY H 72 1.71 -0.72 -20.87
CA GLY H 72 1.03 -1.65 -19.97
C GLY H 72 0.61 -2.92 -20.66
N LEU H 73 0.01 -2.81 -21.85
CA LEU H 73 -0.38 -3.98 -22.61
C LEU H 73 0.84 -4.82 -22.98
N LEU H 74 1.97 -4.19 -23.28
CA LEU H 74 3.18 -4.94 -23.57
C LEU H 74 3.66 -5.69 -22.34
N ARG H 75 3.74 -5.00 -21.20
CA ARG H 75 4.16 -5.64 -19.96
C ARG H 75 3.26 -6.81 -19.61
N ASN H 76 1.97 -6.72 -19.90
CA ASN H 76 1.08 -7.85 -19.71
C ASN H 76 1.27 -8.92 -20.77
N ALA H 77 1.78 -8.55 -21.94
CA ALA H 77 1.96 -9.52 -23.02
C ALA H 77 3.20 -10.38 -22.81
N LEU H 78 4.24 -9.82 -22.20
CA LEU H 78 5.46 -10.59 -21.93
C LEU H 78 5.23 -11.72 -20.95
N GLY H 79 4.09 -11.77 -20.28
CA GLY H 79 3.83 -12.82 -19.30
C GLY H 79 4.58 -12.64 -18.00
N THR H 80 4.75 -11.39 -17.56
CA THR H 80 5.51 -11.08 -16.37
C THR H 80 5.13 -9.70 -15.83
N PRO H 81 4.07 -9.63 -15.03
CA PRO H 81 3.64 -8.34 -14.49
C PRO H 81 4.75 -7.67 -13.68
N SER H 82 4.94 -6.37 -13.96
CA SER H 82 5.97 -5.57 -13.31
C SER H 82 7.36 -6.17 -13.51
N ALA H 83 7.69 -6.53 -14.75
CA ALA H 83 9.04 -6.98 -15.04
C ALA H 83 10.03 -5.81 -14.93
N PRO H 84 9.83 -4.67 -15.59
CA PRO H 84 10.54 -3.47 -15.19
C PRO H 84 9.70 -2.68 -14.20
N PRO H 85 10.33 -1.87 -13.35
CA PRO H 85 9.55 -1.06 -12.41
C PRO H 85 8.73 -0.01 -13.14
N ASN H 86 7.66 0.43 -12.50
CA ASN H 86 6.79 1.42 -13.11
C ASN H 86 7.49 2.76 -13.30
N GLN H 87 8.49 3.08 -12.48
CA GLN H 87 9.13 4.38 -12.55
C GLN H 87 9.89 4.57 -13.85
N VAL H 88 10.68 3.58 -14.25
CA VAL H 88 11.47 3.72 -15.47
C VAL H 88 10.56 3.80 -16.69
N LEU H 89 9.47 3.02 -16.69
CA LEU H 89 8.55 3.08 -17.81
C LEU H 89 7.84 4.44 -17.88
N LEU H 90 7.42 4.96 -16.74
CA LEU H 90 6.76 6.26 -16.73
C LEU H 90 7.71 7.40 -17.07
N GLY H 91 9.01 7.22 -16.84
CA GLY H 91 9.97 8.23 -17.24
C GLY H 91 10.28 8.17 -18.72
N LEU H 92 10.35 6.94 -19.25
CA LEU H 92 10.58 6.78 -20.69
C LEU H 92 9.40 7.30 -21.48
N ALA H 93 8.18 7.00 -21.04
CA ALA H 93 6.97 7.48 -21.71
C ALA H 93 6.77 8.98 -21.55
N LEU H 94 7.61 9.66 -20.78
CA LEU H 94 7.60 11.11 -20.67
C LEU H 94 8.69 11.75 -21.52
N PHE H 95 9.90 11.20 -21.50
CA PHE H 95 10.91 11.66 -22.44
C PHE H 95 10.43 11.50 -23.88
N LEU H 96 9.75 10.38 -24.17
CA LEU H 96 9.27 10.15 -25.54
C LEU H 96 8.22 11.17 -25.94
N THR H 97 7.30 11.50 -25.03
CA THR H 97 6.26 12.45 -25.42
C THR H 97 6.82 13.88 -25.52
N PHE H 98 7.84 14.21 -24.71
CA PHE H 98 8.51 15.48 -24.91
C PHE H 98 9.15 15.55 -26.30
N PHE H 99 9.84 14.48 -26.69
CA PHE H 99 10.46 14.46 -28.02
C PHE H 99 9.42 14.51 -29.12
N ILE H 100 8.24 13.92 -28.90
CA ILE H 100 7.22 13.93 -29.94
C ILE H 100 6.58 15.31 -30.04
N MET H 101 6.29 15.94 -28.91
CA MET H 101 5.64 17.24 -28.91
C MET H 101 6.60 18.39 -29.17
N SER H 102 7.90 18.12 -29.30
CA SER H 102 8.89 19.16 -29.60
C SER H 102 8.47 20.18 -30.66
N PRO H 103 7.95 19.82 -31.83
CA PRO H 103 7.63 20.87 -32.82
C PRO H 103 6.44 21.72 -32.42
N VAL H 104 5.38 21.09 -31.90
CA VAL H 104 4.21 21.84 -31.48
C VAL H 104 4.55 22.77 -30.33
N ILE H 105 5.29 22.26 -29.34
CA ILE H 105 5.70 23.12 -28.24
C ILE H 105 6.65 24.20 -28.72
N ASP H 106 7.42 23.95 -29.78
CA ASP H 106 8.29 24.99 -30.32
C ASP H 106 7.48 26.12 -30.93
N LYS H 107 6.50 25.77 -31.77
CA LYS H 107 5.65 26.80 -32.38
C LYS H 107 4.88 27.57 -31.32
N ILE H 108 4.35 26.86 -30.30
CA ILE H 108 3.64 27.52 -29.22
C ILE H 108 4.58 28.43 -28.44
N TYR H 109 5.82 27.97 -28.21
CA TYR H 109 6.81 28.80 -27.54
C TYR H 109 7.01 30.11 -28.30
N VAL H 110 7.25 30.01 -29.61
CA VAL H 110 7.41 31.22 -30.41
C VAL H 110 6.20 32.12 -30.23
N ASP H 111 5.04 31.65 -30.67
CA ASP H 111 3.85 32.49 -30.76
C ASP H 111 3.38 33.02 -29.41
N ALA H 112 3.71 32.33 -28.31
CA ALA H 112 3.26 32.78 -27.00
C ALA H 112 4.32 33.64 -26.32
N TYR H 113 5.51 33.09 -26.08
CA TYR H 113 6.51 33.82 -25.33
C TYR H 113 7.06 35.00 -26.11
N GLN H 114 7.50 34.77 -27.36
CA GLN H 114 8.23 35.81 -28.07
C GLN H 114 7.53 37.15 -28.09
N PRO H 115 6.22 37.26 -28.34
CA PRO H 115 5.54 38.53 -28.10
C PRO H 115 5.43 38.86 -26.62
N PHE H 116 4.94 37.89 -25.82
CA PHE H 116 4.63 38.14 -24.42
C PHE H 116 5.88 38.35 -23.56
N SER H 117 7.03 37.84 -23.98
CA SER H 117 8.25 38.12 -23.22
C SER H 117 8.62 39.60 -23.28
N GLU H 118 8.21 40.30 -24.35
CA GLU H 118 8.50 41.71 -24.53
C GLU H 118 7.22 42.55 -24.59
N GLN H 119 6.17 42.10 -23.91
CA GLN H 119 4.95 42.88 -23.70
C GLN H 119 4.29 43.30 -25.02
N LYS H 120 4.27 42.39 -26.01
CA LYS H 120 3.60 42.70 -27.26
C LYS H 120 2.13 42.32 -27.21
N ILE H 121 1.81 41.20 -26.57
CA ILE H 121 0.44 40.68 -26.55
C ILE H 121 0.00 40.51 -25.11
N SER H 122 -1.32 40.44 -24.92
CA SER H 122 -1.93 40.27 -23.62
C SER H 122 -2.27 38.80 -23.37
N MET H 123 -2.51 38.48 -22.10
CA MET H 123 -2.74 37.09 -21.73
C MET H 123 -4.06 36.58 -22.29
N GLN H 124 -5.11 37.39 -22.24
CA GLN H 124 -6.42 36.97 -22.71
C GLN H 124 -6.42 36.63 -24.20
N GLU H 125 -5.42 37.09 -24.95
CA GLU H 125 -5.24 36.67 -26.33
C GLU H 125 -4.08 35.70 -26.50
N ALA H 126 -3.10 35.74 -25.59
CA ALA H 126 -1.99 34.80 -25.66
C ALA H 126 -2.48 33.37 -25.44
N LEU H 127 -3.46 33.18 -24.54
CA LEU H 127 -4.00 31.85 -24.32
C LEU H 127 -4.61 31.29 -25.60
N ASP H 128 -5.39 32.10 -26.33
CA ASP H 128 -5.98 31.62 -27.57
C ASP H 128 -4.92 31.36 -28.63
N LYS H 129 -4.01 32.33 -28.83
CA LYS H 129 -2.99 32.16 -29.86
C LYS H 129 -2.04 31.03 -29.56
N GLY H 130 -1.95 30.60 -28.30
CA GLY H 130 -1.13 29.45 -27.95
C GLY H 130 -1.87 28.14 -28.08
N ALA H 131 -3.10 28.09 -27.59
CA ALA H 131 -3.89 26.86 -27.66
C ALA H 131 -4.48 26.62 -29.04
N GLN H 132 -4.29 27.52 -29.98
CA GLN H 132 -4.80 27.25 -31.33
C GLN H 132 -3.96 26.20 -32.07
N PRO H 133 -2.64 26.32 -32.17
CA PRO H 133 -1.87 25.27 -32.86
C PRO H 133 -1.85 23.95 -32.11
N LEU H 134 -1.91 23.98 -30.78
CA LEU H 134 -2.06 22.73 -30.04
C LEU H 134 -3.32 22.00 -30.47
N ARG H 135 -4.41 22.75 -30.69
CA ARG H 135 -5.62 22.13 -31.23
C ARG H 135 -5.43 21.71 -32.68
N ALA H 136 -4.64 22.46 -33.45
CA ALA H 136 -4.34 22.06 -34.82
C ALA H 136 -3.63 20.72 -34.87
N PHE H 137 -2.86 20.42 -33.83
CA PHE H 137 -2.23 19.10 -33.73
C PHE H 137 -3.22 18.05 -33.22
N MET H 138 -3.92 18.36 -32.12
CA MET H 138 -4.83 17.42 -31.50
C MET H 138 -6.06 17.11 -32.36
N LEU H 139 -6.27 17.84 -33.46
CA LEU H 139 -7.46 17.62 -34.28
C LEU H 139 -7.32 16.45 -35.24
N ARG H 140 -6.10 16.09 -35.64
CA ARG H 140 -5.94 15.00 -36.60
C ARG H 140 -6.30 13.66 -35.97
N GLN H 141 -5.69 13.34 -34.83
CA GLN H 141 -5.90 12.04 -34.20
C GLN H 141 -7.37 11.78 -33.94
N THR H 142 -8.13 12.82 -33.61
CA THR H 142 -9.56 12.68 -33.38
C THR H 142 -10.26 12.12 -34.61
N ARG H 143 -11.18 11.20 -34.38
CA ARG H 143 -11.99 10.60 -35.44
C ARG H 143 -13.32 11.34 -35.52
N GLU H 144 -13.68 11.77 -36.73
CA GLU H 144 -14.86 12.62 -36.91
C GLU H 144 -16.15 11.92 -36.53
N ALA H 145 -16.18 10.58 -36.52
CA ALA H 145 -17.37 9.88 -36.06
C ALA H 145 -17.64 10.18 -34.60
N ASP H 146 -16.62 10.07 -33.75
CA ASP H 146 -16.79 10.39 -32.34
C ASP H 146 -17.07 11.88 -32.13
N LEU H 147 -16.48 12.74 -32.96
CA LEU H 147 -16.81 14.17 -32.90
C LEU H 147 -18.28 14.40 -33.19
N ALA H 148 -18.83 13.72 -34.19
CA ALA H 148 -20.25 13.84 -34.47
C ALA H 148 -21.09 13.25 -33.35
N LEU H 149 -20.58 12.21 -32.68
CA LEU H 149 -21.31 11.67 -31.54
C LEU H 149 -21.38 12.68 -30.40
N PHE H 150 -20.28 13.37 -30.12
CA PHE H 150 -20.33 14.43 -29.12
C PHE H 150 -21.08 15.65 -29.61
N ALA H 151 -21.21 15.83 -30.93
CA ALA H 151 -22.10 16.85 -31.47
C ALA H 151 -23.54 16.54 -31.10
N ARG H 152 -24.02 15.35 -31.49
CA ARG H 152 -25.32 14.87 -31.02
C ARG H 152 -25.44 14.99 -29.51
N LEU H 153 -24.32 14.86 -28.80
CA LEU H 153 -24.31 15.02 -27.35
C LEU H 153 -24.41 16.47 -26.91
N ALA H 154 -24.06 17.43 -27.78
CA ALA H 154 -24.11 18.83 -27.41
C ALA H 154 -24.82 19.74 -28.41
N ASN H 155 -25.19 19.23 -29.59
CA ASN H 155 -26.02 19.95 -30.56
C ASN H 155 -25.39 21.29 -30.95
N SER H 156 -24.22 21.18 -31.60
CA SER H 156 -23.51 22.33 -32.13
C SER H 156 -23.62 22.34 -33.66
N GLY H 157 -23.72 23.54 -34.23
CA GLY H 157 -23.85 23.69 -35.66
C GLY H 157 -22.51 23.65 -36.37
N PRO H 158 -22.48 23.00 -37.54
CA PRO H 158 -21.24 22.83 -38.31
C PRO H 158 -20.66 24.15 -38.82
N GLU H 163 -13.15 21.48 -37.56
CA GLU H 163 -12.74 22.84 -37.84
C GLU H 163 -13.47 23.83 -36.95
N ALA H 164 -12.71 24.56 -36.13
CA ALA H 164 -13.24 25.54 -35.19
C ALA H 164 -14.28 24.90 -34.27
N VAL H 165 -13.93 23.75 -33.72
CA VAL H 165 -14.81 23.03 -32.79
C VAL H 165 -14.46 23.46 -31.38
N PRO H 166 -15.43 23.89 -30.57
CA PRO H 166 -15.12 24.39 -29.23
C PRO H 166 -14.57 23.32 -28.31
N MET H 167 -14.20 23.73 -27.09
CA MET H 167 -13.42 22.86 -26.20
C MET H 167 -14.25 21.67 -25.72
N ARG H 168 -15.44 21.93 -25.19
CA ARG H 168 -16.21 20.88 -24.52
C ARG H 168 -16.51 19.71 -25.45
N ILE H 169 -16.81 19.99 -26.72
CA ILE H 169 -17.19 18.95 -27.67
C ILE H 169 -15.97 18.32 -28.32
N LEU H 170 -14.77 18.79 -28.01
CA LEU H 170 -13.56 18.30 -28.66
C LEU H 170 -12.71 17.42 -27.75
N LEU H 171 -12.42 17.88 -26.53
CA LEU H 171 -11.53 17.14 -25.63
C LEU H 171 -11.95 15.68 -25.44
N PRO H 172 -13.20 15.35 -25.13
CA PRO H 172 -13.56 13.93 -25.08
C PRO H 172 -13.53 13.27 -26.44
N ALA H 173 -13.81 14.01 -27.51
CA ALA H 173 -13.70 13.44 -28.85
C ALA H 173 -12.28 13.07 -29.20
N TYR H 174 -11.28 13.59 -28.48
CA TYR H 174 -9.90 13.16 -28.61
C TYR H 174 -9.54 12.07 -27.63
N VAL H 175 -10.02 12.17 -26.38
CA VAL H 175 -9.74 11.14 -25.38
C VAL H 175 -10.25 9.79 -25.86
N THR H 176 -11.51 9.74 -26.30
CA THR H 176 -12.08 8.46 -26.72
C THR H 176 -11.44 7.96 -28.00
N SER H 177 -11.08 8.86 -28.92
CA SER H 177 -10.43 8.45 -30.15
C SER H 177 -8.98 8.02 -29.94
N GLU H 178 -8.39 8.36 -28.80
CA GLU H 178 -7.09 7.79 -28.44
C GLU H 178 -7.25 6.46 -27.70
N LEU H 179 -8.28 6.33 -26.88
CA LEU H 179 -8.58 5.06 -26.25
C LEU H 179 -8.85 3.98 -27.30
N LYS H 180 -9.61 4.36 -28.33
CA LYS H 180 -10.02 3.43 -29.41
C LYS H 180 -8.86 3.07 -30.34
N THR H 181 -7.65 3.61 -30.12
CA THR H 181 -6.55 3.27 -31.01
C THR H 181 -5.39 2.67 -30.21
N ALA H 182 -5.32 3.02 -28.92
CA ALA H 182 -4.34 2.36 -28.06
C ALA H 182 -4.53 0.84 -28.07
N PHE H 183 -5.78 0.40 -27.96
CA PHE H 183 -6.05 -1.04 -27.96
C PHE H 183 -5.80 -1.66 -29.33
N GLN H 184 -6.06 -0.91 -30.41
CA GLN H 184 -5.80 -1.43 -31.75
C GLN H 184 -4.32 -1.55 -32.03
N ILE H 185 -3.48 -0.80 -31.30
CA ILE H 185 -2.05 -1.06 -31.35
C ILE H 185 -1.68 -2.23 -30.45
N GLY H 186 -2.31 -2.28 -29.27
CA GLY H 186 -1.95 -3.31 -28.29
C GLY H 186 -2.24 -4.71 -28.77
N PHE H 187 -3.29 -4.85 -29.59
CA PHE H 187 -3.65 -6.15 -30.20
C PHE H 187 -2.52 -6.57 -31.14
N THR H 188 -2.04 -5.63 -31.95
CA THR H 188 -0.93 -5.89 -32.91
C THR H 188 0.33 -6.30 -32.13
N ILE H 189 0.53 -5.72 -30.95
CA ILE H 189 1.66 -6.07 -30.10
C ILE H 189 1.50 -7.49 -29.56
N PHE H 190 0.31 -7.81 -29.09
CA PHE H 190 0.06 -9.09 -28.44
C PHE H 190 0.28 -10.27 -29.41
N ILE H 191 -0.31 -10.19 -30.59
CA ILE H 191 -0.43 -11.32 -31.51
C ILE H 191 0.80 -12.22 -31.58
N PRO H 192 2.03 -11.69 -31.75
CA PRO H 192 3.19 -12.60 -31.84
C PRO H 192 3.42 -13.42 -30.58
N PHE H 193 3.27 -12.81 -29.41
CA PHE H 193 3.49 -13.55 -28.17
C PHE H 193 2.43 -14.62 -27.98
N LEU H 194 1.19 -14.32 -28.34
CA LEU H 194 0.14 -15.34 -28.31
C LEU H 194 0.48 -16.51 -29.22
N ILE H 195 0.99 -16.22 -30.42
CA ILE H 195 1.39 -17.28 -31.34
C ILE H 195 2.51 -18.12 -30.71
N ILE H 196 3.48 -17.47 -30.08
CA ILE H 196 4.57 -18.19 -29.44
C ILE H 196 4.03 -19.13 -28.37
N ASP H 197 3.15 -18.61 -27.51
CA ASP H 197 2.59 -19.44 -26.44
C ASP H 197 1.83 -20.63 -27.01
N LEU H 198 1.04 -20.41 -28.05
CA LEU H 198 0.26 -21.50 -28.61
C LEU H 198 1.16 -22.56 -29.23
N VAL H 199 2.20 -22.15 -29.95
CA VAL H 199 3.05 -23.13 -30.62
C VAL H 199 3.87 -23.91 -29.61
N ILE H 200 4.34 -23.25 -28.55
CA ILE H 200 5.11 -23.99 -27.55
C ILE H 200 4.20 -24.95 -26.78
N ALA H 201 2.95 -24.53 -26.50
CA ALA H 201 2.00 -25.43 -25.87
C ALA H 201 1.74 -26.65 -26.75
N SER H 202 1.60 -26.44 -28.06
CA SER H 202 1.32 -27.55 -28.95
C SER H 202 2.49 -28.51 -29.05
N VAL H 203 3.71 -27.98 -29.22
CA VAL H 203 4.87 -28.86 -29.35
C VAL H 203 5.14 -29.57 -28.02
N LEU H 204 4.75 -28.96 -26.90
CA LEU H 204 4.87 -29.66 -25.61
C LEU H 204 3.86 -30.78 -25.50
N MET H 205 2.59 -30.50 -25.80
CA MET H 205 1.55 -31.53 -25.74
C MET H 205 1.86 -32.68 -26.69
N ALA H 206 2.52 -32.40 -27.81
CA ALA H 206 2.83 -33.44 -28.79
C ALA H 206 3.87 -34.44 -28.30
N LEU H 207 4.34 -34.34 -27.06
CA LEU H 207 5.36 -35.25 -26.55
C LEU H 207 4.92 -36.02 -25.31
N GLY H 208 3.67 -35.87 -24.88
CA GLY H 208 3.19 -36.62 -23.73
C GLY H 208 3.53 -36.02 -22.39
N MET H 209 3.48 -34.70 -22.25
CA MET H 209 3.73 -34.00 -21.00
C MET H 209 2.57 -33.08 -20.68
N MET H 210 1.36 -33.63 -20.73
CA MET H 210 0.13 -32.84 -20.64
C MET H 210 -0.09 -32.22 -19.26
N MET H 211 0.87 -32.38 -18.35
CA MET H 211 0.72 -31.88 -16.99
C MET H 211 1.63 -30.71 -16.66
N VAL H 212 2.70 -30.50 -17.42
CA VAL H 212 3.65 -29.42 -17.13
C VAL H 212 3.12 -28.12 -17.75
N PRO H 213 3.11 -27.01 -17.01
CA PRO H 213 2.62 -25.74 -17.55
C PRO H 213 3.56 -25.22 -18.63
N PRO H 214 3.02 -24.65 -19.70
CA PRO H 214 3.87 -24.20 -20.80
C PRO H 214 4.52 -22.85 -20.58
N ALA H 215 3.87 -21.98 -19.79
CA ALA H 215 4.36 -20.61 -19.64
C ALA H 215 5.75 -20.58 -19.02
N THR H 216 6.05 -21.53 -18.13
CA THR H 216 7.35 -21.57 -17.48
C THR H 216 8.46 -21.74 -18.51
N ILE H 217 8.20 -22.51 -19.57
CA ILE H 217 9.17 -22.64 -20.65
C ILE H 217 8.99 -21.52 -21.68
N ALA H 218 7.84 -20.87 -21.71
CA ALA H 218 7.58 -19.84 -22.71
C ALA H 218 8.31 -18.54 -22.39
N LEU H 219 8.30 -18.15 -21.11
CA LEU H 219 8.98 -16.92 -20.70
C LEU H 219 10.42 -16.80 -21.21
N PRO H 220 11.29 -17.82 -21.05
CA PRO H 220 12.65 -17.68 -21.61
C PRO H 220 12.65 -17.44 -23.10
N PHE H 221 11.90 -18.23 -23.87
CA PHE H 221 11.84 -18.02 -25.30
C PHE H 221 11.21 -16.68 -25.66
N LYS H 222 10.24 -16.23 -24.87
CA LYS H 222 9.62 -14.93 -25.12
C LYS H 222 10.65 -13.81 -25.00
N LEU H 223 11.42 -13.80 -23.92
CA LEU H 223 12.48 -12.80 -23.79
C LEU H 223 13.54 -12.96 -24.86
N MET H 224 13.85 -14.20 -25.23
CA MET H 224 14.84 -14.43 -26.28
C MET H 224 14.41 -13.80 -27.59
N LEU H 225 13.15 -14.01 -27.99
CA LEU H 225 12.66 -13.42 -29.23
C LEU H 225 12.56 -11.90 -29.11
N PHE H 226 12.11 -11.40 -27.96
CA PHE H 226 11.98 -9.96 -27.80
C PHE H 226 13.33 -9.26 -27.80
N VAL H 227 14.42 -9.97 -27.51
CA VAL H 227 15.75 -9.39 -27.63
C VAL H 227 16.29 -9.55 -29.05
N LEU H 228 16.08 -10.72 -29.66
CA LEU H 228 16.70 -11.05 -30.92
C LEU H 228 16.26 -10.16 -32.08
N VAL H 229 15.22 -9.36 -31.91
CA VAL H 229 14.68 -8.60 -33.03
C VAL H 229 14.85 -7.10 -32.80
N ASP H 230 15.90 -6.71 -32.08
CA ASP H 230 16.21 -5.31 -31.81
C ASP H 230 15.01 -4.60 -31.18
N GLY H 231 14.49 -5.23 -30.13
CA GLY H 231 13.18 -4.94 -29.61
C GLY H 231 12.81 -3.49 -29.33
N TRP H 232 13.47 -2.86 -28.37
CA TRP H 232 12.93 -1.64 -27.79
C TRP H 232 13.09 -0.44 -28.73
N GLN H 233 14.21 -0.37 -29.45
CA GLN H 233 14.41 0.75 -30.37
C GLN H 233 13.38 0.71 -31.50
N LEU H 234 13.25 -0.45 -32.16
CA LEU H 234 12.21 -0.61 -33.16
C LEU H 234 10.84 -0.31 -32.59
N LEU H 235 10.57 -0.76 -31.37
CA LEU H 235 9.27 -0.53 -30.75
C LEU H 235 8.96 0.96 -30.65
N MET H 236 9.87 1.68 -29.98
CA MET H 236 9.64 3.13 -29.80
C MET H 236 9.47 3.79 -31.18
N GLY H 237 10.41 3.51 -32.08
CA GLY H 237 10.39 4.18 -33.38
C GLY H 237 9.09 3.93 -34.13
N SER H 238 8.61 2.69 -34.11
CA SER H 238 7.34 2.39 -34.77
C SER H 238 6.19 3.10 -34.09
N LEU H 239 6.21 3.17 -32.76
CA LEU H 239 5.15 3.89 -32.05
C LEU H 239 5.15 5.36 -32.44
N ALA H 240 6.33 5.99 -32.45
CA ALA H 240 6.43 7.39 -32.84
C ALA H 240 5.91 7.60 -34.25
N GLN H 241 6.43 6.83 -35.22
CA GLN H 241 6.00 7.01 -36.60
C GLN H 241 4.50 6.80 -36.76
N SER H 242 3.93 5.80 -36.07
CA SER H 242 2.51 5.57 -36.15
C SER H 242 1.71 6.70 -35.49
N PHE H 243 2.32 7.41 -34.55
CA PHE H 243 1.67 8.60 -34.02
C PHE H 243 1.83 9.80 -34.94
N TYR H 244 2.86 9.79 -35.78
CA TYR H 244 3.18 10.89 -36.69
C TYR H 244 2.15 10.96 -37.81
N SER H 245 2.09 9.92 -38.64
CA SER H 245 1.13 9.83 -39.72
C SER H 245 1.18 8.45 -40.37
N GLY I 35 34.84 17.65 26.02
CA GLY I 35 34.57 16.60 25.06
C GLY I 35 33.41 16.92 24.14
N GLN I 36 33.54 16.52 22.86
CA GLN I 36 32.48 16.77 21.90
C GLN I 36 31.30 15.85 22.14
N SER I 37 30.12 16.31 21.76
CA SER I 37 28.89 15.55 21.92
C SER I 37 27.85 16.11 20.95
N TRP I 38 26.60 15.70 21.14
CA TRP I 38 25.49 16.18 20.34
C TRP I 38 24.48 16.87 21.24
N SER I 39 23.83 17.90 20.72
CA SER I 39 22.77 18.57 21.44
C SER I 39 21.56 17.65 21.57
N LEU I 40 20.58 18.08 22.38
CA LEU I 40 19.40 17.26 22.60
C LEU I 40 18.50 17.22 21.37
N SER I 41 18.38 18.35 20.66
CA SER I 41 17.53 18.40 19.49
C SER I 41 17.99 17.40 18.44
N VAL I 42 19.27 17.43 18.08
CA VAL I 42 19.77 16.51 17.07
C VAL I 42 19.74 15.07 17.58
N GLN I 43 19.86 14.88 18.89
CA GLN I 43 19.77 13.53 19.45
C GLN I 43 18.38 12.94 19.22
N THR I 44 17.34 13.66 19.64
CA THR I 44 15.99 13.14 19.41
C THR I 44 15.67 13.07 17.92
N LEU I 45 16.28 13.94 17.11
CA LEU I 45 16.08 13.86 15.68
C LEU I 45 16.62 12.55 15.12
N VAL I 46 17.86 12.21 15.45
CA VAL I 46 18.45 10.99 14.93
C VAL I 46 17.76 9.77 15.52
N PHE I 47 17.22 9.88 16.73
CA PHE I 47 16.48 8.75 17.31
C PHE I 47 15.18 8.51 16.54
N ILE I 48 14.38 9.56 16.34
CA ILE I 48 13.16 9.44 15.56
C ILE I 48 13.46 8.94 14.16
N THR I 49 14.58 9.38 13.58
CA THR I 49 14.94 8.94 12.24
C THR I 49 15.27 7.45 12.24
N SER I 50 16.15 7.01 13.14
CA SER I 50 16.49 5.60 13.21
C SER I 50 15.27 4.73 13.47
N LEU I 51 14.26 5.27 14.14
CA LEU I 51 13.05 4.48 14.37
C LEU I 51 12.33 4.17 13.06
N THR I 52 12.80 4.72 11.94
CA THR I 52 12.25 4.38 10.64
C THR I 52 13.01 3.22 10.01
N PHE I 53 14.32 3.39 9.82
CA PHE I 53 15.12 2.32 9.21
C PHE I 53 15.17 1.11 10.13
N LEU I 54 15.69 1.29 11.35
CA LEU I 54 15.99 0.19 12.27
C LEU I 54 14.97 -0.93 12.29
N PRO I 55 13.67 -0.70 12.52
CA PRO I 55 12.73 -1.84 12.59
C PRO I 55 12.73 -2.64 11.29
N ALA I 56 12.39 -1.99 10.18
CA ALA I 56 12.19 -2.69 8.92
C ALA I 56 13.42 -3.49 8.50
N ILE I 57 14.54 -2.81 8.25
CA ILE I 57 15.69 -3.53 7.70
C ILE I 57 16.46 -4.24 8.80
N LEU I 58 16.62 -3.62 9.97
CA LEU I 58 17.31 -4.33 11.05
C LEU I 58 16.52 -5.51 11.57
N LEU I 59 15.29 -5.73 11.10
CA LEU I 59 14.70 -7.04 11.18
C LEU I 59 14.98 -7.85 9.93
N MET I 60 14.84 -7.21 8.76
CA MET I 60 14.98 -7.93 7.50
C MET I 60 16.41 -8.42 7.29
N MET I 61 17.36 -7.51 7.14
CA MET I 61 18.71 -7.87 6.75
C MET I 61 19.64 -8.05 7.95
N THR I 62 19.10 -8.37 9.11
CA THR I 62 20.00 -8.54 10.25
C THR I 62 19.79 -9.84 11.01
N SER I 63 18.55 -10.28 11.21
CA SER I 63 18.42 -11.37 12.17
C SER I 63 17.61 -12.56 11.69
N PHE I 64 16.51 -12.36 10.94
CA PHE I 64 15.55 -13.43 10.74
C PHE I 64 15.08 -13.60 9.30
N THR I 65 15.76 -13.01 8.33
CA THR I 65 15.43 -13.31 6.94
C THR I 65 15.79 -14.75 6.62
N ARG I 66 16.51 -15.40 7.53
CA ARG I 66 16.88 -16.80 7.40
C ARG I 66 15.82 -17.73 7.93
N ILE I 67 14.67 -17.20 8.34
CA ILE I 67 13.59 -18.00 8.91
C ILE I 67 12.37 -18.00 8.00
N ILE I 68 11.87 -16.83 7.64
CA ILE I 68 10.64 -16.75 6.86
C ILE I 68 10.81 -17.44 5.51
N ILE I 69 12.03 -17.47 4.97
CA ILE I 69 12.27 -18.26 3.76
C ILE I 69 12.04 -19.74 4.05
N VAL I 70 12.46 -20.20 5.22
CA VAL I 70 12.25 -21.60 5.57
C VAL I 70 10.77 -21.89 5.75
N PHE I 71 10.04 -20.99 6.39
CA PHE I 71 8.60 -21.17 6.53
C PHE I 71 7.92 -21.20 5.18
N GLY I 72 8.33 -20.34 4.25
CA GLY I 72 7.76 -20.36 2.92
C GLY I 72 8.04 -21.67 2.19
N LEU I 73 9.28 -22.16 2.28
CA LEU I 73 9.63 -23.41 1.64
C LEU I 73 8.86 -24.58 2.25
N LEU I 74 8.66 -24.55 3.57
CA LEU I 74 7.85 -25.56 4.22
C LEU I 74 6.42 -25.53 3.68
N ARG I 75 5.79 -24.35 3.71
CA ARG I 75 4.42 -24.21 3.21
C ARG I 75 4.30 -24.71 1.79
N ASN I 76 5.30 -24.40 0.95
CA ASN I 76 5.28 -24.92 -0.42
C ASN I 76 5.47 -26.43 -0.43
N ALA I 77 6.18 -26.98 0.55
CA ALA I 77 6.46 -28.41 0.54
C ALA I 77 5.21 -29.23 0.88
N LEU I 78 4.37 -28.72 1.76
CA LEU I 78 3.17 -29.45 2.16
C LEU I 78 2.11 -29.46 1.08
N GLY I 79 2.37 -28.92 -0.11
CA GLY I 79 1.39 -28.93 -1.18
C GLY I 79 0.11 -28.19 -0.86
N THR I 80 0.13 -27.32 0.14
CA THR I 80 -1.05 -26.59 0.58
C THR I 80 -0.67 -25.14 0.83
N PRO I 81 -0.57 -24.33 -0.23
CA PRO I 81 -0.19 -22.93 -0.06
C PRO I 81 -1.21 -22.19 0.80
N SER I 82 -0.69 -21.29 1.65
CA SER I 82 -1.50 -20.51 2.58
C SER I 82 -2.40 -21.42 3.44
N ALA I 83 -1.85 -22.54 3.90
CA ALA I 83 -2.59 -23.36 4.84
C ALA I 83 -2.61 -22.67 6.20
N PRO I 84 -1.48 -22.30 6.79
CA PRO I 84 -1.52 -21.40 7.93
C PRO I 84 -1.50 -19.95 7.47
N PRO I 85 -2.37 -19.12 8.03
CA PRO I 85 -2.45 -17.73 7.55
C PRO I 85 -1.13 -17.01 7.74
N ASN I 86 -0.84 -16.09 6.80
CA ASN I 86 0.46 -15.42 6.80
C ASN I 86 0.70 -14.63 8.07
N GLN I 87 -0.36 -14.14 8.71
CA GLN I 87 -0.19 -13.40 9.96
C GLN I 87 0.35 -14.30 11.07
N VAL I 88 -0.17 -15.51 11.18
CA VAL I 88 0.30 -16.43 12.21
C VAL I 88 1.77 -16.77 11.98
N LEU I 89 2.15 -17.02 10.73
CA LEU I 89 3.54 -17.36 10.44
C LEU I 89 4.46 -16.18 10.71
N LEU I 90 4.08 -14.99 10.25
CA LEU I 90 4.91 -13.81 10.45
C LEU I 90 4.93 -13.35 11.90
N GLY I 91 4.01 -13.84 12.74
CA GLY I 91 4.09 -13.56 14.15
C GLY I 91 4.95 -14.58 14.88
N LEU I 92 4.82 -15.85 14.47
CA LEU I 92 5.63 -16.89 15.08
C LEU I 92 7.11 -16.68 14.78
N ALA I 93 7.42 -16.29 13.54
CA ALA I 93 8.81 -15.99 13.20
C ALA I 93 9.33 -14.82 14.02
N LEU I 94 8.48 -13.82 14.25
CA LEU I 94 8.92 -12.65 15.02
C LEU I 94 9.18 -13.02 16.48
N PHE I 95 8.32 -13.84 17.07
CA PHE I 95 8.58 -14.26 18.45
C PHE I 95 9.80 -15.17 18.52
N LEU I 96 9.97 -16.05 17.53
CA LEU I 96 11.15 -16.90 17.52
C LEU I 96 12.43 -16.08 17.42
N THR I 97 12.41 -14.99 16.65
CA THR I 97 13.62 -14.19 16.53
C THR I 97 13.81 -13.28 17.73
N PHE I 98 12.73 -12.90 18.43
CA PHE I 98 12.90 -12.23 19.70
C PHE I 98 13.31 -13.18 20.82
N PHE I 99 13.29 -14.48 20.57
CA PHE I 99 13.87 -15.44 21.51
C PHE I 99 15.28 -15.87 21.13
N ILE I 100 15.63 -15.80 19.84
CA ILE I 100 17.01 -16.05 19.44
C ILE I 100 17.89 -14.86 19.79
N MET I 101 17.30 -13.67 19.91
CA MET I 101 18.04 -12.45 20.18
C MET I 101 18.04 -12.09 21.65
N SER I 102 18.09 -13.07 22.54
CA SER I 102 18.24 -12.75 23.95
C SER I 102 19.66 -12.31 24.30
N PRO I 103 20.73 -13.04 23.96
CA PRO I 103 22.05 -12.62 24.46
C PRO I 103 22.54 -11.35 23.79
N VAL I 104 22.35 -11.21 22.49
CA VAL I 104 22.81 -10.03 21.78
C VAL I 104 22.10 -8.79 22.32
N ILE I 105 20.77 -8.85 22.41
CA ILE I 105 20.02 -7.70 22.90
C ILE I 105 20.37 -7.42 24.35
N ASP I 106 20.70 -8.45 25.13
CA ASP I 106 21.06 -8.22 26.53
C ASP I 106 22.41 -7.51 26.64
N LYS I 107 23.41 -7.96 25.88
CA LYS I 107 24.68 -7.27 25.84
C LYS I 107 24.50 -5.82 25.40
N ILE I 108 23.73 -5.61 24.34
CA ILE I 108 23.49 -4.25 23.85
C ILE I 108 22.86 -3.41 24.95
N TYR I 109 21.81 -3.93 25.58
CA TYR I 109 21.12 -3.19 26.62
C TYR I 109 22.08 -2.78 27.72
N VAL I 110 22.79 -3.75 28.31
CA VAL I 110 23.68 -3.42 29.42
C VAL I 110 24.73 -2.39 28.98
N ASP I 111 25.58 -2.78 28.03
CA ASP I 111 26.74 -1.95 27.69
C ASP I 111 26.37 -0.63 27.05
N ALA I 112 25.16 -0.47 26.54
CA ALA I 112 24.74 0.81 25.98
C ALA I 112 23.99 1.66 27.01
N TYR I 113 22.87 1.15 27.52
CA TYR I 113 22.02 1.97 28.37
C TYR I 113 22.65 2.21 29.73
N GLN I 114 23.18 1.16 30.37
CA GLN I 114 23.70 1.36 31.72
C GLN I 114 24.83 2.39 31.79
N PRO I 115 25.69 2.56 30.78
CA PRO I 115 26.59 3.72 30.78
C PRO I 115 26.05 4.94 30.03
N PHE I 116 24.83 4.91 29.50
CA PHE I 116 24.29 6.05 28.79
C PHE I 116 22.92 6.51 29.26
N SER I 117 22.05 5.60 29.70
CA SER I 117 20.72 6.01 30.13
C SER I 117 20.76 7.02 31.27
N GLU I 118 21.82 7.00 32.07
CA GLU I 118 22.06 8.02 33.08
C GLU I 118 23.19 8.96 32.64
N GLN I 119 23.29 9.21 31.34
CA GLN I 119 24.23 10.14 30.71
C GLN I 119 25.62 10.07 31.34
N LYS I 120 26.23 8.88 31.24
CA LYS I 120 27.62 8.69 31.62
C LYS I 120 28.54 8.54 30.41
N ILE I 121 28.02 8.79 29.20
CA ILE I 121 28.81 8.66 27.98
C ILE I 121 28.10 9.43 26.88
N SER I 122 28.84 9.80 25.84
CA SER I 122 28.26 10.53 24.73
C SER I 122 27.53 9.60 23.78
N MET I 123 26.47 10.12 23.17
CA MET I 123 25.69 9.35 22.20
C MET I 123 26.57 8.87 21.05
N GLN I 124 27.41 9.76 20.53
CA GLN I 124 28.20 9.47 19.33
C GLN I 124 29.14 8.28 19.53
N GLU I 125 29.53 8.00 20.77
CA GLU I 125 30.37 6.84 21.05
C GLU I 125 29.58 5.67 21.61
N ALA I 126 28.51 5.93 22.34
CA ALA I 126 27.64 4.85 22.79
C ALA I 126 27.02 4.12 21.61
N LEU I 127 26.81 4.81 20.50
CA LEU I 127 26.30 4.14 19.30
C LEU I 127 27.23 3.00 18.89
N ASP I 128 28.53 3.27 18.81
CA ASP I 128 29.48 2.24 18.41
C ASP I 128 29.63 1.19 19.50
N LYS I 129 29.74 1.61 20.75
CA LYS I 129 29.90 0.65 21.85
C LYS I 129 28.68 -0.26 21.99
N GLY I 130 27.53 0.15 21.46
CA GLY I 130 26.34 -0.69 21.49
C GLY I 130 26.12 -1.47 20.21
N ALA I 131 26.68 -0.99 19.10
CA ALA I 131 26.60 -1.74 17.86
C ALA I 131 27.71 -2.77 17.71
N GLN I 132 28.71 -2.75 18.60
CA GLN I 132 29.74 -3.79 18.57
C GLN I 132 29.20 -5.20 18.70
N PRO I 133 28.32 -5.53 19.66
CA PRO I 133 27.86 -6.93 19.78
C PRO I 133 27.15 -7.43 18.54
N LEU I 134 26.37 -6.58 17.88
CA LEU I 134 25.72 -6.97 16.64
C LEU I 134 26.75 -7.30 15.58
N ARG I 135 27.80 -6.48 15.48
CA ARG I 135 28.88 -6.77 14.55
C ARG I 135 29.51 -8.12 14.85
N ALA I 136 29.71 -8.43 16.14
CA ALA I 136 30.32 -9.71 16.50
C ALA I 136 29.42 -10.88 16.11
N PHE I 137 28.15 -10.80 16.47
CA PHE I 137 27.21 -11.88 16.14
C PHE I 137 27.13 -12.08 14.64
N MET I 138 27.09 -11.00 13.87
CA MET I 138 27.18 -11.12 12.42
C MET I 138 28.47 -11.82 12.00
N LEU I 139 29.59 -11.38 12.55
CA LEU I 139 30.90 -11.92 12.17
C LEU I 139 31.02 -13.40 12.49
N ARG I 140 30.17 -13.93 13.37
CA ARG I 140 30.16 -15.39 13.55
C ARG I 140 29.45 -16.06 12.39
N GLN I 141 28.17 -15.76 12.20
CA GLN I 141 27.40 -16.38 11.13
C GLN I 141 27.76 -15.78 9.79
N THR I 142 28.78 -16.31 9.12
CA THR I 142 29.19 -15.75 7.83
C THR I 142 30.11 -16.75 7.14
N ARG I 143 29.89 -16.94 5.84
CA ARG I 143 30.79 -17.71 5.00
C ARG I 143 31.77 -16.76 4.32
N GLU I 144 33.06 -17.08 4.43
CA GLU I 144 34.09 -16.11 4.07
C GLU I 144 34.11 -15.79 2.59
N ALA I 145 33.61 -16.69 1.75
CA ALA I 145 33.67 -16.47 0.30
C ALA I 145 33.07 -15.13 -0.09
N ASP I 146 31.98 -14.72 0.56
CA ASP I 146 31.34 -13.46 0.20
C ASP I 146 32.11 -12.27 0.73
N LEU I 147 32.69 -12.40 1.93
CA LEU I 147 33.60 -11.37 2.43
C LEU I 147 34.73 -11.13 1.44
N ALA I 148 35.33 -12.23 0.93
CA ALA I 148 36.43 -12.09 -0.02
C ALA I 148 35.96 -11.50 -1.34
N LEU I 149 34.78 -11.92 -1.82
CA LEU I 149 34.23 -11.33 -3.03
C LEU I 149 34.10 -9.82 -2.90
N PHE I 150 33.36 -9.36 -1.88
CA PHE I 150 33.14 -7.92 -1.74
C PHE I 150 34.44 -7.18 -1.46
N ALA I 151 35.39 -7.81 -0.77
CA ALA I 151 36.68 -7.17 -0.53
C ALA I 151 37.41 -6.94 -1.84
N ARG I 152 37.61 -8.00 -2.62
CA ARG I 152 38.24 -7.84 -3.93
C ARG I 152 37.44 -6.93 -4.85
N LEU I 153 36.16 -6.70 -4.55
CA LEU I 153 35.37 -5.78 -5.36
C LEU I 153 35.66 -4.32 -4.98
N ALA I 154 35.47 -3.97 -3.72
CA ALA I 154 35.69 -2.59 -3.28
C ALA I 154 37.18 -2.20 -3.31
N ASN I 155 38.08 -3.16 -3.54
CA ASN I 155 39.51 -2.90 -3.66
C ASN I 155 40.06 -2.23 -2.39
N SER I 156 39.98 -2.99 -1.30
CA SER I 156 40.54 -2.58 -0.02
C SER I 156 41.63 -3.55 0.39
N GLY I 157 42.52 -3.08 1.26
CA GLY I 157 43.62 -3.90 1.74
C GLY I 157 43.85 -3.80 3.24
N GLU I 163 39.53 -9.02 10.60
CA GLU I 163 40.29 -8.01 11.31
C GLU I 163 39.44 -6.79 11.63
N ALA I 164 38.32 -7.00 12.32
CA ALA I 164 37.38 -5.94 12.67
C ALA I 164 36.94 -5.18 11.42
N VAL I 165 36.29 -5.91 10.51
CA VAL I 165 35.88 -5.41 9.21
C VAL I 165 34.94 -4.22 9.38
N PRO I 166 34.92 -3.28 8.43
CA PRO I 166 34.02 -2.12 8.55
C PRO I 166 32.55 -2.49 8.38
N MET I 167 31.69 -1.48 8.40
CA MET I 167 30.25 -1.73 8.30
C MET I 167 29.84 -2.14 6.89
N ARG I 168 30.39 -1.47 5.88
CA ARG I 168 29.98 -1.75 4.50
C ARG I 168 30.33 -3.17 4.10
N ILE I 169 31.61 -3.52 4.16
CA ILE I 169 32.10 -4.76 3.57
C ILE I 169 31.54 -6.01 4.23
N LEU I 170 30.86 -5.86 5.37
CA LEU I 170 30.36 -7.02 6.10
C LEU I 170 28.90 -7.33 5.78
N LEU I 171 28.08 -6.30 5.59
CA LEU I 171 26.63 -6.50 5.55
C LEU I 171 26.18 -7.36 4.38
N PRO I 172 26.46 -7.03 3.12
CA PRO I 172 25.99 -7.90 2.03
C PRO I 172 26.64 -9.26 2.04
N ALA I 173 27.92 -9.35 2.44
CA ALA I 173 28.57 -10.63 2.56
C ALA I 173 27.95 -11.49 3.65
N TYR I 174 27.18 -10.89 4.55
CA TYR I 174 26.45 -11.63 5.55
C TYR I 174 25.06 -12.00 5.06
N VAL I 175 24.40 -11.09 4.34
CA VAL I 175 23.08 -11.39 3.79
C VAL I 175 23.17 -12.55 2.81
N THR I 176 24.22 -12.58 1.99
CA THR I 176 24.38 -13.68 1.05
C THR I 176 24.69 -14.98 1.78
N SER I 177 25.54 -14.92 2.80
CA SER I 177 25.86 -16.12 3.56
C SER I 177 24.67 -16.62 4.37
N GLU I 178 23.67 -15.77 4.59
CA GLU I 178 22.42 -16.24 5.19
C GLU I 178 21.53 -16.88 4.14
N LEU I 179 21.40 -16.23 2.97
CA LEU I 179 20.57 -16.78 1.92
C LEU I 179 21.09 -18.11 1.40
N LYS I 180 22.37 -18.40 1.58
CA LYS I 180 22.88 -19.72 1.19
C LYS I 180 22.33 -20.80 2.12
N THR I 181 22.62 -20.69 3.41
CA THR I 181 22.16 -21.71 4.35
C THR I 181 20.65 -21.77 4.45
N ALA I 182 19.94 -20.70 4.07
CA ALA I 182 18.49 -20.77 4.04
C ALA I 182 18.01 -21.88 3.10
N PHE I 183 18.49 -21.84 1.86
CA PHE I 183 18.12 -22.89 0.91
C PHE I 183 18.76 -24.23 1.28
N GLN I 184 19.97 -24.18 1.85
CA GLN I 184 20.60 -25.42 2.28
C GLN I 184 19.79 -26.13 3.34
N ILE I 185 19.01 -25.39 4.13
CA ILE I 185 18.11 -25.99 5.10
C ILE I 185 16.80 -26.39 4.44
N GLY I 186 16.27 -25.51 3.58
CA GLY I 186 14.99 -25.79 2.93
C GLY I 186 14.99 -27.06 2.10
N PHE I 187 16.13 -27.39 1.47
CA PHE I 187 16.19 -28.62 0.69
C PHE I 187 16.04 -29.85 1.57
N THR I 188 16.75 -29.88 2.70
CA THR I 188 16.60 -30.99 3.63
C THR I 188 15.20 -31.04 4.21
N ILE I 189 14.55 -29.88 4.35
CA ILE I 189 13.16 -29.88 4.78
C ILE I 189 12.26 -30.50 3.70
N PHE I 190 12.55 -30.22 2.44
CA PHE I 190 11.77 -30.75 1.33
C PHE I 190 11.92 -32.27 1.21
N ILE I 191 13.09 -32.80 1.56
CA ILE I 191 13.42 -34.21 1.32
C ILE I 191 12.34 -35.19 1.79
N PRO I 192 11.90 -35.16 3.06
CA PRO I 192 10.96 -36.21 3.50
C PRO I 192 9.62 -36.20 2.77
N PHE I 193 9.02 -35.02 2.58
CA PHE I 193 7.75 -34.95 1.87
C PHE I 193 7.90 -35.36 0.42
N LEU I 194 9.04 -35.05 -0.20
CA LEU I 194 9.31 -35.54 -1.55
C LEU I 194 9.34 -37.07 -1.57
N ILE I 195 10.01 -37.67 -0.58
CA ILE I 195 10.04 -39.13 -0.50
C ILE I 195 8.63 -39.69 -0.34
N ILE I 196 7.82 -39.05 0.48
CA ILE I 196 6.45 -39.52 0.71
C ILE I 196 5.66 -39.46 -0.59
N ASP I 197 5.73 -38.34 -1.31
CA ASP I 197 5.02 -38.21 -2.57
C ASP I 197 5.47 -39.28 -3.55
N LEU I 198 6.79 -39.51 -3.64
CA LEU I 198 7.28 -40.49 -4.59
C LEU I 198 6.78 -41.89 -4.24
N VAL I 199 6.82 -42.26 -2.97
CA VAL I 199 6.44 -43.62 -2.59
C VAL I 199 4.95 -43.82 -2.77
N ILE I 200 4.14 -42.80 -2.45
CA ILE I 200 2.71 -42.97 -2.63
C ILE I 200 2.35 -43.02 -4.11
N ALA I 201 3.08 -42.28 -4.96
CA ALA I 201 2.83 -42.36 -6.39
C ALA I 201 3.21 -43.73 -6.93
N SER I 202 4.34 -44.28 -6.48
CA SER I 202 4.74 -45.60 -6.94
C SER I 202 3.73 -46.66 -6.50
N VAL I 203 3.26 -46.57 -5.25
CA VAL I 203 2.29 -47.55 -4.76
C VAL I 203 0.98 -47.44 -5.53
N LEU I 204 0.55 -46.20 -5.80
CA LEU I 204 -0.68 -46.01 -6.56
C LEU I 204 -0.54 -46.50 -8.00
N MET I 205 0.66 -46.40 -8.57
CA MET I 205 0.89 -46.90 -9.91
C MET I 205 0.98 -48.43 -9.95
N ALA I 206 1.42 -49.04 -8.85
CA ALA I 206 1.54 -50.50 -8.82
C ALA I 206 0.20 -51.18 -9.01
N LEU I 207 -0.89 -50.57 -8.54
CA LEU I 207 -2.21 -51.17 -8.65
C LEU I 207 -2.89 -50.89 -9.97
N GLY I 208 -2.16 -50.42 -10.97
CA GLY I 208 -2.74 -50.18 -12.29
C GLY I 208 -3.83 -49.14 -12.30
N MET I 209 -3.70 -48.10 -11.47
CA MET I 209 -4.71 -47.05 -11.39
C MET I 209 -4.15 -45.73 -11.91
N MET I 210 -3.44 -45.79 -13.03
CA MET I 210 -2.70 -44.66 -13.60
C MET I 210 -3.44 -43.34 -13.55
N MET I 211 -4.74 -43.36 -13.83
CA MET I 211 -5.55 -42.14 -13.90
C MET I 211 -6.19 -41.89 -12.54
N VAL I 212 -5.47 -41.17 -11.68
CA VAL I 212 -5.99 -40.73 -10.39
C VAL I 212 -5.06 -39.65 -9.85
N PRO I 213 -5.58 -38.53 -9.35
CA PRO I 213 -4.71 -37.49 -8.80
C PRO I 213 -4.01 -37.98 -7.54
N PRO I 214 -2.68 -37.85 -7.47
CA PRO I 214 -1.95 -38.37 -6.30
C PRO I 214 -2.01 -37.44 -5.10
N ALA I 215 -2.03 -36.13 -5.34
CA ALA I 215 -1.92 -35.17 -4.24
C ALA I 215 -3.10 -35.27 -3.29
N THR I 216 -4.30 -35.55 -3.83
CA THR I 216 -5.48 -35.64 -2.99
C THR I 216 -5.37 -36.75 -1.97
N ILE I 217 -4.61 -37.81 -2.29
CA ILE I 217 -4.35 -38.85 -1.31
C ILE I 217 -3.07 -38.58 -0.51
N ALA I 218 -2.12 -37.84 -1.09
CA ALA I 218 -0.85 -37.60 -0.41
C ALA I 218 -1.01 -36.65 0.77
N LEU I 219 -1.75 -35.55 0.56
CA LEU I 219 -1.91 -34.53 1.60
C LEU I 219 -2.32 -35.09 2.96
N PRO I 220 -3.33 -35.95 3.09
CA PRO I 220 -3.66 -36.47 4.42
C PRO I 220 -2.52 -37.24 5.06
N PHE I 221 -1.85 -38.12 4.31
CA PHE I 221 -0.73 -38.86 4.86
C PHE I 221 0.42 -37.91 5.24
N LYS I 222 0.63 -36.87 4.44
CA LYS I 222 1.63 -35.87 4.78
C LYS I 222 1.34 -35.24 6.13
N LEU I 223 0.13 -34.72 6.30
CA LEU I 223 -0.22 -34.09 7.57
C LEU I 223 -0.16 -35.08 8.72
N MET I 224 -0.51 -36.34 8.48
CA MET I 224 -0.45 -37.35 9.53
C MET I 224 0.98 -37.56 10.00
N LEU I 225 1.88 -37.86 9.05
CA LEU I 225 3.27 -38.06 9.42
C LEU I 225 3.86 -36.81 10.07
N PHE I 226 3.41 -35.63 9.63
CA PHE I 226 3.89 -34.39 10.23
C PHE I 226 3.49 -34.31 11.70
N VAL I 227 2.19 -34.38 11.98
CA VAL I 227 1.71 -34.16 13.33
C VAL I 227 2.09 -35.33 14.25
N LEU I 228 2.43 -36.49 13.69
CA LEU I 228 2.78 -37.63 14.53
C LEU I 228 4.21 -37.61 15.01
N VAL I 229 5.07 -36.77 14.42
CA VAL I 229 6.46 -36.68 14.81
C VAL I 229 6.77 -35.36 15.52
N ASP I 230 5.75 -34.72 16.09
CA ASP I 230 5.89 -33.45 16.80
C ASP I 230 6.49 -32.38 15.87
N GLY I 231 5.72 -32.06 14.84
CA GLY I 231 6.15 -31.19 13.76
C GLY I 231 6.87 -29.92 14.15
N TRP I 232 6.20 -29.01 14.85
CA TRP I 232 6.77 -27.70 15.06
C TRP I 232 7.79 -27.70 16.20
N GLN I 233 7.50 -28.39 17.30
CA GLN I 233 8.45 -28.47 18.41
C GLN I 233 9.77 -29.09 18.01
N LEU I 234 9.83 -29.76 16.86
CA LEU I 234 11.10 -30.23 16.32
C LEU I 234 11.61 -29.34 15.20
N LEU I 235 10.73 -28.79 14.38
CA LEU I 235 11.14 -27.90 13.31
C LEU I 235 11.86 -26.68 13.87
N MET I 236 11.15 -25.91 14.69
CA MET I 236 11.75 -24.68 15.27
C MET I 236 13.00 -25.09 16.06
N GLY I 237 12.90 -26.18 16.80
CA GLY I 237 14.02 -26.58 17.63
C GLY I 237 15.28 -26.79 16.82
N SER I 238 15.20 -27.60 15.76
CA SER I 238 16.34 -27.81 14.89
C SER I 238 16.79 -26.50 14.24
N LEU I 239 15.85 -25.66 13.85
CA LEU I 239 16.19 -24.39 13.22
C LEU I 239 17.01 -23.52 14.17
N ALA I 240 16.49 -23.29 15.38
CA ALA I 240 17.22 -22.48 16.36
C ALA I 240 18.57 -23.09 16.69
N GLN I 241 18.60 -24.39 16.98
CA GLN I 241 19.86 -25.02 17.36
C GLN I 241 20.86 -25.05 16.21
N SER I 242 20.40 -24.89 14.98
CA SER I 242 21.33 -24.69 13.87
C SER I 242 21.79 -23.24 13.79
N PHE I 243 20.88 -22.30 14.06
CA PHE I 243 21.26 -20.91 14.24
C PHE I 243 22.13 -20.70 15.48
N TYR I 244 22.28 -21.74 16.31
CA TYR I 244 23.05 -21.70 17.53
C TYR I 244 24.50 -22.13 17.33
N SER I 245 24.89 -22.43 16.09
CA SER I 245 26.22 -22.91 15.75
C SER I 245 26.58 -24.18 16.52
N GLY J 35 -1.16 2.03 43.19
CA GLY J 35 -0.86 2.45 41.83
C GLY J 35 -1.60 3.71 41.41
N GLN J 36 -0.92 4.56 40.65
CA GLN J 36 -1.52 5.78 40.17
C GLN J 36 -2.54 5.48 39.08
N SER J 37 -3.14 6.54 38.55
CA SER J 37 -4.11 6.43 37.47
C SER J 37 -3.64 7.26 36.29
N TRP J 38 -3.66 6.65 35.11
CA TRP J 38 -3.25 7.36 33.91
C TRP J 38 -4.20 8.52 33.62
N SER J 39 -3.66 9.57 33.01
CA SER J 39 -4.48 10.70 32.61
C SER J 39 -5.33 10.33 31.40
N LEU J 40 -6.19 11.27 30.99
CA LEU J 40 -7.10 11.00 29.90
C LEU J 40 -6.36 10.90 28.57
N SER J 41 -5.31 11.71 28.39
CA SER J 41 -4.58 11.72 27.13
C SER J 41 -3.93 10.36 26.86
N VAL J 42 -3.15 9.87 27.82
CA VAL J 42 -2.48 8.59 27.62
C VAL J 42 -3.49 7.44 27.63
N GLN J 43 -4.59 7.59 28.36
CA GLN J 43 -5.64 6.57 28.34
C GLN J 43 -6.22 6.42 26.94
N THR J 44 -6.68 7.52 26.35
CA THR J 44 -7.24 7.42 25.00
C THR J 44 -6.16 7.04 23.99
N LEU J 45 -4.90 7.40 24.25
CA LEU J 45 -3.82 6.99 23.37
C LEU J 45 -3.69 5.47 23.33
N VAL J 46 -3.52 4.86 24.50
CA VAL J 46 -3.37 3.41 24.54
C VAL J 46 -4.64 2.71 24.07
N PHE J 47 -5.80 3.33 24.29
CA PHE J 47 -7.05 2.70 23.87
C PHE J 47 -7.18 2.68 22.35
N ILE J 48 -6.93 3.82 21.70
CA ILE J 48 -6.97 3.86 20.24
C ILE J 48 -5.86 3.00 19.66
N THR J 49 -4.73 2.86 20.37
CA THR J 49 -3.63 2.05 19.86
C THR J 49 -3.97 0.56 19.91
N SER J 50 -4.63 0.11 20.99
CA SER J 50 -4.94 -1.31 21.12
C SER J 50 -5.77 -1.83 19.95
N LEU J 51 -6.60 -0.97 19.36
CA LEU J 51 -7.41 -1.40 18.22
C LEU J 51 -6.54 -1.77 17.02
N THR J 52 -5.31 -1.24 16.97
CA THR J 52 -4.40 -1.62 15.89
C THR J 52 -3.94 -3.06 16.06
N PHE J 53 -3.57 -3.45 17.28
CA PHE J 53 -3.17 -4.83 17.52
C PHE J 53 -4.38 -5.76 17.52
N LEU J 54 -5.59 -5.19 17.65
CA LEU J 54 -6.80 -5.99 17.78
C LEU J 54 -6.89 -7.15 16.79
N PRO J 55 -6.77 -6.94 15.47
CA PRO J 55 -7.00 -8.07 14.54
C PRO J 55 -6.11 -9.27 14.80
N ALA J 56 -4.80 -9.10 14.81
CA ALA J 56 -3.90 -10.23 15.01
C ALA J 56 -4.06 -10.82 16.40
N ILE J 57 -3.92 -9.98 17.44
CA ILE J 57 -3.83 -10.51 18.80
C ILE J 57 -5.15 -11.13 19.24
N LEU J 58 -6.26 -10.71 18.63
CA LEU J 58 -7.55 -11.25 19.05
C LEU J 58 -7.96 -12.44 18.17
N LEU J 59 -7.75 -12.34 16.87
CA LEU J 59 -8.37 -13.27 15.95
C LEU J 59 -7.45 -14.41 15.56
N MET J 60 -6.15 -14.14 15.41
CA MET J 60 -5.22 -15.14 14.90
C MET J 60 -4.57 -15.95 16.01
N MET J 61 -3.84 -15.31 16.92
CA MET J 61 -3.08 -16.03 17.93
C MET J 61 -3.85 -16.24 19.22
N THR J 62 -5.16 -16.02 19.21
CA THR J 62 -5.89 -16.21 20.46
C THR J 62 -7.11 -17.10 20.33
N SER J 63 -7.88 -16.97 19.25
CA SER J 63 -9.27 -17.42 19.28
C SER J 63 -9.56 -18.59 18.34
N PHE J 64 -9.35 -18.44 17.02
CA PHE J 64 -9.99 -19.36 16.08
C PHE J 64 -9.11 -19.76 14.91
N THR J 65 -7.79 -19.50 14.96
CA THR J 65 -6.93 -19.93 13.86
C THR J 65 -7.12 -21.41 13.56
N ARG J 66 -7.40 -22.21 14.59
CA ARG J 66 -7.71 -23.61 14.39
C ARG J 66 -8.89 -23.79 13.46
N ILE J 67 -9.91 -22.94 13.59
CA ILE J 67 -11.12 -23.10 12.79
C ILE J 67 -10.84 -22.81 11.33
N ILE J 68 -10.10 -21.74 11.04
CA ILE J 68 -9.85 -21.41 9.64
C ILE J 68 -8.89 -22.43 9.02
N ILE J 69 -7.94 -22.93 9.79
CA ILE J 69 -7.09 -24.00 9.28
C ILE J 69 -7.94 -25.23 8.92
N VAL J 70 -8.85 -25.60 9.81
CA VAL J 70 -9.74 -26.74 9.56
C VAL J 70 -10.55 -26.50 8.30
N PHE J 71 -11.08 -25.29 8.13
CA PHE J 71 -11.92 -25.00 6.97
C PHE J 71 -11.13 -25.09 5.68
N GLY J 72 -9.94 -24.48 5.64
CA GLY J 72 -9.10 -24.57 4.47
C GLY J 72 -8.75 -26.00 4.12
N LEU J 73 -8.35 -26.79 5.13
CA LEU J 73 -8.08 -28.20 4.91
C LEU J 73 -9.29 -28.90 4.32
N LEU J 74 -10.45 -28.73 4.94
CA LEU J 74 -11.65 -29.42 4.50
C LEU J 74 -11.96 -29.09 3.05
N ARG J 75 -11.88 -27.81 2.69
CA ARG J 75 -12.16 -27.45 1.30
C ARG J 75 -11.12 -28.02 0.36
N ASN J 76 -9.88 -28.18 0.82
CA ASN J 76 -8.90 -28.89 0.01
C ASN J 76 -9.16 -30.39 -0.02
N ALA J 77 -10.03 -30.90 0.85
CA ALA J 77 -10.37 -32.31 0.86
C ALA J 77 -11.51 -32.66 -0.09
N LEU J 78 -12.40 -31.71 -0.37
CA LEU J 78 -13.47 -31.92 -1.33
C LEU J 78 -12.99 -31.84 -2.77
N GLY J 79 -11.69 -31.66 -2.99
CA GLY J 79 -11.15 -31.62 -4.34
C GLY J 79 -11.64 -30.46 -5.17
N THR J 80 -12.14 -29.39 -4.54
CA THR J 80 -12.65 -28.24 -5.26
C THR J 80 -12.24 -26.96 -4.52
N PRO J 81 -11.13 -26.35 -4.91
CA PRO J 81 -10.70 -25.11 -4.26
C PRO J 81 -11.70 -23.99 -4.47
N SER J 82 -12.05 -23.31 -3.39
CA SER J 82 -12.94 -22.15 -3.41
C SER J 82 -14.31 -22.49 -4.00
N ALA J 83 -14.86 -23.63 -3.59
CA ALA J 83 -16.24 -23.92 -3.98
C ALA J 83 -17.17 -23.02 -3.16
N PRO J 84 -17.10 -23.03 -1.82
CA PRO J 84 -17.72 -21.94 -1.07
C PRO J 84 -16.74 -20.80 -0.91
N PRO J 85 -17.14 -19.58 -1.27
CA PRO J 85 -16.19 -18.47 -1.24
C PRO J 85 -15.66 -18.23 0.17
N ASN J 86 -14.47 -17.62 0.23
CA ASN J 86 -13.84 -17.40 1.52
C ASN J 86 -14.56 -16.32 2.32
N GLN J 87 -15.27 -15.42 1.65
CA GLN J 87 -16.01 -14.37 2.35
C GLN J 87 -17.23 -14.90 3.09
N VAL J 88 -17.56 -16.17 2.92
CA VAL J 88 -18.61 -16.81 3.71
C VAL J 88 -18.01 -17.63 4.85
N LEU J 89 -16.96 -18.40 4.56
CA LEU J 89 -16.35 -19.23 5.60
C LEU J 89 -15.69 -18.37 6.67
N LEU J 90 -15.06 -17.26 6.28
CA LEU J 90 -14.44 -16.38 7.27
C LEU J 90 -15.49 -15.76 8.18
N GLY J 91 -16.60 -15.30 7.61
CA GLY J 91 -17.67 -14.75 8.43
C GLY J 91 -18.28 -15.79 9.35
N LEU J 92 -18.51 -17.00 8.84
CA LEU J 92 -19.04 -18.05 9.68
C LEU J 92 -18.08 -18.40 10.80
N ALA J 93 -16.77 -18.34 10.53
CA ALA J 93 -15.78 -18.58 11.59
C ALA J 93 -15.81 -17.48 12.63
N LEU J 94 -15.98 -16.23 12.21
CA LEU J 94 -16.08 -15.13 13.16
C LEU J 94 -17.29 -15.31 14.07
N PHE J 95 -18.44 -15.65 13.49
CA PHE J 95 -19.63 -15.87 14.32
C PHE J 95 -19.43 -17.07 15.24
N LEU J 96 -18.77 -18.13 14.75
CA LEU J 96 -18.53 -19.29 15.59
C LEU J 96 -17.64 -18.92 16.77
N THR J 97 -16.59 -18.14 16.54
CA THR J 97 -15.70 -17.80 17.64
C THR J 97 -16.35 -16.82 18.61
N PHE J 98 -17.26 -15.96 18.13
CA PHE J 98 -18.03 -15.17 19.08
C PHE J 98 -19.07 -16.00 19.82
N PHE J 99 -19.42 -17.17 19.31
CA PHE J 99 -20.31 -18.06 20.03
C PHE J 99 -19.59 -19.01 20.97
N ILE J 100 -18.29 -19.24 20.77
CA ILE J 100 -17.52 -20.13 21.62
C ILE J 100 -16.76 -19.40 22.71
N MET J 101 -16.68 -18.08 22.64
CA MET J 101 -16.02 -17.26 23.66
C MET J 101 -17.04 -16.57 24.55
N SER J 102 -18.13 -17.24 24.85
CA SER J 102 -19.14 -16.65 25.73
C SER J 102 -18.65 -16.54 27.17
N PRO J 103 -18.04 -17.59 27.76
CA PRO J 103 -17.68 -17.46 29.19
C PRO J 103 -16.56 -16.47 29.43
N VAL J 104 -15.55 -16.43 28.55
CA VAL J 104 -14.41 -15.55 28.78
C VAL J 104 -14.83 -14.09 28.61
N ILE J 105 -15.62 -13.81 27.57
CA ILE J 105 -16.10 -12.43 27.38
C ILE J 105 -17.07 -12.06 28.49
N ASP J 106 -17.84 -13.04 28.99
CA ASP J 106 -18.72 -12.77 30.11
C ASP J 106 -17.93 -12.34 31.34
N LYS J 107 -16.93 -13.14 31.72
CA LYS J 107 -16.12 -12.84 32.90
C LYS J 107 -15.39 -11.51 32.74
N ILE J 108 -14.74 -11.30 31.60
CA ILE J 108 -14.09 -10.02 31.34
C ILE J 108 -15.07 -8.88 31.47
N TYR J 109 -16.19 -8.94 30.72
CA TYR J 109 -17.18 -7.86 30.76
C TYR J 109 -17.57 -7.54 32.18
N VAL J 110 -18.11 -8.51 32.92
CA VAL J 110 -18.58 -8.21 34.27
C VAL J 110 -17.43 -7.68 35.13
N ASP J 111 -16.42 -8.51 35.41
CA ASP J 111 -15.50 -8.20 36.49
C ASP J 111 -14.53 -7.09 36.12
N ALA J 112 -14.46 -6.71 34.84
CA ALA J 112 -13.61 -5.59 34.48
C ALA J 112 -14.42 -4.35 34.14
N TYR J 113 -15.32 -4.46 33.16
CA TYR J 113 -16.01 -3.27 32.67
C TYR J 113 -17.08 -2.80 33.65
N GLN J 114 -17.68 -3.71 34.44
CA GLN J 114 -18.68 -3.28 35.41
C GLN J 114 -18.06 -2.37 36.47
N PRO J 115 -16.94 -2.74 37.12
CA PRO J 115 -16.32 -1.79 38.06
C PRO J 115 -15.42 -0.77 37.39
N PHE J 116 -15.39 -0.68 36.06
CA PHE J 116 -14.61 0.34 35.37
C PHE J 116 -15.47 1.37 34.67
N SER J 117 -16.69 1.01 34.25
CA SER J 117 -17.60 2.02 33.71
C SER J 117 -18.14 2.93 34.77
N GLU J 118 -18.05 2.54 36.05
CA GLU J 118 -18.47 3.37 37.17
C GLU J 118 -17.27 4.01 37.88
N GLN J 119 -16.08 3.89 37.32
CA GLN J 119 -14.87 4.54 37.82
C GLN J 119 -14.57 4.15 39.26
N LYS J 120 -14.29 2.85 39.44
CA LYS J 120 -13.84 2.33 40.71
C LYS J 120 -12.42 1.77 40.67
N ILE J 121 -11.86 1.56 39.48
CA ILE J 121 -10.55 0.93 39.32
C ILE J 121 -9.84 1.59 38.16
N SER J 122 -8.51 1.50 38.17
CA SER J 122 -7.67 2.18 37.19
C SER J 122 -7.47 1.34 35.94
N MET J 123 -7.23 2.02 34.83
CA MET J 123 -7.08 1.33 33.54
C MET J 123 -5.89 0.37 33.57
N GLN J 124 -4.73 0.85 33.99
CA GLN J 124 -3.51 0.05 33.98
C GLN J 124 -3.59 -1.18 34.89
N GLU J 125 -4.65 -1.31 35.68
CA GLU J 125 -4.89 -2.50 36.50
C GLU J 125 -6.15 -3.24 36.09
N ALA J 126 -7.19 -2.53 35.65
CA ALA J 126 -8.36 -3.19 35.10
C ALA J 126 -8.00 -4.03 33.88
N LEU J 127 -7.06 -3.55 33.07
CA LEU J 127 -6.65 -4.31 31.88
C LEU J 127 -6.13 -5.69 32.28
N ASP J 128 -5.28 -5.76 33.30
CA ASP J 128 -4.75 -7.04 33.73
C ASP J 128 -5.81 -7.89 34.41
N LYS J 129 -6.62 -7.27 35.29
CA LYS J 129 -7.68 -8.01 35.94
C LYS J 129 -8.69 -8.58 34.94
N GLY J 130 -8.80 -7.97 33.77
CA GLY J 130 -9.65 -8.49 32.72
C GLY J 130 -8.98 -9.55 31.88
N ALA J 131 -7.70 -9.35 31.55
CA ALA J 131 -6.99 -10.32 30.74
C ALA J 131 -6.56 -11.55 31.54
N GLN J 132 -6.82 -11.59 32.86
CA GLN J 132 -6.48 -12.79 33.62
C GLN J 132 -7.29 -14.01 33.18
N PRO J 133 -8.63 -13.98 33.15
CA PRO J 133 -9.36 -15.18 32.74
C PRO J 133 -9.16 -15.55 31.27
N LEU J 134 -8.82 -14.59 30.41
CA LEU J 134 -8.42 -14.96 29.05
C LEU J 134 -7.20 -15.88 29.07
N ARG J 135 -6.21 -15.56 29.92
CA ARG J 135 -5.06 -16.44 30.05
C ARG J 135 -5.45 -17.76 30.71
N ALA J 136 -6.39 -17.73 31.64
CA ALA J 136 -6.86 -18.97 32.24
C ALA J 136 -7.54 -19.87 31.20
N PHE J 137 -8.13 -19.27 30.17
CA PHE J 137 -8.69 -20.06 29.09
C PHE J 137 -7.59 -20.57 28.16
N MET J 138 -6.62 -19.71 27.85
CA MET J 138 -5.50 -20.11 27.00
C MET J 138 -4.80 -21.33 27.57
N LEU J 139 -4.49 -21.31 28.87
CA LEU J 139 -3.73 -22.39 29.49
C LEU J 139 -4.43 -23.74 29.42
N ARG J 140 -5.70 -23.79 29.00
CA ARG J 140 -6.42 -25.05 28.91
C ARG J 140 -6.38 -25.67 27.53
N GLN J 141 -6.15 -24.87 26.48
CA GLN J 141 -6.12 -25.38 25.12
C GLN J 141 -4.72 -25.54 24.57
N THR J 142 -3.70 -25.00 25.25
CA THR J 142 -2.34 -25.29 24.86
C THR J 142 -1.97 -26.71 25.27
N ARG J 143 -0.89 -27.21 24.66
CA ARG J 143 -0.40 -28.52 25.04
C ARG J 143 -0.06 -28.55 26.53
N GLU J 144 -0.30 -29.70 27.15
CA GLU J 144 0.04 -29.90 28.54
C GLU J 144 1.54 -30.14 28.74
N ALA J 145 2.34 -30.02 27.68
CA ALA J 145 3.78 -30.19 27.76
C ALA J 145 4.58 -29.14 27.02
N ASP J 146 4.00 -28.41 26.07
CA ASP J 146 4.78 -27.53 25.20
C ASP J 146 5.31 -26.30 25.94
N LEU J 147 4.57 -25.84 26.96
CA LEU J 147 5.07 -24.72 27.76
C LEU J 147 6.46 -25.00 28.31
N ALA J 148 6.80 -26.25 28.58
CA ALA J 148 8.16 -26.57 28.96
C ALA J 148 9.13 -26.35 27.80
N LEU J 149 8.71 -26.71 26.59
CA LEU J 149 9.60 -26.61 25.43
C LEU J 149 9.77 -25.16 25.00
N PHE J 150 8.94 -24.27 25.53
CA PHE J 150 9.20 -22.83 25.38
C PHE J 150 9.77 -22.19 26.64
N ALA J 151 9.75 -22.89 27.77
CA ALA J 151 10.40 -22.40 28.97
C ALA J 151 11.91 -22.63 28.92
N ARG J 152 12.33 -23.79 28.41
CA ARG J 152 13.76 -24.01 28.20
C ARG J 152 14.34 -22.97 27.26
N LEU J 153 13.71 -22.78 26.10
CA LEU J 153 14.18 -21.82 25.12
C LEU J 153 13.99 -20.37 25.56
N ALA J 154 13.26 -20.13 26.65
CA ALA J 154 13.02 -18.77 27.11
C ALA J 154 14.32 -18.07 27.50
N GLU J 163 0.51 -22.78 35.75
CA GLU J 163 0.06 -21.91 36.82
C GLU J 163 0.86 -20.62 36.86
N ALA J 164 0.26 -19.54 36.36
CA ALA J 164 0.88 -18.21 36.36
C ALA J 164 2.21 -18.22 35.61
N VAL J 165 2.13 -18.56 34.33
CA VAL J 165 3.28 -18.46 33.42
C VAL J 165 3.21 -17.12 32.71
N PRO J 166 4.33 -16.52 32.33
CA PRO J 166 4.28 -15.16 31.76
C PRO J 166 3.58 -15.11 30.41
N MET J 167 3.46 -13.91 29.85
CA MET J 167 2.80 -13.72 28.57
C MET J 167 3.74 -13.94 27.40
N ARG J 168 5.04 -13.73 27.58
CA ARG J 168 5.98 -13.94 26.49
C ARG J 168 6.04 -15.41 26.08
N ILE J 169 5.92 -16.30 27.06
CA ILE J 169 6.12 -17.72 26.78
C ILE J 169 4.84 -18.37 26.27
N LEU J 170 3.70 -18.04 26.87
CA LEU J 170 2.46 -18.75 26.57
C LEU J 170 2.04 -18.58 25.12
N LEU J 171 2.01 -17.33 24.64
CA LEU J 171 1.46 -17.03 23.32
C LEU J 171 2.05 -17.87 22.20
N PRO J 172 3.38 -17.98 22.03
CA PRO J 172 3.88 -18.90 21.00
C PRO J 172 3.68 -20.36 21.37
N ALA J 173 3.89 -20.70 22.64
CA ALA J 173 3.65 -22.05 23.12
C ALA J 173 2.18 -22.43 23.09
N TYR J 174 1.29 -21.48 22.80
CA TYR J 174 -0.11 -21.77 22.58
C TYR J 174 -0.50 -21.78 21.11
N VAL J 175 0.11 -20.91 20.30
CA VAL J 175 -0.17 -20.95 18.86
C VAL J 175 0.36 -22.25 18.26
N THR J 176 1.57 -22.67 18.66
CA THR J 176 2.13 -23.89 18.11
C THR J 176 1.27 -25.10 18.45
N SER J 177 0.76 -25.17 19.67
CA SER J 177 -0.04 -26.29 20.11
C SER J 177 -1.53 -26.10 19.84
N GLU J 178 -1.91 -25.00 19.21
CA GLU J 178 -3.17 -24.92 18.49
C GLU J 178 -3.04 -25.45 17.08
N LEU J 179 -1.91 -25.18 16.42
CA LEU J 179 -1.68 -25.71 15.09
C LEU J 179 -1.56 -27.24 15.13
N LYS J 180 -0.79 -27.75 16.08
CA LYS J 180 -0.55 -29.19 16.17
C LYS J 180 -1.81 -29.98 16.50
N THR J 181 -2.92 -29.32 16.84
CA THR J 181 -4.19 -30.02 16.97
C THR J 181 -5.20 -29.66 15.89
N ALA J 182 -5.10 -28.46 15.30
CA ALA J 182 -5.87 -28.18 14.09
C ALA J 182 -5.54 -29.20 13.01
N PHE J 183 -4.26 -29.53 12.85
CA PHE J 183 -3.90 -30.55 11.87
C PHE J 183 -4.40 -31.93 12.29
N GLN J 184 -4.36 -32.23 13.58
CA GLN J 184 -4.84 -33.51 14.07
C GLN J 184 -6.34 -33.68 13.88
N ILE J 185 -7.08 -32.59 13.83
CA ILE J 185 -8.51 -32.65 13.52
C ILE J 185 -8.74 -32.73 12.02
N GLY J 186 -7.98 -31.95 11.24
CA GLY J 186 -8.10 -32.01 9.81
C GLY J 186 -7.82 -33.38 9.23
N PHE J 187 -6.91 -34.14 9.85
CA PHE J 187 -6.67 -35.51 9.40
C PHE J 187 -7.92 -36.37 9.53
N THR J 188 -8.57 -36.30 10.69
CA THR J 188 -9.81 -37.06 10.89
C THR J 188 -10.88 -36.61 9.90
N ILE J 189 -10.93 -35.31 9.60
CA ILE J 189 -11.89 -34.84 8.60
C ILE J 189 -11.56 -35.41 7.22
N PHE J 190 -10.27 -35.55 6.92
CA PHE J 190 -9.87 -36.03 5.59
C PHE J 190 -10.20 -37.50 5.41
N ILE J 191 -10.10 -38.29 6.48
CA ILE J 191 -10.22 -39.74 6.41
C ILE J 191 -11.42 -40.22 5.58
N PRO J 192 -12.66 -39.78 5.84
CA PRO J 192 -13.79 -40.38 5.11
C PRO J 192 -13.78 -40.11 3.61
N PHE J 193 -13.41 -38.89 3.19
CA PHE J 193 -13.39 -38.60 1.77
C PHE J 193 -12.30 -39.38 1.06
N LEU J 194 -11.17 -39.57 1.73
CA LEU J 194 -10.13 -40.44 1.20
C LEU J 194 -10.64 -41.87 1.03
N ILE J 195 -11.40 -42.36 2.02
CA ILE J 195 -11.98 -43.69 1.91
C ILE J 195 -12.93 -43.76 0.72
N ILE J 196 -13.74 -42.73 0.53
CA ILE J 196 -14.68 -42.71 -0.59
C ILE J 196 -13.93 -42.77 -1.92
N ASP J 197 -12.89 -41.93 -2.05
CA ASP J 197 -12.12 -41.91 -3.30
C ASP J 197 -11.48 -43.27 -3.57
N LEU J 198 -10.89 -43.87 -2.54
CA LEU J 198 -10.26 -45.17 -2.74
C LEU J 198 -11.28 -46.24 -3.12
N VAL J 199 -12.45 -46.24 -2.48
CA VAL J 199 -13.42 -47.28 -2.77
C VAL J 199 -14.01 -47.10 -4.17
N ILE J 200 -14.24 -45.86 -4.59
CA ILE J 200 -14.77 -45.65 -5.93
C ILE J 200 -13.73 -45.99 -6.98
N ALA J 201 -12.46 -45.69 -6.71
CA ALA J 201 -11.40 -46.07 -7.64
C ALA J 201 -11.31 -47.58 -7.77
N SER J 202 -11.35 -48.29 -6.63
CA SER J 202 -11.27 -49.74 -6.67
C SER J 202 -12.47 -50.33 -7.40
N VAL J 203 -13.66 -49.77 -7.20
CA VAL J 203 -14.85 -50.29 -7.88
C VAL J 203 -14.75 -50.06 -9.38
N LEU J 204 -14.43 -48.83 -9.80
CA LEU J 204 -14.36 -48.56 -11.23
C LEU J 204 -13.25 -49.37 -11.90
N MET J 205 -12.17 -49.66 -11.17
CA MET J 205 -11.15 -50.54 -11.71
C MET J 205 -11.67 -51.97 -11.84
N ALA J 206 -12.39 -52.44 -10.82
CA ALA J 206 -13.05 -53.75 -10.92
C ALA J 206 -14.14 -53.75 -11.97
N LEU J 207 -14.67 -52.58 -12.33
CA LEU J 207 -15.61 -52.46 -13.43
C LEU J 207 -14.92 -52.37 -14.78
N GLY J 208 -13.59 -52.51 -14.83
CA GLY J 208 -12.86 -52.57 -16.07
C GLY J 208 -12.78 -51.26 -16.83
N MET J 209 -12.09 -50.28 -16.26
CA MET J 209 -11.85 -49.01 -16.94
C MET J 209 -10.67 -48.31 -16.27
N MET J 210 -9.71 -47.86 -17.07
CA MET J 210 -8.48 -47.28 -16.55
C MET J 210 -8.30 -45.81 -16.87
N MET J 211 -8.86 -45.30 -17.97
CA MET J 211 -8.60 -43.95 -18.43
C MET J 211 -9.77 -42.99 -18.16
N VAL J 212 -10.48 -43.17 -17.07
CA VAL J 212 -11.53 -42.27 -16.64
C VAL J 212 -11.08 -41.56 -15.36
N PRO J 213 -11.10 -40.23 -15.31
CA PRO J 213 -10.72 -39.53 -14.09
C PRO J 213 -11.80 -39.64 -13.03
N PRO J 214 -11.50 -40.23 -11.88
CA PRO J 214 -12.54 -40.43 -10.85
C PRO J 214 -12.99 -39.15 -10.17
N ALA J 215 -12.38 -38.00 -10.46
CA ALA J 215 -12.76 -36.77 -9.79
C ALA J 215 -14.19 -36.38 -10.12
N THR J 216 -14.51 -36.28 -11.42
CA THR J 216 -15.86 -35.90 -11.82
C THR J 216 -16.87 -36.98 -11.46
N ILE J 217 -16.44 -38.24 -11.42
CA ILE J 217 -17.36 -39.33 -11.12
C ILE J 217 -17.53 -39.55 -9.62
N ALA J 218 -16.72 -38.89 -8.80
CA ALA J 218 -16.74 -39.09 -7.36
C ALA J 218 -17.17 -37.87 -6.56
N LEU J 219 -16.97 -36.66 -7.10
CA LEU J 219 -17.42 -35.45 -6.41
C LEU J 219 -18.89 -35.48 -6.01
N PRO J 220 -19.84 -35.89 -6.88
CA PRO J 220 -21.23 -35.92 -6.44
C PRO J 220 -21.46 -36.86 -5.27
N PHE J 221 -20.77 -37.99 -5.23
CA PHE J 221 -20.95 -38.92 -4.12
C PHE J 221 -20.47 -38.32 -2.81
N LYS J 222 -19.30 -37.67 -2.83
CA LYS J 222 -18.83 -36.96 -1.64
C LYS J 222 -19.85 -35.92 -1.19
N LEU J 223 -20.37 -35.14 -2.14
CA LEU J 223 -21.31 -34.08 -1.77
C LEU J 223 -22.57 -34.66 -1.14
N MET J 224 -23.14 -35.71 -1.76
CA MET J 224 -24.40 -36.24 -1.26
C MET J 224 -24.21 -36.92 0.09
N LEU J 225 -23.08 -37.62 0.28
CA LEU J 225 -22.86 -38.25 1.58
C LEU J 225 -22.59 -37.23 2.66
N PHE J 226 -21.90 -36.13 2.31
CA PHE J 226 -21.62 -35.11 3.30
C PHE J 226 -22.86 -34.31 3.67
N VAL J 227 -23.81 -34.16 2.74
CA VAL J 227 -25.05 -33.46 3.05
C VAL J 227 -26.10 -34.38 3.65
N LEU J 228 -25.96 -35.70 3.47
CA LEU J 228 -26.94 -36.64 4.01
C LEU J 228 -26.68 -36.98 5.47
N VAL J 229 -25.46 -36.79 5.94
CA VAL J 229 -25.08 -37.17 7.30
C VAL J 229 -25.12 -35.96 8.24
N ASP J 230 -25.87 -34.91 7.88
CA ASP J 230 -25.93 -33.66 8.63
C ASP J 230 -24.53 -33.08 8.81
N GLY J 231 -23.93 -32.75 7.66
CA GLY J 231 -22.54 -32.34 7.61
C GLY J 231 -22.18 -31.14 8.47
N TRP J 232 -22.70 -29.96 8.13
CA TRP J 232 -22.26 -28.75 8.79
C TRP J 232 -22.76 -28.69 10.23
N GLN J 233 -23.95 -29.21 10.49
CA GLN J 233 -24.48 -29.22 11.86
C GLN J 233 -23.58 -30.02 12.79
N LEU J 234 -23.43 -31.32 12.51
CA LEU J 234 -22.53 -32.15 13.30
C LEU J 234 -21.12 -31.61 13.31
N LEU J 235 -20.70 -30.96 12.22
CA LEU J 235 -19.34 -30.46 12.13
C LEU J 235 -19.10 -29.34 13.13
N MET J 236 -19.97 -28.34 13.07
CA MET J 236 -19.90 -27.20 14.02
C MET J 236 -19.94 -27.80 15.43
N GLY J 237 -20.87 -28.73 15.64
CA GLY J 237 -21.05 -29.32 16.95
C GLY J 237 -19.76 -29.93 17.48
N SER J 238 -19.12 -30.76 16.67
CA SER J 238 -17.86 -31.37 17.09
C SER J 238 -16.78 -30.32 17.32
N LEU J 239 -16.76 -29.26 16.51
CA LEU J 239 -15.78 -28.20 16.72
C LEU J 239 -15.97 -27.54 18.07
N ALA J 240 -17.20 -27.08 18.36
CA ALA J 240 -17.46 -26.45 19.64
C ALA J 240 -17.20 -27.39 20.80
N GLN J 241 -17.45 -28.68 20.62
CA GLN J 241 -17.26 -29.62 21.72
C GLN J 241 -15.79 -29.88 21.99
N SER J 242 -14.97 -30.00 20.93
CA SER J 242 -13.55 -30.23 21.13
C SER J 242 -12.80 -28.98 21.57
N PHE J 243 -13.32 -27.80 21.24
CA PHE J 243 -12.72 -26.55 21.67
C PHE J 243 -13.26 -26.07 23.01
N TYR J 244 -14.37 -26.64 23.48
CA TYR J 244 -15.04 -26.19 24.69
C TYR J 244 -15.07 -27.28 25.76
N SER J 245 -15.54 -28.47 25.43
CA SER J 245 -15.69 -29.58 26.38
C SER J 245 -16.39 -29.16 27.67
N GLY K 35 -36.91 7.90 21.57
CA GLY K 35 -37.82 8.31 20.53
C GLY K 35 -37.25 9.37 19.61
N GLN K 36 -36.37 10.20 20.16
CA GLN K 36 -35.75 11.25 19.37
C GLN K 36 -34.80 10.64 18.33
N SER K 37 -34.64 11.36 17.23
CA SER K 37 -33.77 10.90 16.15
C SER K 37 -32.32 11.24 16.50
N TRP K 38 -31.42 11.10 15.53
CA TRP K 38 -30.01 11.38 15.71
C TRP K 38 -29.62 12.60 14.88
N SER K 39 -28.56 13.28 15.32
CA SER K 39 -28.08 14.45 14.63
C SER K 39 -27.60 14.10 13.21
N LEU K 40 -27.39 15.14 12.41
CA LEU K 40 -27.04 14.91 11.00
C LEU K 40 -25.67 14.26 10.87
N SER K 41 -24.69 14.72 11.64
CA SER K 41 -23.34 14.16 11.55
C SER K 41 -23.35 12.67 11.84
N VAL K 42 -23.88 12.28 13.00
CA VAL K 42 -23.88 10.87 13.37
C VAL K 42 -24.81 10.07 12.46
N GLN K 43 -25.87 10.69 11.93
CA GLN K 43 -26.76 9.98 11.03
C GLN K 43 -26.05 9.61 9.73
N THR K 44 -25.36 10.58 9.11
CA THR K 44 -24.63 10.26 7.90
C THR K 44 -23.43 9.36 8.17
N LEU K 45 -22.86 9.45 9.38
CA LEU K 45 -21.78 8.53 9.75
C LEU K 45 -22.27 7.09 9.81
N VAL K 46 -23.38 6.86 10.51
CA VAL K 46 -23.98 5.53 10.53
C VAL K 46 -24.38 5.11 9.13
N PHE K 47 -24.86 6.05 8.31
CA PHE K 47 -25.20 5.71 6.93
C PHE K 47 -24.01 5.13 6.20
N ILE K 48 -22.89 5.86 6.18
CA ILE K 48 -21.70 5.41 5.45
C ILE K 48 -21.17 4.11 6.04
N THR K 49 -21.14 4.00 7.36
CA THR K 49 -20.59 2.80 7.99
C THR K 49 -21.45 1.57 7.70
N SER K 50 -22.75 1.66 7.95
CA SER K 50 -23.65 0.55 7.68
C SER K 50 -23.67 0.20 6.19
N LEU K 51 -23.38 1.17 5.32
CA LEU K 51 -23.27 0.85 3.90
C LEU K 51 -21.96 0.12 3.62
N THR K 52 -20.90 0.41 4.38
CA THR K 52 -19.62 -0.25 4.18
C THR K 52 -19.72 -1.76 4.42
N PHE K 53 -20.68 -2.21 5.23
CA PHE K 53 -20.93 -3.63 5.42
C PHE K 53 -21.34 -4.34 4.14
N LEU K 54 -21.51 -3.62 3.03
CA LEU K 54 -22.13 -4.07 1.79
C LEU K 54 -21.73 -5.47 1.36
N PRO K 55 -20.44 -5.77 1.11
CA PRO K 55 -20.12 -7.05 0.46
C PRO K 55 -20.53 -8.29 1.24
N ALA K 56 -20.01 -8.45 2.46
CA ALA K 56 -20.13 -9.74 3.15
C ALA K 56 -21.46 -9.89 3.85
N ILE K 57 -21.74 -9.05 4.86
CA ILE K 57 -22.87 -9.28 5.75
C ILE K 57 -24.19 -8.80 5.16
N LEU K 58 -24.18 -8.21 3.97
CA LEU K 58 -25.40 -7.72 3.36
C LEU K 58 -25.70 -8.38 2.02
N LEU K 59 -24.70 -8.60 1.18
CA LEU K 59 -24.92 -9.19 -0.13
C LEU K 59 -24.40 -10.61 -0.25
N MET K 60 -23.49 -11.04 0.61
CA MET K 60 -22.86 -12.34 0.47
C MET K 60 -23.50 -13.43 1.32
N MET K 61 -24.11 -13.09 2.44
CA MET K 61 -24.72 -14.09 3.31
C MET K 61 -26.21 -13.86 3.48
N THR K 62 -26.83 -13.12 2.57
CA THR K 62 -28.27 -12.89 2.64
C THR K 62 -28.93 -13.10 1.29
N SER K 63 -28.18 -12.91 0.20
CA SER K 63 -28.77 -12.87 -1.13
C SER K 63 -28.33 -14.03 -2.02
N PHE K 64 -27.03 -14.21 -2.26
CA PHE K 64 -26.60 -15.16 -3.28
C PHE K 64 -25.41 -15.98 -2.82
N THR K 65 -25.41 -16.43 -1.57
CA THR K 65 -24.49 -17.47 -1.16
C THR K 65 -24.93 -18.85 -1.64
N ARG K 66 -26.11 -18.95 -2.24
CA ARG K 66 -26.60 -20.20 -2.79
C ARG K 66 -26.32 -20.33 -4.28
N ILE K 67 -26.35 -19.21 -5.00
CA ILE K 67 -26.25 -19.26 -6.45
C ILE K 67 -24.83 -19.61 -6.90
N ILE K 68 -23.84 -18.86 -6.40
CA ILE K 68 -22.49 -18.99 -6.93
C ILE K 68 -21.88 -20.34 -6.56
N ILE K 69 -22.25 -20.92 -5.42
CA ILE K 69 -21.77 -22.25 -5.09
C ILE K 69 -22.27 -23.26 -6.12
N VAL K 70 -23.55 -23.14 -6.50
CA VAL K 70 -24.11 -24.00 -7.53
C VAL K 70 -23.43 -23.75 -8.87
N PHE K 71 -23.12 -22.48 -9.17
CA PHE K 71 -22.40 -22.16 -10.39
C PHE K 71 -21.05 -22.87 -10.44
N GLY K 72 -20.30 -22.80 -9.34
CA GLY K 72 -19.01 -23.47 -9.31
C GLY K 72 -19.12 -24.98 -9.42
N LEU K 73 -20.08 -25.56 -8.69
CA LEU K 73 -20.30 -26.99 -8.75
C LEU K 73 -20.65 -27.44 -10.16
N LEU K 74 -21.56 -26.72 -10.83
CA LEU K 74 -21.95 -27.09 -12.17
C LEU K 74 -20.81 -26.87 -13.16
N ARG K 75 -20.03 -25.81 -12.97
CA ARG K 75 -18.90 -25.55 -13.85
C ARG K 75 -17.88 -26.67 -13.77
N ASN K 76 -17.56 -27.11 -12.55
CA ASN K 76 -16.65 -28.24 -12.40
C ASN K 76 -17.30 -29.55 -12.82
N ALA K 77 -18.63 -29.61 -12.84
CA ALA K 77 -19.34 -30.80 -13.29
C ALA K 77 -19.09 -31.06 -14.77
N LEU K 78 -19.06 -29.98 -15.57
CA LEU K 78 -18.83 -30.12 -17.00
C LEU K 78 -17.42 -30.59 -17.31
N GLY K 79 -16.54 -30.62 -16.31
CA GLY K 79 -15.15 -31.00 -16.52
C GLY K 79 -14.28 -29.91 -17.08
N THR K 80 -14.79 -28.70 -17.23
CA THR K 80 -14.07 -27.56 -17.80
C THR K 80 -14.06 -26.43 -16.80
N PRO K 81 -13.17 -26.48 -15.81
CA PRO K 81 -13.10 -25.38 -14.82
C PRO K 81 -12.70 -24.08 -15.48
N SER K 82 -13.48 -23.03 -15.20
CA SER K 82 -13.21 -21.68 -15.72
C SER K 82 -13.18 -21.65 -17.24
N ALA K 83 -14.09 -22.38 -17.87
CA ALA K 83 -14.26 -22.29 -19.31
C ALA K 83 -15.06 -21.04 -19.67
N PRO K 84 -16.17 -20.74 -18.98
CA PRO K 84 -16.76 -19.41 -19.11
C PRO K 84 -16.09 -18.45 -18.14
N PRO K 85 -15.83 -17.22 -18.55
CA PRO K 85 -15.18 -16.26 -17.66
C PRO K 85 -16.00 -16.03 -16.40
N ASN K 86 -15.31 -16.00 -15.25
CA ASN K 86 -16.01 -15.78 -13.99
C ASN K 86 -16.65 -14.40 -13.92
N GLN K 87 -16.09 -13.44 -14.67
CA GLN K 87 -16.55 -12.05 -14.60
C GLN K 87 -17.93 -11.86 -15.23
N VAL K 88 -18.43 -12.90 -15.89
CA VAL K 88 -19.78 -12.90 -16.53
C VAL K 88 -20.72 -13.76 -15.66
N LEU K 89 -20.17 -14.76 -14.96
CA LEU K 89 -20.94 -15.60 -14.05
C LEU K 89 -21.33 -14.86 -12.79
N LEU K 90 -20.40 -14.10 -12.20
CA LEU K 90 -20.74 -13.33 -11.01
C LEU K 90 -21.80 -12.28 -11.32
N GLY K 91 -21.67 -11.61 -12.46
CA GLY K 91 -22.69 -10.63 -12.84
C GLY K 91 -24.06 -11.25 -13.04
N LEU K 92 -24.10 -12.42 -13.70
CA LEU K 92 -25.38 -13.10 -13.89
C LEU K 92 -25.97 -13.51 -12.55
N ALA K 93 -25.14 -14.03 -11.64
CA ALA K 93 -25.62 -14.40 -10.32
C ALA K 93 -26.17 -13.19 -9.57
N LEU K 94 -25.51 -12.04 -9.72
CA LEU K 94 -25.98 -10.84 -9.02
C LEU K 94 -27.29 -10.34 -9.59
N PHE K 95 -27.42 -10.41 -10.92
CA PHE K 95 -28.66 -9.97 -11.62
C PHE K 95 -29.82 -10.91 -11.27
N LEU K 96 -29.51 -12.19 -11.03
CA LEU K 96 -30.53 -13.16 -10.64
C LEU K 96 -30.95 -12.98 -9.19
N THR K 97 -29.97 -12.77 -8.29
CA THR K 97 -30.34 -12.60 -6.88
C THR K 97 -30.98 -11.26 -6.62
N PHE K 98 -30.78 -10.26 -7.48
CA PHE K 98 -31.57 -9.05 -7.37
C PHE K 98 -33.01 -9.31 -7.81
N PHE K 99 -33.20 -10.17 -8.80
CA PHE K 99 -34.55 -10.50 -9.22
C PHE K 99 -35.27 -11.33 -8.17
N ILE K 100 -34.57 -12.27 -7.54
CA ILE K 100 -35.20 -13.20 -6.60
C ILE K 100 -35.47 -12.56 -5.26
N MET K 101 -34.93 -11.37 -5.00
CA MET K 101 -35.18 -10.61 -3.78
C MET K 101 -35.90 -9.31 -4.11
N SER K 102 -36.88 -9.38 -5.02
CA SER K 102 -37.68 -8.23 -5.38
C SER K 102 -38.79 -7.93 -4.36
N PRO K 103 -39.54 -8.92 -3.86
CA PRO K 103 -40.61 -8.57 -2.91
C PRO K 103 -40.08 -7.97 -1.61
N VAL K 104 -39.02 -8.54 -1.04
CA VAL K 104 -38.48 -8.02 0.20
C VAL K 104 -37.99 -6.58 0.03
N ILE K 105 -37.13 -6.35 -0.96
CA ILE K 105 -36.55 -5.03 -1.15
C ILE K 105 -37.63 -4.03 -1.56
N ASP K 106 -38.67 -4.48 -2.26
CA ASP K 106 -39.73 -3.57 -2.67
C ASP K 106 -40.60 -3.16 -1.49
N LYS K 107 -40.98 -4.14 -0.66
CA LYS K 107 -41.72 -3.80 0.55
C LYS K 107 -40.90 -2.89 1.45
N ILE K 108 -39.58 -3.13 1.52
CA ILE K 108 -38.71 -2.27 2.33
C ILE K 108 -38.73 -0.85 1.79
N TYR K 109 -38.52 -0.69 0.47
CA TYR K 109 -38.60 0.64 -0.12
C TYR K 109 -39.90 1.32 0.24
N VAL K 110 -41.03 0.69 -0.12
CA VAL K 110 -42.33 1.34 0.04
C VAL K 110 -42.56 1.71 1.51
N ASP K 111 -42.48 0.75 2.42
CA ASP K 111 -42.85 0.95 3.80
C ASP K 111 -41.72 1.50 4.67
N ALA K 112 -40.58 1.87 4.09
CA ALA K 112 -39.53 2.54 4.86
C ALA K 112 -39.22 3.93 4.31
N TYR K 113 -38.90 4.07 3.02
CA TYR K 113 -38.43 5.36 2.54
C TYR K 113 -39.55 6.38 2.41
N GLN K 114 -40.80 5.94 2.33
CA GLN K 114 -41.90 6.89 2.43
C GLN K 114 -42.12 7.26 3.90
N PRO K 115 -42.24 6.29 4.82
CA PRO K 115 -42.34 6.68 6.24
C PRO K 115 -41.12 7.42 6.75
N PHE K 116 -39.93 7.16 6.17
CA PHE K 116 -38.76 7.93 6.57
C PHE K 116 -38.88 9.38 6.09
N SER K 117 -39.20 9.56 4.82
CA SER K 117 -39.46 10.91 4.33
C SER K 117 -40.81 11.45 4.80
N GLU K 118 -41.62 10.63 5.49
CA GLU K 118 -42.74 11.14 6.26
C GLU K 118 -42.27 11.84 7.53
N GLN K 119 -41.04 11.55 7.96
CA GLN K 119 -40.35 12.17 9.09
C GLN K 119 -40.96 11.84 10.44
N LYS K 120 -41.94 10.92 10.49
CA LYS K 120 -42.46 10.46 11.77
C LYS K 120 -41.66 9.32 12.36
N ILE K 121 -40.53 8.96 11.75
CA ILE K 121 -39.75 7.81 12.18
C ILE K 121 -38.29 8.24 12.35
N SER K 122 -37.58 7.53 13.23
CA SER K 122 -36.19 7.82 13.55
C SER K 122 -35.29 6.77 12.92
N MET K 123 -34.02 7.14 12.72
CA MET K 123 -33.07 6.28 12.03
C MET K 123 -33.03 4.87 12.63
N GLN K 124 -32.91 4.77 13.95
CA GLN K 124 -32.89 3.47 14.60
C GLN K 124 -34.20 2.72 14.39
N GLU K 125 -35.33 3.38 14.66
CA GLU K 125 -36.64 2.78 14.43
C GLU K 125 -36.82 2.42 12.97
N ALA K 126 -36.33 3.27 12.08
CA ALA K 126 -36.39 2.98 10.65
C ALA K 126 -35.68 1.67 10.33
N LEU K 127 -34.42 1.55 10.76
CA LEU K 127 -33.65 0.35 10.46
C LEU K 127 -34.31 -0.88 11.05
N ASP K 128 -34.82 -0.78 12.27
CA ASP K 128 -35.42 -1.96 12.90
C ASP K 128 -36.70 -2.39 12.17
N LYS K 129 -37.62 -1.44 11.96
CA LYS K 129 -38.90 -1.78 11.36
C LYS K 129 -38.74 -2.14 9.89
N GLY K 130 -37.61 -1.77 9.27
CA GLY K 130 -37.37 -2.16 7.90
C GLY K 130 -36.56 -3.45 7.79
N ALA K 131 -35.87 -3.83 8.86
CA ALA K 131 -35.15 -5.09 8.87
C ALA K 131 -36.03 -6.22 9.35
N GLN K 132 -37.18 -5.90 9.95
CA GLN K 132 -38.14 -6.94 10.31
C GLN K 132 -38.52 -7.84 9.13
N PRO K 133 -38.90 -7.33 7.95
CA PRO K 133 -39.21 -8.25 6.84
C PRO K 133 -38.01 -9.08 6.40
N LEU K 134 -36.79 -8.56 6.60
CA LEU K 134 -35.61 -9.40 6.38
C LEU K 134 -35.62 -10.60 7.32
N ARG K 135 -36.05 -10.41 8.56
CA ARG K 135 -36.13 -11.54 9.49
C ARG K 135 -37.23 -12.52 9.09
N ALA K 136 -38.36 -11.99 8.60
CA ALA K 136 -39.40 -12.89 8.09
C ALA K 136 -38.88 -13.73 6.92
N PHE K 137 -38.21 -13.07 5.95
CA PHE K 137 -37.64 -13.80 4.83
C PHE K 137 -36.62 -14.83 5.32
N MET K 138 -35.81 -14.47 6.32
CA MET K 138 -34.85 -15.41 6.85
C MET K 138 -35.55 -16.64 7.43
N LEU K 139 -36.61 -16.43 8.20
CA LEU K 139 -37.37 -17.56 8.72
C LEU K 139 -37.99 -18.37 7.59
N ARG K 140 -38.17 -17.75 6.43
CA ARG K 140 -38.76 -18.47 5.30
C ARG K 140 -37.80 -19.52 4.73
N GLN K 141 -36.50 -19.39 4.97
CA GLN K 141 -35.51 -20.30 4.39
C GLN K 141 -34.51 -20.80 5.44
N THR K 142 -35.00 -21.28 6.58
CA THR K 142 -34.18 -22.01 7.53
C THR K 142 -34.87 -23.33 7.86
N ARG K 143 -34.08 -24.36 8.13
CA ARG K 143 -34.61 -25.70 8.30
C ARG K 143 -35.52 -25.79 9.52
N GLU K 144 -36.13 -26.98 9.67
CA GLU K 144 -37.13 -27.30 10.73
C GLU K 144 -36.54 -27.43 12.14
N ALA K 145 -35.22 -27.48 12.29
CA ALA K 145 -34.60 -27.58 13.61
C ALA K 145 -33.18 -27.04 13.58
N ASP K 146 -32.98 -25.89 12.94
CA ASP K 146 -31.69 -25.21 12.98
C ASP K 146 -31.66 -24.06 13.97
N LEU K 147 -32.79 -23.36 14.13
CA LEU K 147 -32.90 -22.36 15.19
C LEU K 147 -32.59 -22.97 16.54
N ALA K 148 -32.98 -24.24 16.77
CA ALA K 148 -32.74 -24.88 18.05
C ALA K 148 -31.25 -25.02 18.33
N LEU K 149 -30.50 -25.56 17.36
CA LEU K 149 -29.06 -25.73 17.56
C LEU K 149 -28.38 -24.39 17.73
N PHE K 150 -28.65 -23.43 16.85
CA PHE K 150 -27.94 -22.17 16.95
C PHE K 150 -28.37 -21.36 18.17
N ALA K 151 -29.55 -21.63 18.74
CA ALA K 151 -29.96 -20.95 19.96
C ALA K 151 -29.31 -21.58 21.18
N ARG K 152 -29.35 -22.92 21.28
CA ARG K 152 -28.62 -23.60 22.33
C ARG K 152 -27.14 -23.24 22.29
N LEU K 153 -26.61 -22.96 21.10
CA LEU K 153 -25.25 -22.42 21.02
C LEU K 153 -25.20 -20.99 21.55
N ALA K 154 -26.17 -20.17 21.15
CA ALA K 154 -26.31 -18.86 21.78
C ALA K 154 -26.71 -18.95 23.25
N ASN K 155 -27.12 -20.13 23.71
CA ASN K 155 -27.36 -20.43 25.13
C ASN K 155 -28.32 -19.42 25.75
N SER K 156 -29.56 -19.44 25.24
CA SER K 156 -30.61 -18.59 25.74
C SER K 156 -31.93 -19.36 25.70
N GLY K 157 -32.78 -19.09 26.69
CA GLY K 157 -34.07 -19.73 26.78
C GLY K 157 -34.93 -19.49 25.55
N PRO K 158 -35.72 -20.51 25.16
CA PRO K 158 -36.58 -20.44 23.97
C PRO K 158 -37.61 -19.32 24.04
N GLU K 163 -40.38 -18.55 17.67
CA GLU K 163 -40.59 -17.12 17.58
C GLU K 163 -39.75 -16.41 18.64
N ALA K 164 -39.61 -15.08 18.51
CA ALA K 164 -38.82 -14.25 19.42
C ALA K 164 -37.33 -14.56 19.33
N VAL K 165 -36.86 -14.86 18.13
CA VAL K 165 -35.45 -15.21 17.90
C VAL K 165 -34.72 -13.94 17.49
N PRO K 166 -33.66 -13.55 18.19
CA PRO K 166 -32.94 -12.32 17.82
C PRO K 166 -32.18 -12.45 16.51
N MET K 167 -31.48 -11.38 16.11
CA MET K 167 -30.80 -11.36 14.82
C MET K 167 -29.51 -12.17 14.85
N ARG K 168 -28.86 -12.30 16.01
CA ARG K 168 -27.58 -12.99 16.07
C ARG K 168 -27.72 -14.49 15.89
N ILE K 169 -28.90 -15.06 16.17
CA ILE K 169 -29.08 -16.50 16.01
C ILE K 169 -29.41 -16.87 14.57
N LEU K 170 -30.19 -16.03 13.90
CA LEU K 170 -30.73 -16.39 12.59
C LEU K 170 -29.64 -16.47 11.52
N LEU K 171 -28.81 -15.42 11.42
CA LEU K 171 -27.93 -15.29 10.27
C LEU K 171 -26.99 -16.49 10.07
N PRO K 172 -26.24 -16.96 11.08
CA PRO K 172 -25.45 -18.17 10.84
C PRO K 172 -26.31 -19.40 10.63
N ALA K 173 -27.43 -19.50 11.37
CA ALA K 173 -28.39 -20.56 11.13
C ALA K 173 -29.02 -20.45 9.74
N TYR K 174 -29.00 -19.25 9.16
CA TYR K 174 -29.43 -19.09 7.77
C TYR K 174 -28.37 -19.62 6.82
N VAL K 175 -27.13 -19.18 6.98
CA VAL K 175 -26.06 -19.56 6.05
C VAL K 175 -25.82 -21.06 6.08
N THR K 176 -25.99 -21.70 7.24
CA THR K 176 -25.79 -23.15 7.31
C THR K 176 -26.79 -23.88 6.43
N SER K 177 -28.08 -23.61 6.63
CA SER K 177 -29.10 -24.24 5.81
C SER K 177 -28.96 -23.84 4.34
N GLU K 178 -28.43 -22.64 4.09
CA GLU K 178 -28.16 -22.25 2.71
C GLU K 178 -27.12 -23.16 2.07
N LEU K 179 -26.03 -23.41 2.78
CA LEU K 179 -25.02 -24.35 2.28
C LEU K 179 -25.63 -25.72 2.05
N LYS K 180 -26.47 -26.17 2.98
CA LYS K 180 -27.08 -27.50 2.84
C LYS K 180 -27.93 -27.59 1.58
N THR K 181 -28.86 -26.65 1.41
CA THR K 181 -29.74 -26.70 0.25
C THR K 181 -28.99 -26.46 -1.06
N ALA K 182 -27.91 -25.68 -1.02
CA ALA K 182 -27.11 -25.48 -2.21
C ALA K 182 -26.41 -26.77 -2.63
N PHE K 183 -25.82 -27.49 -1.66
CA PHE K 183 -25.26 -28.80 -1.95
C PHE K 183 -26.32 -29.74 -2.51
N GLN K 184 -27.53 -29.69 -1.95
CA GLN K 184 -28.61 -30.56 -2.41
C GLN K 184 -28.94 -30.30 -3.87
N ILE K 185 -29.23 -29.04 -4.22
CA ILE K 185 -29.60 -28.72 -5.60
C ILE K 185 -28.43 -28.99 -6.53
N GLY K 186 -27.19 -28.74 -6.06
CA GLY K 186 -26.03 -29.04 -6.88
C GLY K 186 -25.91 -30.51 -7.21
N PHE K 187 -26.12 -31.38 -6.22
CA PHE K 187 -26.11 -32.82 -6.47
C PHE K 187 -27.22 -33.22 -7.43
N THR K 188 -28.40 -32.60 -7.27
CA THR K 188 -29.51 -32.83 -8.20
C THR K 188 -29.09 -32.54 -9.63
N ILE K 189 -28.42 -31.40 -9.85
CA ILE K 189 -27.95 -31.06 -11.19
C ILE K 189 -26.82 -31.98 -11.61
N PHE K 190 -26.03 -32.47 -10.66
CA PHE K 190 -24.91 -33.34 -10.98
C PHE K 190 -25.37 -34.67 -11.58
N ILE K 191 -26.41 -35.26 -11.00
CA ILE K 191 -26.86 -36.61 -11.38
C ILE K 191 -26.94 -36.83 -12.90
N PRO K 192 -27.68 -36.01 -13.66
CA PRO K 192 -27.86 -36.35 -15.10
C PRO K 192 -26.56 -36.34 -15.89
N PHE K 193 -25.67 -35.39 -15.61
CA PHE K 193 -24.40 -35.37 -16.32
C PHE K 193 -23.53 -36.55 -15.95
N LEU K 194 -23.63 -37.02 -14.70
CA LEU K 194 -22.92 -38.24 -14.32
C LEU K 194 -23.46 -39.44 -15.10
N ILE K 195 -24.79 -39.53 -15.24
CA ILE K 195 -25.37 -40.61 -16.02
C ILE K 195 -24.89 -40.54 -17.47
N ILE K 196 -24.82 -39.32 -18.03
CA ILE K 196 -24.37 -39.15 -19.39
C ILE K 196 -22.92 -39.62 -19.55
N ASP K 197 -22.06 -39.20 -18.61
CA ASP K 197 -20.67 -39.63 -18.62
C ASP K 197 -20.58 -41.15 -18.56
N LEU K 198 -21.38 -41.78 -17.71
CA LEU K 198 -21.35 -43.23 -17.60
C LEU K 198 -21.76 -43.89 -18.91
N VAL K 199 -22.88 -43.45 -19.49
CA VAL K 199 -23.38 -44.13 -20.68
C VAL K 199 -22.49 -43.86 -21.89
N ILE K 200 -21.72 -42.78 -21.89
CA ILE K 200 -20.81 -42.56 -23.01
C ILE K 200 -19.48 -43.27 -22.79
N ALA K 201 -19.08 -43.48 -21.53
CA ALA K 201 -17.84 -44.20 -21.24
C ALA K 201 -18.03 -45.71 -21.24
N SER K 202 -19.25 -46.18 -20.94
CA SER K 202 -19.52 -47.61 -20.89
C SER K 202 -19.40 -48.29 -22.24
N VAL K 203 -19.16 -47.55 -23.32
CA VAL K 203 -18.99 -48.17 -24.62
C VAL K 203 -17.69 -48.97 -24.71
N LEU K 204 -16.74 -48.70 -23.83
CA LEU K 204 -15.48 -49.44 -23.80
C LEU K 204 -15.10 -49.82 -22.37
N VAL K 212 -8.70 -45.02 -24.92
CA VAL K 212 -9.41 -43.91 -25.55
C VAL K 212 -9.97 -42.97 -24.48
N PRO K 213 -9.58 -41.70 -24.55
CA PRO K 213 -10.07 -40.73 -23.57
C PRO K 213 -11.55 -40.44 -23.76
N PRO K 214 -12.39 -40.82 -22.81
CA PRO K 214 -13.84 -40.63 -22.98
C PRO K 214 -14.28 -39.20 -22.70
N ALA K 215 -13.64 -38.52 -21.76
CA ALA K 215 -14.07 -37.18 -21.39
C ALA K 215 -13.86 -36.19 -22.54
N THR K 216 -12.73 -36.30 -23.24
CA THR K 216 -12.45 -35.38 -24.35
C THR K 216 -13.50 -35.51 -25.45
N ILE K 217 -13.78 -36.74 -25.88
CA ILE K 217 -14.77 -36.96 -26.92
C ILE K 217 -16.20 -36.86 -26.42
N ALA K 218 -16.39 -36.73 -25.10
CA ALA K 218 -17.73 -36.63 -24.53
C ALA K 218 -18.15 -35.21 -24.23
N LEU K 219 -17.19 -34.33 -23.94
CA LEU K 219 -17.48 -32.91 -23.69
C LEU K 219 -18.41 -32.28 -24.74
N PRO K 220 -18.15 -32.41 -26.05
CA PRO K 220 -19.10 -31.84 -27.02
C PRO K 220 -20.50 -32.43 -26.91
N PHE K 221 -20.61 -33.71 -26.58
CA PHE K 221 -21.93 -34.32 -26.42
C PHE K 221 -22.68 -33.72 -25.24
N LYS K 222 -22.01 -33.55 -24.10
CA LYS K 222 -22.65 -32.92 -22.96
C LYS K 222 -23.07 -31.51 -23.29
N LEU K 223 -22.19 -30.75 -23.94
CA LEU K 223 -22.53 -29.36 -24.29
C LEU K 223 -23.73 -29.31 -25.24
N MET K 224 -23.76 -30.23 -26.21
CA MET K 224 -24.87 -30.25 -27.17
C MET K 224 -26.19 -30.59 -26.49
N LEU K 225 -26.17 -31.61 -25.62
CA LEU K 225 -27.40 -31.94 -24.89
C LEU K 225 -27.83 -30.80 -23.98
N PHE K 226 -26.88 -30.11 -23.37
CA PHE K 226 -27.21 -29.01 -22.47
C PHE K 226 -27.82 -27.84 -23.22
N VAL K 227 -27.28 -27.53 -24.41
CA VAL K 227 -27.86 -26.43 -25.17
C VAL K 227 -29.18 -26.85 -25.81
N LEU K 228 -29.36 -28.15 -26.07
CA LEU K 228 -30.63 -28.62 -26.62
C LEU K 228 -31.73 -28.56 -25.57
N VAL K 229 -31.40 -28.88 -24.32
CA VAL K 229 -32.41 -28.83 -23.26
C VAL K 229 -32.60 -27.41 -22.75
N ASP K 230 -31.62 -26.53 -22.97
CA ASP K 230 -31.64 -25.15 -22.48
C ASP K 230 -31.78 -25.12 -20.95
N GLY K 231 -30.76 -25.67 -20.31
CA GLY K 231 -30.77 -25.86 -18.86
C GLY K 231 -30.92 -24.58 -18.06
N TRP K 232 -30.59 -23.43 -18.64
CA TRP K 232 -30.66 -22.17 -17.91
C TRP K 232 -32.08 -21.90 -17.41
N GLN K 233 -33.07 -22.05 -18.30
CA GLN K 233 -34.44 -21.67 -17.98
C GLN K 233 -34.99 -22.53 -16.84
N LEU K 234 -35.02 -23.85 -17.05
CA LEU K 234 -35.53 -24.75 -16.01
C LEU K 234 -34.68 -24.67 -14.75
N LEU K 235 -33.38 -24.44 -14.90
CA LEU K 235 -32.50 -24.31 -13.74
C LEU K 235 -32.93 -23.14 -12.86
N MET K 236 -33.01 -21.95 -13.47
CA MET K 236 -33.41 -20.71 -12.75
C MET K 236 -34.83 -20.82 -12.21
N GLY K 237 -35.69 -21.57 -12.91
CA GLY K 237 -37.06 -21.77 -12.44
C GLY K 237 -37.14 -22.62 -11.19
N SER K 238 -36.49 -23.79 -11.23
CA SER K 238 -36.40 -24.62 -10.04
C SER K 238 -35.69 -23.88 -8.90
N LEU K 239 -34.72 -23.03 -9.24
CA LEU K 239 -34.01 -22.28 -8.21
C LEU K 239 -34.96 -21.35 -7.47
N ALA K 240 -35.73 -20.56 -8.21
CA ALA K 240 -36.68 -19.65 -7.57
C ALA K 240 -37.75 -20.43 -6.80
N GLN K 241 -38.28 -21.49 -7.40
CA GLN K 241 -39.34 -22.24 -6.75
C GLN K 241 -38.88 -22.96 -5.49
N SER K 242 -37.60 -23.34 -5.42
CA SER K 242 -37.04 -23.88 -4.19
C SER K 242 -36.61 -22.79 -3.21
N PHE K 243 -36.35 -21.58 -3.72
CA PHE K 243 -35.99 -20.48 -2.83
C PHE K 243 -37.21 -19.92 -2.12
N TYR K 244 -38.40 -20.07 -2.70
CA TYR K 244 -39.60 -19.73 -1.94
C TYR K 244 -40.10 -20.91 -1.13
N SER K 245 -39.91 -22.13 -1.63
CA SER K 245 -40.27 -23.36 -0.91
C SER K 245 -41.73 -23.36 -0.45
#